data_5UHR
# 
_entry.id   5UHR 
# 
_audit_conform.dict_name       mmcif_pdbx.dic 
_audit_conform.dict_version    5.381 
_audit_conform.dict_location   http://mmcif.pdb.org/dictionaries/ascii/mmcif_pdbx.dic 
# 
loop_
_database_2.database_id 
_database_2.database_code 
_database_2.pdbx_database_accession 
_database_2.pdbx_DOI 
PDB   5UHR         pdb_00005uhr 10.2210/pdb5uhr/pdb 
WWPDB D_1000225893 ?            ?                   
# 
_pdbx_database_status.status_code                     REL 
_pdbx_database_status.status_code_sf                  REL 
_pdbx_database_status.status_code_mr                  ? 
_pdbx_database_status.entry_id                        5UHR 
_pdbx_database_status.recvd_initial_deposition_date   2017-01-11 
_pdbx_database_status.SG_entry                        N 
_pdbx_database_status.deposit_site                    RCSB 
_pdbx_database_status.process_site                    RCSB 
_pdbx_database_status.status_code_cs                  ? 
_pdbx_database_status.methods_development_category    ? 
_pdbx_database_status.pdb_format_compatible           Y 
_pdbx_database_status.status_code_nmr_data            ? 
# 
loop_
_audit_author.name 
_audit_author.pdbx_ordinal 
_audit_author.identifier_ORCID 
'Wang, Y.'       1 ? 
'Kreutzer, A.G.' 2 ? 
'Nowick, J.S.'   3 ? 
# 
_citation.abstract                  ? 
_citation.abstract_id_CAS           ? 
_citation.book_id_ISBN              ? 
_citation.book_publisher            ? 
_citation.book_publisher_city       ? 
_citation.book_title                ? 
_citation.coordinate_linkage        ? 
_citation.country                   US 
_citation.database_id_Medline       ? 
_citation.details                   ? 
_citation.id                        primary 
_citation.journal_abbrev            'J. Org. Chem.' 
_citation.journal_id_ASTM           JOCEAH 
_citation.journal_id_CSD            0035 
_citation.journal_id_ISSN           1520-6904 
_citation.journal_full              ? 
_citation.journal_issue             ? 
_citation.journal_volume            82 
_citation.language                  ? 
_citation.page_first                7905 
_citation.page_last                 7912 
_citation.title                     'A Tetramer Derived from Islet Amyloid Polypeptide.' 
_citation.year                      2017 
_citation.database_id_CSD           ? 
_citation.pdbx_database_id_DOI      10.1021/acs.joc.7b01116 
_citation.pdbx_database_id_PubMed   28661686 
_citation.unpublished_flag          ? 
# 
loop_
_citation_author.citation_id 
_citation_author.name 
_citation_author.ordinal 
_citation_author.identifier_ORCID 
primary 'Wang, Y.'       1 ? 
primary 'Kreutzer, A.G.' 2 ? 
primary 'Truex, N.L.'    3 ? 
primary 'Nowick, J.S.'   4 ? 
# 
_cell.angle_alpha                  90.00 
_cell.angle_alpha_esd              ? 
_cell.angle_beta                   90.00 
_cell.angle_beta_esd               ? 
_cell.angle_gamma                  90.00 
_cell.angle_gamma_esd              ? 
_cell.entry_id                     5UHR 
_cell.details                      ? 
_cell.formula_units_Z              ? 
_cell.length_a                     33.876 
_cell.length_a_esd                 ? 
_cell.length_b                     33.876 
_cell.length_b_esd                 ? 
_cell.length_c                     99.054 
_cell.length_c_esd                 ? 
_cell.volume                       ? 
_cell.volume_esd                   ? 
_cell.Z_PDB                        32 
_cell.reciprocal_angle_alpha       ? 
_cell.reciprocal_angle_beta        ? 
_cell.reciprocal_angle_gamma       ? 
_cell.reciprocal_angle_alpha_esd   ? 
_cell.reciprocal_angle_beta_esd    ? 
_cell.reciprocal_angle_gamma_esd   ? 
_cell.reciprocal_length_a          ? 
_cell.reciprocal_length_b          ? 
_cell.reciprocal_length_c          ? 
_cell.reciprocal_length_a_esd      ? 
_cell.reciprocal_length_b_esd      ? 
_cell.reciprocal_length_c_esd      ? 
_cell.pdbx_unique_axis             ? 
# 
_symmetry.entry_id                         5UHR 
_symmetry.cell_setting                     ? 
_symmetry.Int_Tables_number                92 
_symmetry.space_group_name_Hall            ? 
_symmetry.space_group_name_H-M             'P 41 21 2' 
_symmetry.pdbx_full_space_group_name_H-M   ? 
# 
loop_
_entity.id 
_entity.type 
_entity.src_method 
_entity.pdbx_description 
_entity.formula_weight 
_entity.pdbx_number_of_molecules 
_entity.pdbx_ec 
_entity.pdbx_mutation 
_entity.pdbx_fragment 
_entity.details 
1 polymer     syn ORN-CIR-LEU-ALA-ASN-PHE-LEU-VAL-ORN-ILE-LYS-HAO-LYS-A8E 1844.003 4  ? ? ? ? 
2 non-polymer syn 'CHLORIDE ION'                                          35.453   1  ? ? ? ? 
3 water       nat water                                                   18.015   39 ? ? ? ? 
# 
_entity_poly.entity_id                      1 
_entity_poly.type                           'polypeptide(L)' 
_entity_poly.nstd_linkage                   no 
_entity_poly.nstd_monomer                   yes 
_entity_poly.pdbx_seq_one_letter_code       '(ORN)(CIR)LANFLV(ORN)IK(HAO)K(A8E)' 
_entity_poly.pdbx_seq_one_letter_code_can   ARLANFLVAIKXKX 
_entity_poly.pdbx_strand_id                 A,B,C,D 
_entity_poly.pdbx_target_identifier         ? 
# 
loop_
_entity_poly_seq.entity_id 
_entity_poly_seq.num 
_entity_poly_seq.mon_id 
_entity_poly_seq.hetero 
1 1  ORN n 
1 2  CIR n 
1 3  LEU n 
1 4  ALA n 
1 5  ASN n 
1 6  PHE n 
1 7  LEU n 
1 8  VAL n 
1 9  ORN n 
1 10 ILE n 
1 11 LYS n 
1 12 HAO n 
1 13 LYS n 
1 14 A8E n 
# 
_pdbx_entity_src_syn.entity_id              1 
_pdbx_entity_src_syn.pdbx_src_id            1 
_pdbx_entity_src_syn.pdbx_alt_source_flag   sample 
_pdbx_entity_src_syn.pdbx_beg_seq_num       1 
_pdbx_entity_src_syn.pdbx_end_seq_num       14 
_pdbx_entity_src_syn.organism_scientific    'Homo sapiens' 
_pdbx_entity_src_syn.organism_common_name   ? 
_pdbx_entity_src_syn.ncbi_taxonomy_id       9606 
_pdbx_entity_src_syn.details                ? 
# 
_struct_ref.id                         1 
_struct_ref.db_name                    PDB 
_struct_ref.db_code                    5UHR 
_struct_ref.pdbx_db_accession          5UHR 
_struct_ref.pdbx_db_isoform            ? 
_struct_ref.entity_id                  1 
_struct_ref.pdbx_seq_one_letter_code   ? 
_struct_ref.pdbx_align_begin           1 
# 
loop_
_struct_ref_seq.align_id 
_struct_ref_seq.ref_id 
_struct_ref_seq.pdbx_PDB_id_code 
_struct_ref_seq.pdbx_strand_id 
_struct_ref_seq.seq_align_beg 
_struct_ref_seq.pdbx_seq_align_beg_ins_code 
_struct_ref_seq.seq_align_end 
_struct_ref_seq.pdbx_seq_align_end_ins_code 
_struct_ref_seq.pdbx_db_accession 
_struct_ref_seq.db_align_beg 
_struct_ref_seq.pdbx_db_align_beg_ins_code 
_struct_ref_seq.db_align_end 
_struct_ref_seq.pdbx_db_align_end_ins_code 
_struct_ref_seq.pdbx_auth_seq_align_beg 
_struct_ref_seq.pdbx_auth_seq_align_end 
1 1 5UHR A 1 ? 14 ? 5UHR 1 ? 14 ? 1 14 
2 1 5UHR B 1 ? 14 ? 5UHR 1 ? 14 ? 1 14 
3 1 5UHR C 1 ? 14 ? 5UHR 1 ? 14 ? 1 14 
4 1 5UHR D 1 ? 14 ? 5UHR 1 ? 14 ? 1 14 
# 
loop_
_chem_comp.id 
_chem_comp.type 
_chem_comp.mon_nstd_flag 
_chem_comp.name 
_chem_comp.pdbx_synonyms 
_chem_comp.formula 
_chem_comp.formula_weight 
A8E 'L-peptide linking' n '(2S)-2-amino-4-bromopent-4-enoic acid'                          ? 'C5 H8 Br N O2'  194.027 
ALA 'L-peptide linking' y ALANINE                                                          ? 'C3 H7 N O2'     89.093  
ASN 'L-peptide linking' y ASPARAGINE                                                       ? 'C4 H8 N2 O3'    132.118 
CIR 'L-peptide linking' n CITRULLINE                                                       ? 'C6 H13 N3 O3'   175.186 
CL  non-polymer         . 'CHLORIDE ION'                                                   ? 'Cl -1'          35.453  
HAO peptide-like        . '{[3-(hydrazinocarbonyl)-4-methoxyphenyl]amino}(oxo)acetic acid' ? 'C10 H11 N3 O5'  253.211 
HOH non-polymer         . WATER                                                            ? 'H2 O'           18.015  
ILE 'L-peptide linking' y ISOLEUCINE                                                       ? 'C6 H13 N O2'    131.173 
LEU 'L-peptide linking' y LEUCINE                                                          ? 'C6 H13 N O2'    131.173 
LYS 'L-peptide linking' y LYSINE                                                           ? 'C6 H15 N2 O2 1' 147.195 
ORN 'L-peptide linking' n L-ornithine                                                      ? 'C5 H12 N2 O2'   132.161 
PHE 'L-peptide linking' y PHENYLALANINE                                                    ? 'C9 H11 N O2'    165.189 
VAL 'L-peptide linking' y VALINE                                                           ? 'C5 H11 N O2'    117.146 
# 
_exptl.absorpt_coefficient_mu     ? 
_exptl.absorpt_correction_T_max   ? 
_exptl.absorpt_correction_T_min   ? 
_exptl.absorpt_correction_type    ? 
_exptl.absorpt_process_details    ? 
_exptl.entry_id                   5UHR 
_exptl.crystals_number            1 
_exptl.details                    ? 
_exptl.method                     'X-RAY DIFFRACTION' 
_exptl.method_details             ? 
# 
_exptl_crystal.colour                      ? 
_exptl_crystal.density_diffrn              ? 
_exptl_crystal.density_Matthews            1.93 
_exptl_crystal.density_method              ? 
_exptl_crystal.density_percent_sol         36.15 
_exptl_crystal.description                 ? 
_exptl_crystal.F_000                       ? 
_exptl_crystal.id                          1 
_exptl_crystal.preparation                 ? 
_exptl_crystal.size_max                    ? 
_exptl_crystal.size_mid                    ? 
_exptl_crystal.size_min                    ? 
_exptl_crystal.size_rad                    ? 
_exptl_crystal.colour_lustre               ? 
_exptl_crystal.colour_modifier             ? 
_exptl_crystal.colour_primary              ? 
_exptl_crystal.density_meas                ? 
_exptl_crystal.density_meas_esd            ? 
_exptl_crystal.density_meas_gt             ? 
_exptl_crystal.density_meas_lt             ? 
_exptl_crystal.density_meas_temp           ? 
_exptl_crystal.density_meas_temp_esd       ? 
_exptl_crystal.density_meas_temp_gt        ? 
_exptl_crystal.density_meas_temp_lt        ? 
_exptl_crystal.pdbx_crystal_image_url      ? 
_exptl_crystal.pdbx_crystal_image_format   ? 
_exptl_crystal.pdbx_mosaicity              ? 
_exptl_crystal.pdbx_mosaicity_esd          ? 
# 
_exptl_crystal_grow.apparatus       ? 
_exptl_crystal_grow.atmosphere      ? 
_exptl_crystal_grow.crystal_id      1 
_exptl_crystal_grow.details         ? 
_exptl_crystal_grow.method          'VAPOR DIFFUSION, HANGING DROP' 
_exptl_crystal_grow.method_ref      ? 
_exptl_crystal_grow.pH              ? 
_exptl_crystal_grow.pressure        ? 
_exptl_crystal_grow.pressure_esd    ? 
_exptl_crystal_grow.seeding         ? 
_exptl_crystal_grow.seeding_ref     ? 
_exptl_crystal_grow.temp            296.15 
_exptl_crystal_grow.temp_details    ? 
_exptl_crystal_grow.temp_esd        ? 
_exptl_crystal_grow.time            ? 
_exptl_crystal_grow.pdbx_details    '0.1 M Sodium citrate at pH 4.9, 20% (v/v) isopropanol, 18% PEG 4000' 
_exptl_crystal_grow.pdbx_pH_range   ? 
# 
_diffrn.ambient_environment    ? 
_diffrn.ambient_temp           100 
_diffrn.ambient_temp_details   ? 
_diffrn.ambient_temp_esd       ? 
_diffrn.crystal_id             1 
_diffrn.crystal_support        ? 
_diffrn.crystal_treatment      ? 
_diffrn.details                ? 
_diffrn.id                     1 
_diffrn.ambient_pressure       ? 
_diffrn.ambient_pressure_esd   ? 
_diffrn.ambient_pressure_gt    ? 
_diffrn.ambient_pressure_lt    ? 
_diffrn.ambient_temp_gt        ? 
_diffrn.ambient_temp_lt        ? 
# 
_diffrn_detector.details                      ? 
_diffrn_detector.detector                     PIXEL 
_diffrn_detector.diffrn_id                    1 
_diffrn_detector.type                         'DECTRIS PILATUS 6M' 
_diffrn_detector.area_resol_mean              ? 
_diffrn_detector.dtime                        ? 
_diffrn_detector.pdbx_frames_total            ? 
_diffrn_detector.pdbx_collection_time_total   ? 
_diffrn_detector.pdbx_collection_date         2016-04-17 
# 
_diffrn_radiation.collimation                      ? 
_diffrn_radiation.diffrn_id                        1 
_diffrn_radiation.filter_edge                      ? 
_diffrn_radiation.inhomogeneity                    ? 
_diffrn_radiation.monochromator                    'Liquid nitrogen-cooled double crystal monochromator, non fixed exit slit' 
_diffrn_radiation.polarisn_norm                    ? 
_diffrn_radiation.polarisn_ratio                   ? 
_diffrn_radiation.probe                            ? 
_diffrn_radiation.type                             ? 
_diffrn_radiation.xray_symbol                      ? 
_diffrn_radiation.wavelength_id                    1 
_diffrn_radiation.pdbx_monochromatic_or_laue_m_l   M 
_diffrn_radiation.pdbx_wavelength_list             ? 
_diffrn_radiation.pdbx_wavelength                  ? 
_diffrn_radiation.pdbx_diffrn_protocol             MAD 
_diffrn_radiation.pdbx_analyzer                    ? 
_diffrn_radiation.pdbx_scattering_type             x-ray 
# 
_diffrn_radiation_wavelength.id           1 
_diffrn_radiation_wavelength.wavelength   0.92 
_diffrn_radiation_wavelength.wt           1.0 
# 
_diffrn_source.current                     ? 
_diffrn_source.details                     ? 
_diffrn_source.diffrn_id                   1 
_diffrn_source.power                       ? 
_diffrn_source.size                        ? 
_diffrn_source.source                      SYNCHROTRON 
_diffrn_source.target                      ? 
_diffrn_source.type                        'SSRL BEAMLINE BL9-2' 
_diffrn_source.voltage                     ? 
_diffrn_source.take-off_angle              ? 
_diffrn_source.pdbx_wavelength_list        0.92 
_diffrn_source.pdbx_wavelength             ? 
_diffrn_source.pdbx_synchrotron_beamline   BL9-2 
_diffrn_source.pdbx_synchrotron_site       SSRL 
# 
_reflns.B_iso_Wilson_estimate            ? 
_reflns.entry_id                         5UHR 
_reflns.data_reduction_details           ? 
_reflns.data_reduction_method            ? 
_reflns.d_resolution_high                1.798 
_reflns.d_resolution_low                 27.96 
_reflns.details                          ? 
_reflns.limit_h_max                      ? 
_reflns.limit_h_min                      ? 
_reflns.limit_k_max                      ? 
_reflns.limit_k_min                      ? 
_reflns.limit_l_max                      ? 
_reflns.limit_l_min                      ? 
_reflns.number_all                       ? 
_reflns.number_obs                       10201 
_reflns.observed_criterion               ? 
_reflns.observed_criterion_F_max         ? 
_reflns.observed_criterion_F_min         ? 
_reflns.observed_criterion_I_max         ? 
_reflns.observed_criterion_I_min         ? 
_reflns.observed_criterion_sigma_F       ? 
_reflns.observed_criterion_sigma_I       ? 
_reflns.percent_possible_obs             99.51 
_reflns.R_free_details                   ? 
_reflns.Rmerge_F_all                     ? 
_reflns.Rmerge_F_obs                     ? 
_reflns.Friedel_coverage                 ? 
_reflns.number_gt                        ? 
_reflns.threshold_expression             ? 
_reflns.pdbx_redundancy                  2.0 
_reflns.pdbx_Rmerge_I_obs                0.01553 
_reflns.pdbx_Rmerge_I_all                ? 
_reflns.pdbx_Rsym_value                  ? 
_reflns.pdbx_netI_over_av_sigmaI         ? 
_reflns.pdbx_netI_over_sigmaI            41.22 
_reflns.pdbx_res_netI_over_av_sigmaI_2   ? 
_reflns.pdbx_res_netI_over_sigmaI_2      ? 
_reflns.pdbx_chi_squared                 ? 
_reflns.pdbx_scaling_rejects             ? 
_reflns.pdbx_d_res_high_opt              ? 
_reflns.pdbx_d_res_low_opt               ? 
_reflns.pdbx_d_res_opt_method            ? 
_reflns.phase_calculation_details        ? 
_reflns.pdbx_Rrim_I_all                  ? 
_reflns.pdbx_Rpim_I_all                  0.01553 
_reflns.pdbx_d_opt                       ? 
_reflns.pdbx_number_measured_all         ? 
_reflns.pdbx_diffrn_id                   1 
_reflns.pdbx_ordinal                     1 
_reflns.pdbx_CC_half                     1 
_reflns.pdbx_R_split                     ? 
# 
_reflns_shell.d_res_high                  1.798 
_reflns_shell.d_res_low                   1.862 
_reflns_shell.meanI_over_sigI_all         ? 
_reflns_shell.meanI_over_sigI_obs         9.47 
_reflns_shell.number_measured_all         ? 
_reflns_shell.number_measured_obs         ? 
_reflns_shell.number_possible             ? 
_reflns_shell.number_unique_all           ? 
_reflns_shell.number_unique_obs           ? 
_reflns_shell.percent_possible_all        95.41 
_reflns_shell.percent_possible_obs        ? 
_reflns_shell.Rmerge_F_all                ? 
_reflns_shell.Rmerge_F_obs                ? 
_reflns_shell.Rmerge_I_all                ? 
_reflns_shell.Rmerge_I_obs                0.06924 
_reflns_shell.meanI_over_sigI_gt          ? 
_reflns_shell.meanI_over_uI_all           ? 
_reflns_shell.meanI_over_uI_gt            ? 
_reflns_shell.number_measured_gt          ? 
_reflns_shell.number_unique_gt            ? 
_reflns_shell.percent_possible_gt         ? 
_reflns_shell.Rmerge_F_gt                 ? 
_reflns_shell.Rmerge_I_gt                 ? 
_reflns_shell.pdbx_redundancy             2.0 
_reflns_shell.pdbx_Rsym_value             0.09792 
_reflns_shell.pdbx_chi_squared            ? 
_reflns_shell.pdbx_netI_over_sigmaI_all   ? 
_reflns_shell.pdbx_netI_over_sigmaI_obs   ? 
_reflns_shell.pdbx_Rrim_I_all             ? 
_reflns_shell.pdbx_Rpim_I_all             ? 
_reflns_shell.pdbx_rejects                ? 
_reflns_shell.pdbx_ordinal                1 
_reflns_shell.pdbx_diffrn_id              1 
_reflns_shell.pdbx_CC_half                ? 
_reflns_shell.pdbx_R_split                ? 
# 
_refine.aniso_B[1][1]                            ? 
_refine.aniso_B[1][2]                            ? 
_refine.aniso_B[1][3]                            ? 
_refine.aniso_B[2][2]                            ? 
_refine.aniso_B[2][3]                            ? 
_refine.aniso_B[3][3]                            ? 
_refine.B_iso_max                                ? 
_refine.B_iso_mean                               ? 
_refine.B_iso_min                                ? 
_refine.correlation_coeff_Fo_to_Fc               ? 
_refine.correlation_coeff_Fo_to_Fc_free          ? 
_refine.details                                  ? 
_refine.diff_density_max                         ? 
_refine.diff_density_max_esd                     ? 
_refine.diff_density_min                         ? 
_refine.diff_density_min_esd                     ? 
_refine.diff_density_rms                         ? 
_refine.diff_density_rms_esd                     ? 
_refine.entry_id                                 5UHR 
_refine.pdbx_refine_id                           'X-RAY DIFFRACTION' 
_refine.ls_abs_structure_details                 ? 
_refine.ls_abs_structure_Flack                   ? 
_refine.ls_abs_structure_Flack_esd               ? 
_refine.ls_abs_structure_Rogers                  ? 
_refine.ls_abs_structure_Rogers_esd              ? 
_refine.ls_d_res_high                            1.798 
_refine.ls_d_res_low                             27.96 
_refine.ls_extinction_coef                       ? 
_refine.ls_extinction_coef_esd                   ? 
_refine.ls_extinction_expression                 ? 
_refine.ls_extinction_method                     ? 
_refine.ls_goodness_of_fit_all                   ? 
_refine.ls_goodness_of_fit_all_esd               ? 
_refine.ls_goodness_of_fit_obs                   ? 
_refine.ls_goodness_of_fit_obs_esd               ? 
_refine.ls_hydrogen_treatment                    ? 
_refine.ls_matrix_type                           ? 
_refine.ls_number_constraints                    ? 
_refine.ls_number_parameters                     ? 
_refine.ls_number_reflns_all                     ? 
_refine.ls_number_reflns_obs                     10201 
_refine.ls_number_reflns_R_free                  1016 
_refine.ls_number_reflns_R_work                  ? 
_refine.ls_number_restraints                     ? 
_refine.ls_percent_reflns_obs                    99.50 
_refine.ls_percent_reflns_R_free                 9.96 
_refine.ls_R_factor_all                          ? 
_refine.ls_R_factor_obs                          0.2239 
_refine.ls_R_factor_R_free                       0.2645 
_refine.ls_R_factor_R_free_error                 ? 
_refine.ls_R_factor_R_free_error_details         ? 
_refine.ls_R_factor_R_work                       0.2192 
_refine.ls_R_Fsqd_factor_obs                     ? 
_refine.ls_R_I_factor_obs                        ? 
_refine.ls_redundancy_reflns_all                 ? 
_refine.ls_redundancy_reflns_obs                 ? 
_refine.ls_restrained_S_all                      ? 
_refine.ls_restrained_S_obs                      ? 
_refine.ls_shift_over_esd_max                    ? 
_refine.ls_shift_over_esd_mean                   ? 
_refine.ls_structure_factor_coef                 ? 
_refine.ls_weighting_details                     ? 
_refine.ls_weighting_scheme                      ? 
_refine.ls_wR_factor_all                         ? 
_refine.ls_wR_factor_obs                         ? 
_refine.ls_wR_factor_R_free                      ? 
_refine.ls_wR_factor_R_work                      ? 
_refine.occupancy_max                            ? 
_refine.occupancy_min                            ? 
_refine.solvent_model_details                    ? 
_refine.solvent_model_param_bsol                 ? 
_refine.solvent_model_param_ksol                 ? 
_refine.ls_R_factor_gt                           ? 
_refine.ls_goodness_of_fit_gt                    ? 
_refine.ls_goodness_of_fit_ref                   ? 
_refine.ls_shift_over_su_max                     ? 
_refine.ls_shift_over_su_max_lt                  ? 
_refine.ls_shift_over_su_mean                    ? 
_refine.ls_shift_over_su_mean_lt                 ? 
_refine.pdbx_ls_sigma_I                          ? 
_refine.pdbx_ls_sigma_F                          1.35 
_refine.pdbx_ls_sigma_Fsqd                       ? 
_refine.pdbx_data_cutoff_high_absF               ? 
_refine.pdbx_data_cutoff_high_rms_absF           ? 
_refine.pdbx_data_cutoff_low_absF                ? 
_refine.pdbx_isotropic_thermal_model             ? 
_refine.pdbx_ls_cross_valid_method               'FREE R-VALUE' 
_refine.pdbx_method_to_determine_struct          SAD 
_refine.pdbx_starting_model                      ? 
_refine.pdbx_stereochemistry_target_values       ? 
_refine.pdbx_R_Free_selection_details            ? 
_refine.pdbx_stereochem_target_val_spec_case     ? 
_refine.pdbx_overall_ESU_R                       ? 
_refine.pdbx_overall_ESU_R_Free                  ? 
_refine.pdbx_solvent_vdw_probe_radii             1.11 
_refine.pdbx_solvent_ion_probe_radii             ? 
_refine.pdbx_solvent_shrinkage_radii             0.90 
_refine.pdbx_real_space_R                        ? 
_refine.pdbx_density_correlation                 ? 
_refine.pdbx_pd_number_of_powder_patterns        ? 
_refine.pdbx_pd_number_of_points                 ? 
_refine.pdbx_pd_meas_number_of_points            ? 
_refine.pdbx_pd_proc_ls_prof_R_factor            ? 
_refine.pdbx_pd_proc_ls_prof_wR_factor           ? 
_refine.pdbx_pd_Marquardt_correlation_coeff      ? 
_refine.pdbx_pd_Fsqrd_R_factor                   ? 
_refine.pdbx_pd_ls_matrix_band_width             ? 
_refine.pdbx_overall_phase_error                 28.47 
_refine.pdbx_overall_SU_R_free_Cruickshank_DPI   ? 
_refine.pdbx_overall_SU_R_free_Blow_DPI          ? 
_refine.pdbx_overall_SU_R_Blow_DPI               ? 
_refine.pdbx_TLS_residual_ADP_flag               ? 
_refine.pdbx_diffrn_id                           1 
_refine.overall_SU_B                             ? 
_refine.overall_SU_ML                            0.20 
_refine.overall_SU_R_Cruickshank_DPI             ? 
_refine.overall_SU_R_free                        ? 
_refine.overall_FOM_free_R_set                   ? 
_refine.overall_FOM_work_R_set                   ? 
_refine.pdbx_average_fsc_overall                 ? 
_refine.pdbx_average_fsc_work                    ? 
_refine.pdbx_average_fsc_free                    ? 
# 
_refine_hist.pdbx_refine_id                   'X-RAY DIFFRACTION' 
_refine_hist.cycle_id                         LAST 
_refine_hist.pdbx_number_atoms_protein        500 
_refine_hist.pdbx_number_atoms_nucleic_acid   0 
_refine_hist.pdbx_number_atoms_ligand         1 
_refine_hist.number_atoms_solvent             39 
_refine_hist.number_atoms_total               540 
_refine_hist.d_res_high                       1.798 
_refine_hist.d_res_low                        27.96 
# 
loop_
_refine_ls_restr.pdbx_refine_id 
_refine_ls_restr.criterion 
_refine_ls_restr.dev_ideal 
_refine_ls_restr.dev_ideal_target 
_refine_ls_restr.number 
_refine_ls_restr.rejects 
_refine_ls_restr.type 
_refine_ls_restr.weight 
_refine_ls_restr.pdbx_restraint_function 
'X-RAY DIFFRACTION' ? 0.014  ? 508 ? f_bond_d           ? ? 
'X-RAY DIFFRACTION' ? 2.063  ? 660 ? f_angle_d          ? ? 
'X-RAY DIFFRACTION' ? 27.564 ? 336 ? f_dihedral_angle_d ? ? 
'X-RAY DIFFRACTION' ? 0.077  ? 68  ? f_chiral_restr     ? ? 
'X-RAY DIFFRACTION' ? 0.010  ? 76  ? f_plane_restr      ? ? 
# 
loop_
_refine_ls_shell.pdbx_refine_id 
_refine_ls_shell.d_res_high 
_refine_ls_shell.d_res_low 
_refine_ls_shell.number_reflns_all 
_refine_ls_shell.number_reflns_obs 
_refine_ls_shell.number_reflns_R_free 
_refine_ls_shell.number_reflns_R_work 
_refine_ls_shell.percent_reflns_obs 
_refine_ls_shell.percent_reflns_R_free 
_refine_ls_shell.R_factor_all 
_refine_ls_shell.R_factor_obs 
_refine_ls_shell.R_factor_R_free 
_refine_ls_shell.R_factor_R_free_error 
_refine_ls_shell.R_factor_R_work 
_refine_ls_shell.redundancy_reflns_all 
_refine_ls_shell.redundancy_reflns_obs 
_refine_ls_shell.wR_factor_all 
_refine_ls_shell.wR_factor_obs 
_refine_ls_shell.wR_factor_R_free 
_refine_ls_shell.wR_factor_R_work 
_refine_ls_shell.pdbx_total_number_of_bins_used 
_refine_ls_shell.pdbx_phase_error 
_refine_ls_shell.pdbx_fsc_work 
_refine_ls_shell.pdbx_fsc_free 
'X-RAY DIFFRACTION' 1.7981 1.8929  . . 142 1287 97.00  . . . 0.3190 . 0.2835 . . . . . . . . . . 
'X-RAY DIFFRACTION' 1.8929 2.0115  . . 142 1315 100.00 . . . 0.2674 . 0.2421 . . . . . . . . . . 
'X-RAY DIFFRACTION' 2.0115 2.1667  . . 143 1311 100.00 . . . 0.2923 . 0.2425 . . . . . . . . . . 
'X-RAY DIFFRACTION' 2.1667 2.3847  . . 149 1323 100.00 . . . 0.2729 . 0.2439 . . . . . . . . . . 
'X-RAY DIFFRACTION' 2.3847 2.7296  . . 144 1303 100.00 . . . 0.3266 . 0.2362 . . . . . . . . . . 
'X-RAY DIFFRACTION' 2.7296 3.4384  . . 153 1324 100.00 . . . 0.2323 . 0.2108 . . . . . . . . . . 
'X-RAY DIFFRACTION' 3.4384 32.0584 . . 143 1322 100.00 . . . 0.2493 . 0.1955 . . . . . . . . . . 
# 
_struct.entry_id                     5UHR 
_struct.title                        
;Crystal structure of (Cit)LANFLV heptapeptide segment from islet amyloid polypeptide (IAPP) incorporated into a macrocyclic beta-sheet template
;
_struct.pdbx_model_details           ? 
_struct.pdbx_formula_weight          ? 
_struct.pdbx_formula_weight_method   ? 
_struct.pdbx_model_type_details      ? 
_struct.pdbx_CASP_flag               N 
# 
_struct_keywords.entry_id        5UHR 
_struct_keywords.text            'amyloid, diabetes, oligomer, tetramer, DE NOVO PROTEIN' 
_struct_keywords.pdbx_keywords   'DE NOVO PROTEIN' 
# 
loop_
_struct_asym.id 
_struct_asym.pdbx_blank_PDB_chainid_flag 
_struct_asym.pdbx_modified 
_struct_asym.entity_id 
_struct_asym.details 
A N N 1 ? 
B N N 1 ? 
C N N 1 ? 
D N N 1 ? 
E N N 2 ? 
F N N 3 ? 
G N N 3 ? 
H N N 3 ? 
I N N 3 ? 
# 
loop_
_struct_conn.id 
_struct_conn.conn_type_id 
_struct_conn.pdbx_leaving_atom_flag 
_struct_conn.pdbx_PDB_id 
_struct_conn.ptnr1_label_asym_id 
_struct_conn.ptnr1_label_comp_id 
_struct_conn.ptnr1_label_seq_id 
_struct_conn.ptnr1_label_atom_id 
_struct_conn.pdbx_ptnr1_label_alt_id 
_struct_conn.pdbx_ptnr1_PDB_ins_code 
_struct_conn.pdbx_ptnr1_standard_comp_id 
_struct_conn.ptnr1_symmetry 
_struct_conn.ptnr2_label_asym_id 
_struct_conn.ptnr2_label_comp_id 
_struct_conn.ptnr2_label_seq_id 
_struct_conn.ptnr2_label_atom_id 
_struct_conn.pdbx_ptnr2_label_alt_id 
_struct_conn.pdbx_ptnr2_PDB_ins_code 
_struct_conn.ptnr1_auth_asym_id 
_struct_conn.ptnr1_auth_comp_id 
_struct_conn.ptnr1_auth_seq_id 
_struct_conn.ptnr2_auth_asym_id 
_struct_conn.ptnr2_auth_comp_id 
_struct_conn.ptnr2_auth_seq_id 
_struct_conn.ptnr2_symmetry 
_struct_conn.pdbx_ptnr3_label_atom_id 
_struct_conn.pdbx_ptnr3_label_seq_id 
_struct_conn.pdbx_ptnr3_label_comp_id 
_struct_conn.pdbx_ptnr3_label_asym_id 
_struct_conn.pdbx_ptnr3_label_alt_id 
_struct_conn.pdbx_ptnr3_PDB_ins_code 
_struct_conn.details 
_struct_conn.pdbx_dist_value 
_struct_conn.pdbx_value_order 
_struct_conn.pdbx_role 
covale1  covale both ? A ORN 1  C  ? ? ? 1_555 A CIR 2  N  ? ? A ORN 1  A CIR 2  1_555 ? ? ? ? ? ? ? 1.380 ? ? 
covale2  covale both ? A ORN 1  NE ? ? ? 1_555 A A8E 14 C  ? ? A ORN 1  A A8E 14 1_555 ? ? ? ? ? ? ? 1.368 ? ? 
covale3  covale both ? A CIR 2  C  ? ? ? 1_555 A LEU 3  N  ? ? A CIR 2  A LEU 3  1_555 ? ? ? ? ? ? ? 1.326 ? ? 
covale4  covale both ? A VAL 8  C  ? ? ? 1_555 A ORN 9  NE ? ? A VAL 8  A ORN 9  1_555 ? ? ? ? ? ? ? 1.374 ? ? 
covale5  covale both ? A ORN 9  C  ? ? ? 1_555 A ILE 10 N  ? ? A ORN 9  A ILE 10 1_555 ? ? ? ? ? ? ? 1.367 ? ? 
covale6  covale both ? A LYS 11 C  ? ? ? 1_555 A HAO 12 N  ? ? A LYS 11 A HAO 12 1_555 ? ? ? ? ? ? ? 1.365 ? ? 
covale7  covale both ? A HAO 12 C  ? ? ? 1_555 A LYS 13 N  ? ? A HAO 12 A LYS 13 1_555 ? ? ? ? ? ? ? 1.355 ? ? 
covale8  covale both ? A LYS 13 C  ? ? ? 1_555 A A8E 14 N  ? ? A LYS 13 A A8E 14 1_555 ? ? ? ? ? ? ? 1.326 ? ? 
covale9  covale both ? B ORN 1  C  ? ? ? 1_555 B CIR 2  N  ? ? B ORN 1  B CIR 2  1_555 ? ? ? ? ? ? ? 1.363 ? ? 
covale10 covale both ? B ORN 1  NE ? ? ? 1_555 B A8E 14 C  ? ? B ORN 1  B A8E 14 1_555 ? ? ? ? ? ? ? 1.370 ? ? 
covale11 covale both ? B CIR 2  C  ? ? ? 1_555 B LEU 3  N  ? ? B CIR 2  B LEU 3  1_555 ? ? ? ? ? ? ? 1.323 ? ? 
covale12 covale both ? B VAL 8  C  ? ? ? 1_555 B ORN 9  NE ? ? B VAL 8  B ORN 9  1_555 ? ? ? ? ? ? ? 1.368 ? ? 
covale13 covale both ? B ORN 9  C  ? ? ? 1_555 B ILE 10 N  ? ? B ORN 9  B ILE 10 1_555 ? ? ? ? ? ? ? 1.363 ? ? 
covale14 covale both ? B LYS 11 C  ? ? ? 1_555 B HAO 12 N  ? ? B LYS 11 B HAO 12 1_555 ? ? ? ? ? ? ? 1.362 ? ? 
covale15 covale both ? B HAO 12 C  ? ? ? 1_555 B LYS 13 N  ? ? B HAO 12 B LYS 13 1_555 ? ? ? ? ? ? ? 1.361 ? ? 
covale16 covale both ? B LYS 13 C  ? ? ? 1_555 B A8E 14 N  ? ? B LYS 13 B A8E 14 1_555 ? ? ? ? ? ? ? 1.323 ? ? 
covale17 covale both ? C ORN 1  C  ? ? ? 1_555 C CIR 2  N  ? ? C ORN 1  C CIR 2  1_555 ? ? ? ? ? ? ? 1.374 ? ? 
covale18 covale both ? C ORN 1  NE ? ? ? 1_555 C A8E 14 C  ? ? C ORN 1  C A8E 14 1_555 ? ? ? ? ? ? ? 1.373 ? ? 
covale19 covale both ? C CIR 2  C  ? ? ? 1_555 C LEU 3  N  ? ? C CIR 2  C LEU 3  1_555 ? ? ? ? ? ? ? 1.329 ? ? 
covale20 covale both ? C VAL 8  C  ? ? ? 1_555 C ORN 9  NE ? ? C VAL 8  C ORN 9  1_555 ? ? ? ? ? ? ? 1.371 ? ? 
covale21 covale both ? C ORN 9  C  ? ? ? 1_555 C ILE 10 N  ? ? C ORN 9  C ILE 10 1_555 ? ? ? ? ? ? ? 1.379 ? ? 
covale22 covale both ? C LYS 11 C  ? ? ? 1_555 C HAO 12 N  ? ? C LYS 11 C HAO 12 1_555 ? ? ? ? ? ? ? 1.370 ? ? 
covale23 covale both ? C HAO 12 C  ? ? ? 1_555 C LYS 13 N  ? ? C HAO 12 C LYS 13 1_555 ? ? ? ? ? ? ? 1.357 ? ? 
covale24 covale both ? C LYS 13 C  ? ? ? 1_555 C A8E 14 N  ? ? C LYS 13 C A8E 14 1_555 ? ? ? ? ? ? ? 1.317 ? ? 
covale25 covale both ? D ORN 1  C  ? ? ? 1_555 D CIR 2  N  ? ? D ORN 1  D CIR 2  1_555 ? ? ? ? ? ? ? 1.372 ? ? 
covale26 covale both ? D ORN 1  NE ? ? ? 1_555 D A8E 14 C  ? ? D ORN 1  D A8E 14 1_555 ? ? ? ? ? ? ? 1.372 ? ? 
covale27 covale both ? D CIR 2  C  ? ? ? 1_555 D LEU 3  N  ? ? D CIR 2  D LEU 3  1_555 ? ? ? ? ? ? ? 1.332 ? ? 
covale28 covale both ? D VAL 8  C  ? ? ? 1_555 D ORN 9  NE ? ? D VAL 8  D ORN 9  1_555 ? ? ? ? ? ? ? 1.367 ? ? 
covale29 covale both ? D ORN 9  C  ? ? ? 1_555 D ILE 10 N  ? ? D ORN 9  D ILE 10 1_555 ? ? ? ? ? ? ? 1.360 ? ? 
covale30 covale both ? D LYS 11 C  ? ? ? 1_555 D HAO 12 N  ? ? D LYS 11 D HAO 12 1_555 ? ? ? ? ? ? ? 1.359 ? ? 
covale31 covale both ? D HAO 12 C  ? ? ? 1_555 D LYS 13 N  ? ? D HAO 12 D LYS 13 1_555 ? ? ? ? ? ? ? 1.367 ? ? 
covale32 covale both ? D LYS 13 C  ? ? ? 1_555 D A8E 14 N  ? ? D LYS 13 D A8E 14 1_555 ? ? ? ? ? ? ? 1.320 ? ? 
# 
_struct_conn_type.id          covale 
_struct_conn_type.criteria    ? 
_struct_conn_type.reference   ? 
# 
loop_
_struct_sheet.id 
_struct_sheet.type 
_struct_sheet.number_strands 
_struct_sheet.details 
AA1 ? 2 ? 
AA2 ? 2 ? 
# 
loop_
_struct_sheet_order.sheet_id 
_struct_sheet_order.range_id_1 
_struct_sheet_order.range_id_2 
_struct_sheet_order.offset 
_struct_sheet_order.sense 
AA1 1 2 ? anti-parallel 
AA2 1 2 ? anti-parallel 
# 
loop_
_struct_sheet_range.sheet_id 
_struct_sheet_range.id 
_struct_sheet_range.beg_label_comp_id 
_struct_sheet_range.beg_label_asym_id 
_struct_sheet_range.beg_label_seq_id 
_struct_sheet_range.pdbx_beg_PDB_ins_code 
_struct_sheet_range.end_label_comp_id 
_struct_sheet_range.end_label_asym_id 
_struct_sheet_range.end_label_seq_id 
_struct_sheet_range.pdbx_end_PDB_ins_code 
_struct_sheet_range.beg_auth_comp_id 
_struct_sheet_range.beg_auth_asym_id 
_struct_sheet_range.beg_auth_seq_id 
_struct_sheet_range.end_auth_comp_id 
_struct_sheet_range.end_auth_asym_id 
_struct_sheet_range.end_auth_seq_id 
AA1 1 ASN A 5 ? LEU A 7 ? ASN A 5 LEU A 7 
AA1 2 ASN B 5 ? LEU B 7 ? ASN B 5 LEU B 7 
AA2 1 ASN C 5 ? LEU C 7 ? ASN C 5 LEU C 7 
AA2 2 ASN D 5 ? LEU D 7 ? ASN D 5 LEU D 7 
# 
loop_
_pdbx_struct_sheet_hbond.sheet_id 
_pdbx_struct_sheet_hbond.range_id_1 
_pdbx_struct_sheet_hbond.range_id_2 
_pdbx_struct_sheet_hbond.range_1_label_atom_id 
_pdbx_struct_sheet_hbond.range_1_label_comp_id 
_pdbx_struct_sheet_hbond.range_1_label_asym_id 
_pdbx_struct_sheet_hbond.range_1_label_seq_id 
_pdbx_struct_sheet_hbond.range_1_PDB_ins_code 
_pdbx_struct_sheet_hbond.range_1_auth_atom_id 
_pdbx_struct_sheet_hbond.range_1_auth_comp_id 
_pdbx_struct_sheet_hbond.range_1_auth_asym_id 
_pdbx_struct_sheet_hbond.range_1_auth_seq_id 
_pdbx_struct_sheet_hbond.range_2_label_atom_id 
_pdbx_struct_sheet_hbond.range_2_label_comp_id 
_pdbx_struct_sheet_hbond.range_2_label_asym_id 
_pdbx_struct_sheet_hbond.range_2_label_seq_id 
_pdbx_struct_sheet_hbond.range_2_PDB_ins_code 
_pdbx_struct_sheet_hbond.range_2_auth_atom_id 
_pdbx_struct_sheet_hbond.range_2_auth_comp_id 
_pdbx_struct_sheet_hbond.range_2_auth_asym_id 
_pdbx_struct_sheet_hbond.range_2_auth_seq_id 
AA1 1 2 N LEU A 7 ? N LEU A 7 O ASN B 5 ? O ASN B 5 
AA2 1 2 N LEU C 7 ? N LEU C 7 O ASN D 5 ? O ASN D 5 
# 
_struct_site.id                   AC1 
_struct_site.pdbx_evidence_code   Software 
_struct_site.pdbx_auth_asym_id    B 
_struct_site.pdbx_auth_comp_id    CL 
_struct_site.pdbx_auth_seq_id     101 
_struct_site.pdbx_auth_ins_code   ? 
_struct_site.pdbx_num_residues    1 
_struct_site.details              'binding site for residue CL B 101' 
# 
_struct_site_gen.id                   1 
_struct_site_gen.site_id              AC1 
_struct_site_gen.pdbx_num_res         1 
_struct_site_gen.label_comp_id        HOH 
_struct_site_gen.label_asym_id        H 
_struct_site_gen.label_seq_id         . 
_struct_site_gen.pdbx_auth_ins_code   ? 
_struct_site_gen.auth_comp_id         HOH 
_struct_site_gen.auth_asym_id         C 
_struct_site_gen.auth_seq_id          106 
_struct_site_gen.label_atom_id        . 
_struct_site_gen.label_alt_id         ? 
_struct_site_gen.symmetry             1_655 
_struct_site_gen.details              ? 
# 
_atom_sites.entry_id                    5UHR 
_atom_sites.fract_transf_matrix[1][1]   -0.02554626 
_atom_sites.fract_transf_matrix[1][2]   0.00801513 
_atom_sites.fract_transf_matrix[1][3]   0.01243052 
_atom_sites.fract_transf_matrix[2][1]   0.01456646 
_atom_sites.fract_transf_matrix[2][2]   0.00933185 
_atom_sites.fract_transf_matrix[2][3]   0.02391875 
_atom_sites.fract_transf_matrix[3][1]   0.00087723 
_atom_sites.fract_transf_matrix[3][2]   0.00917757 
_atom_sites.fract_transf_matrix[3][3]   -0.00411484 
_atom_sites.fract_transf_vector[1]      1.433796 
_atom_sites.fract_transf_vector[2]      0.905583 
_atom_sites.fract_transf_vector[3]      0.016309 
# 
loop_
_atom_type.symbol 
BR 
C  
CL 
H  
N  
O  
# 
loop_
_atom_site.group_PDB 
_atom_site.id 
_atom_site.type_symbol 
_atom_site.label_atom_id 
_atom_site.label_alt_id 
_atom_site.label_comp_id 
_atom_site.label_asym_id 
_atom_site.label_entity_id 
_atom_site.label_seq_id 
_atom_site.pdbx_PDB_ins_code 
_atom_site.Cartn_x 
_atom_site.Cartn_y 
_atom_site.Cartn_z 
_atom_site.occupancy 
_atom_site.B_iso_or_equiv 
_atom_site.pdbx_formal_charge 
_atom_site.auth_seq_id 
_atom_site.auth_comp_id 
_atom_site.auth_asym_id 
_atom_site.auth_atom_id 
_atom_site.pdbx_PDB_model_num 
HETATM 1    N  N    . ORN A 1 1  ? 5.026   -4.401  14.917  1.00 29.00 ? 1   ORN A N    1 
HETATM 2    C  CA   . ORN A 1 1  ? 4.765   -4.448  13.406  1.00 26.15 ? 1   ORN A CA   1 
HETATM 3    C  CB   . ORN A 1 1  ? 5.858   -5.289  12.691  1.00 24.96 ? 1   ORN A CB   1 
HETATM 4    C  CG   . ORN A 1 1  ? 7.226   -4.511  12.559  1.00 24.56 ? 1   ORN A CG   1 
HETATM 5    C  CD   . ORN A 1 1  ? 7.181   -3.353  11.534  1.00 24.91 ? 1   ORN A CD   1 
HETATM 6    N  NE   . ORN A 1 1  ? 6.910   -3.852  10.197  1.00 24.10 ? 1   ORN A NE   1 
HETATM 7    C  C    . ORN A 1 1  ? 3.342   -5.029  13.167  1.00 24.23 ? 1   ORN A C    1 
HETATM 8    O  O    . ORN A 1 1  ? 2.801   -5.710  14.032  1.00 24.93 ? 1   ORN A O    1 
HETATM 9    H  H1   . ORN A 1 1  ? 4.230   -4.047  15.454  1.00 34.80 ? 1   ORN A H1   1 
HETATM 10   H  H2   . ORN A 1 1  ? 5.238   -5.318  15.319  1.00 34.80 ? 1   ORN A H2   1 
HETATM 11   H  H3   . ORN A 1 1  ? 5.815   -3.803  15.173  1.00 34.80 ? 1   ORN A H3   1 
HETATM 12   H  HA   . ORN A 1 1  ? 4.754   -3.405  13.075  1.00 31.38 ? 1   ORN A HA   1 
HETATM 13   H  HB2  . ORN A 1 1  ? 6.032   -6.228  13.234  1.00 29.96 ? 1   ORN A HB2  1 
HETATM 14   H  HB3  . ORN A 1 1  ? 5.506   -5.496  11.671  1.00 29.96 ? 1   ORN A HB3  1 
HETATM 15   H  HG2  . ORN A 1 1  ? 7.497   -4.106  13.540  1.00 29.47 ? 1   ORN A HG2  1 
HETATM 16   H  HG3  . ORN A 1 1  ? 8.002   -5.219  12.247  1.00 29.47 ? 1   ORN A HG3  1 
HETATM 17   H  HD2  . ORN A 1 1  ? 6.390   -2.655  11.822  1.00 29.90 ? 1   ORN A HD2  1 
HETATM 18   H  HD3  . ORN A 1 1  ? 8.155   -2.855  11.526  1.00 29.90 ? 1   ORN A HD3  1 
HETATM 19   H  HE1  . ORN A 1 1  ? 7.701   -4.279  9.719   1.00 28.92 ? 1   ORN A HE1  1 
HETATM 20   C  C    . CIR A 1 2  ? 1.248   -5.945  10.361  1.00 13.74 ? 2   CIR A C    1 
HETATM 21   O  O    . CIR A 1 2  ? 2.084   -5.722  9.506   1.00 16.02 ? 2   CIR A O    1 
HETATM 22   C  CA   . CIR A 1 2  ? 1.315   -5.169  11.681  1.00 19.37 ? 2   CIR A CA   1 
HETATM 23   N  N    . CIR A 1 2  ? 2.725   -4.716  11.974  1.00 22.24 ? 2   CIR A N    1 
HETATM 24   C  C3   . CIR A 1 2  ? 0.355   -4.007  11.414  1.00 22.03 ? 2   CIR A C3   1 
HETATM 25   C  C4   . CIR A 1 2  ? 0.208   -3.189  12.695  1.00 23.96 ? 2   CIR A C4   1 
HETATM 26   C  C5   . CIR A 1 2  ? -0.694  -1.984  12.455  1.00 26.14 ? 2   CIR A C5   1 
HETATM 27   N  N6   . CIR A 1 2  ? -0.918  -1.372  13.799  1.00 28.71 ? 2   CIR A N6   1 
HETATM 28   C  C7   . CIR A 1 2  ? -0.222  -0.140  14.175  1.00 32.57 ? 2   CIR A C7   1 
HETATM 29   O  O7   . CIR A 1 2  ? 0.531   0.436   13.419  1.00 35.86 ? 2   CIR A O7   1 
HETATM 30   N  N8   . CIR A 1 2  ? -0.453  0.399   15.508  1.00 31.79 ? 2   CIR A N8   1 
HETATM 31   H  H2   . CIR A 1 2  ? 3.177   -4.154  11.282  1.00 26.69 ? 2   CIR A H2   1 
HETATM 32   H  HA   . CIR A 1 2  ? 0.964   -5.944  12.377  1.00 23.25 ? 2   CIR A HA   1 
HETATM 33   H  H31  . CIR A 1 2  ? 0.760   -3.369  10.614  1.00 26.44 ? 2   CIR A H31  1 
HETATM 34   H  H32  . CIR A 1 2  ? -0.627  -4.400  11.112  1.00 26.44 ? 2   CIR A H32  1 
HETATM 35   H  H41  . CIR A 1 2  ? 1.199   -2.841  13.021  1.00 28.76 ? 2   CIR A H41  1 
HETATM 36   H  H42  . CIR A 1 2  ? -0.232  -3.821  13.481  1.00 28.76 ? 2   CIR A H42  1 
HETATM 37   H  H51  . CIR A 1 2  ? -0.198  -1.265  11.787  1.00 31.37 ? 2   CIR A H51  1 
HETATM 38   H  H52  . CIR A 1 2  ? -1.652  -2.309  12.021  1.00 31.37 ? 2   CIR A H52  1 
HETATM 39   H  HN6  . CIR A 1 2  ? -1.523  -1.822  14.456  1.00 34.46 ? 2   CIR A HN6  1 
HETATM 40   H  HN81 . CIR A 1 2  ? -0.003  1.246   15.789  1.00 38.14 ? 2   CIR A HN81 1 
HETATM 41   H  HN82 . CIR A 1 2  ? -1.080  -0.067  16.134  1.00 38.14 ? 2   CIR A HN82 1 
ATOM   42   N  N    . LEU A 1 3  ? 0.421   -6.978  10.280  1.00 26.50 ? 3   LEU A N    1 
ATOM   43   C  CA   . LEU A 1 3  ? 0.164   -7.670  9.014   1.00 24.52 ? 3   LEU A CA   1 
ATOM   44   C  C    . LEU A 1 3  ? -0.381  -6.696  7.994   1.00 22.01 ? 3   LEU A C    1 
ATOM   45   O  O    . LEU A 1 3  ? -1.191  -5.847  8.313   1.00 22.26 ? 3   LEU A O    1 
ATOM   46   C  CB   . LEU A 1 3  ? -0.799  -8.827  9.227   1.00 25.94 ? 3   LEU A CB   1 
ATOM   47   C  CG   . LEU A 1 3  ? -0.212  -9.936  10.092  1.00 26.83 ? 3   LEU A CG   1 
ATOM   48   C  CD1  . LEU A 1 3  ? -1.261  -10.974 10.356  1.00 28.83 ? 3   LEU A CD1  1 
ATOM   49   C  CD2  . LEU A 1 3  ? 1.057   -10.554 9.488   1.00 26.79 ? 3   LEU A CD2  1 
ATOM   50   H  H    . LEU A 1 3  ? -0.011  -7.304  10.950  1.00 31.80 ? 3   LEU A H    1 
ATOM   51   H  HA   . LEU A 1 3  ? 0.998   -8.030  8.672   1.00 29.43 ? 3   LEU A HA   1 
ATOM   52   H  HB2  . LEU A 1 3  ? -1.598  -8.496  9.668   1.00 31.13 ? 3   LEU A HB2  1 
ATOM   53   H  HB3  . LEU A 1 3  ? -1.029  -9.209  8.366   1.00 31.13 ? 3   LEU A HB3  1 
ATOM   54   H  HG   . LEU A 1 3  ? 0.036   -9.552  10.948  1.00 32.19 ? 3   LEU A HG   1 
ATOM   55   H  HD11 . LEU A 1 3  ? -0.879  -11.676 10.907  1.00 34.60 ? 3   LEU A HD11 1 
ATOM   56   H  HD12 . LEU A 1 3  ? -2.006  -10.559 10.819  1.00 34.60 ? 3   LEU A HD12 1 
ATOM   57   H  HD13 . LEU A 1 3  ? -1.562  -11.343 9.512   1.00 34.60 ? 3   LEU A HD13 1 
ATOM   58   H  HD21 . LEU A 1 3  ? 1.382   -11.250 10.081  1.00 32.14 ? 3   LEU A HD21 1 
ATOM   59   H  HD22 . LEU A 1 3  ? 0.842   -10.932 8.621   1.00 32.14 ? 3   LEU A HD22 1 
ATOM   60   H  HD23 . LEU A 1 3  ? 1.730   -9.863  9.391   1.00 32.14 ? 3   LEU A HD23 1 
ATOM   61   N  N    . ALA A 1 4  ? 0.045   -6.829  6.745   1.00 18.68 ? 4   ALA A N    1 
ATOM   62   C  CA   . ALA A 1 4  ? -0.277  -5.829  5.735   1.00 17.36 ? 4   ALA A CA   1 
ATOM   63   C  C    . ALA A 1 4  ? -0.394  -6.504  4.381   1.00 18.30 ? 4   ALA A C    1 
ATOM   64   O  O    . ALA A 1 4  ? 0.376   -7.418  4.058   1.00 19.26 ? 4   ALA A O    1 
ATOM   65   C  CB   . ALA A 1 4  ? 0.800   -4.742  5.686   1.00 18.11 ? 4   ALA A CB   1 
ATOM   66   H  H    . ALA A 1 4  ? 0.521   -7.485  6.457   1.00 22.42 ? 4   ALA A H    1 
ATOM   67   H  HA   . ALA A 1 4  ? -1.128  -5.413  5.948   1.00 20.83 ? 4   ALA A HA   1 
ATOM   68   H  HB1  . ALA A 1 4  ? 0.562   -4.092  5.007   1.00 21.73 ? 4   ALA A HB1  1 
ATOM   69   H  HB2  . ALA A 1 4  ? 0.853   -4.311  6.553   1.00 21.73 ? 4   ALA A HB2  1 
ATOM   70   H  HB3  . ALA A 1 4  ? 1.652   -5.151  5.468   1.00 21.73 ? 4   ALA A HB3  1 
ATOM   71   N  N    . ASN A 1 5  ? -1.332  -6.004  3.573   1.00 18.86 ? 5   ASN A N    1 
ATOM   72   C  CA   . ASN A 1 5  ? -1.650  -6.538  2.256   1.00 20.75 ? 5   ASN A CA   1 
ATOM   73   C  C    . ASN A 1 5  ? -1.988  -5.354  1.353   1.00 19.17 ? 5   ASN A C    1 
ATOM   74   O  O    . ASN A 1 5  ? -2.629  -4.381  1.786   1.00 19.05 ? 5   ASN A O    1 
ATOM   75   C  CB   . ASN A 1 5  ? -2.817  -7.543  2.328   1.00 23.37 ? 5   ASN A CB   1 
ATOM   76   C  CG   . ASN A 1 5  ? -2.779  -8.578  1.235   1.00 30.39 ? 5   ASN A CG   1 
ATOM   77   O  OD1  . ASN A 1 5  ? -1.783  -8.727  0.521   1.00 34.12 ? 5   ASN A OD1  1 
ATOM   78   N  ND2  . ASN A 1 5  ? -3.867  -9.326  1.100   1.00 34.01 ? 5   ASN A ND2  1 
ATOM   79   H  H    . ASN A 1 5  ? -1.815  -5.323  3.780   1.00 22.63 ? 5   ASN A H    1 
ATOM   80   H  HA   . ASN A 1 5  ? -0.874  -6.992  1.893   1.00 24.90 ? 5   ASN A HA   1 
ATOM   81   H  HB2  . ASN A 1 5  ? -2.780  -8.008  3.179   1.00 28.05 ? 5   ASN A HB2  1 
ATOM   82   H  HB3  . ASN A 1 5  ? -3.654  -7.059  2.253   1.00 28.05 ? 5   ASN A HB3  1 
ATOM   83   H  HD21 . ASN A 1 5  ? -3.900  -9.933  0.492   1.00 40.81 ? 5   ASN A HD21 1 
ATOM   84   H  HD22 . ASN A 1 5  ? -4.539  -9.205  1.622   1.00 40.81 ? 5   ASN A HD22 1 
ATOM   85   N  N    . PHE A 1 6  ? -1.518  -5.412  0.130   1.00 18.80 ? 6   PHE A N    1 
ATOM   86   C  CA   . PHE A 1 6  ? -1.667  -4.306  -0.802  1.00 18.31 ? 6   PHE A CA   1 
ATOM   87   C  C    . PHE A 1 6  ? -2.117  -4.834  -2.144  1.00 19.79 ? 6   PHE A C    1 
ATOM   88   O  O    . PHE A 1 6  ? -1.727  -5.934  -2.557  1.00 20.59 ? 6   PHE A O    1 
ATOM   89   C  CB   . PHE A 1 6  ? -0.351  -3.555  -1.000  1.00 19.30 ? 6   PHE A CB   1 
ATOM   90   C  CG   . PHE A 1 6  ? 0.216   -3.045  0.264   1.00 20.19 ? 6   PHE A CG   1 
ATOM   91   C  CD1  . PHE A 1 6  ? 1.074   -3.820  1.008   1.00 22.39 ? 6   PHE A CD1  1 
ATOM   92   C  CD2  . PHE A 1 6  ? -0.170  -1.814  0.761   1.00 20.78 ? 6   PHE A CD2  1 
ATOM   93   C  CE1  . PHE A 1 6  ? 1.592   -3.363  2.217   1.00 23.07 ? 6   PHE A CE1  1 
ATOM   94   C  CE2  . PHE A 1 6  ? 0.349   -1.359  1.964   1.00 22.26 ? 6   PHE A CE2  1 
ATOM   95   C  CZ   . PHE A 1 6  ? 1.218   -2.142  2.700   1.00 22.05 ? 6   PHE A CZ   1 
ATOM   96   H  H    . PHE A 1 6  ? -1.100  -6.089  -0.195  1.00 22.56 ? 6   PHE A H    1 
ATOM   97   H  HA   . PHE A 1 6  ? -2.334  -3.685  -0.472  1.00 21.97 ? 6   PHE A HA   1 
ATOM   98   H  HB2  . PHE A 1 6  ? 0.298   -4.155  -1.398  1.00 23.16 ? 6   PHE A HB2  1 
ATOM   99   H  HB3  . PHE A 1 6  ? -0.505  -2.797  -1.585  1.00 23.16 ? 6   PHE A HB3  1 
ATOM   100  H  HD1  . PHE A 1 6  ? 1.328   -4.657  0.688   1.00 26.87 ? 6   PHE A HD1  1 
ATOM   101  H  HD2  . PHE A 1 6  ? -0.758  -1.280  0.276   1.00 24.94 ? 6   PHE A HD2  1 
ATOM   102  H  HE1  . PHE A 1 6  ? 2.180   -3.896  2.703   1.00 27.68 ? 6   PHE A HE1  1 
ATOM   103  H  HE2  . PHE A 1 6  ? 0.096   -0.525  2.288   1.00 26.72 ? 6   PHE A HE2  1 
ATOM   104  H  HZ   . PHE A 1 6  ? 1.566   -1.828  3.504   1.00 26.46 ? 6   PHE A HZ   1 
ATOM   105  N  N    . LEU A 1 7  ? -2.928  -4.025  -2.832  1.00 18.74 ? 7   LEU A N    1 
ATOM   106  C  CA   . LEU A 1 7  ? -3.328  -4.313  -4.198  1.00 21.46 ? 7   LEU A CA   1 
ATOM   107  C  C    . LEU A 1 7  ? -3.086  -3.022  -4.968  1.00 22.11 ? 7   LEU A C    1 
ATOM   108  O  O    . LEU A 1 7  ? -3.577  -1.962  -4.561  1.00 22.37 ? 7   LEU A O    1 
ATOM   109  C  CB   . LEU A 1 7  ? -4.786  -4.780  -4.267  1.00 22.60 ? 7   LEU A CB   1 
ATOM   110  C  CG   . LEU A 1 7  ? -5.268  -5.228  -5.641  1.00 26.84 ? 7   LEU A CG   1 
ATOM   111  C  CD1  . LEU A 1 7  ? -6.356  -6.243  -5.514  1.00 30.42 ? 7   LEU A CD1  1 
ATOM   112  C  CD2  . LEU A 1 7  ? -5.786  -4.019  -6.394  1.00 27.15 ? 7   LEU A CD2  1 
ATOM   113  H  H    . LEU A 1 7  ? -3.261  -3.297  -2.518  1.00 22.48 ? 7   LEU A H    1 
ATOM   114  H  HA   . LEU A 1 7  ? -2.759  -5.007  -4.567  1.00 25.75 ? 7   LEU A HA   1 
ATOM   115  H  HB2  . LEU A 1 7  ? -4.896  -5.529  -3.662  1.00 27.12 ? 7   LEU A HB2  1 
ATOM   116  H  HB3  . LEU A 1 7  ? -5.355  -4.049  -3.983  1.00 27.12 ? 7   LEU A HB3  1 
ATOM   117  H  HG   . LEU A 1 7  ? -4.533  -5.618  -6.139  1.00 32.21 ? 7   LEU A HG   1 
ATOM   118  H  HD11 . LEU A 1 7  ? -6.643  -6.510  -6.401  1.00 36.50 ? 7   LEU A HD11 1 
ATOM   119  H  HD12 . LEU A 1 7  ? -6.015  -7.012  -5.031  1.00 36.50 ? 7   LEU A HD12 1 
ATOM   120  H  HD13 . LEU A 1 7  ? -7.099  -5.851  -5.030  1.00 36.50 ? 7   LEU A HD13 1 
ATOM   121  H  HD21 . LEU A 1 7  ? -6.094  -4.301  -7.271  1.00 32.58 ? 7   LEU A HD21 1 
ATOM   122  H  HD22 . LEU A 1 7  ? -6.519  -3.627  -5.896  1.00 32.58 ? 7   LEU A HD22 1 
ATOM   123  H  HD23 . LEU A 1 7  ? -5.066  -3.375  -6.488  1.00 32.58 ? 7   LEU A HD23 1 
ATOM   124  N  N    . VAL A 1 8  ? -2.233  -3.078  -5.988  1.00 22.13 ? 8   VAL A N    1 
ATOM   125  C  CA   . VAL A 1 8  ? -2.066  -1.945  -6.902  1.00 21.95 ? 8   VAL A CA   1 
ATOM   126  C  C    . VAL A 1 8  ? -2.193  -2.433  -8.356  1.00 24.39 ? 8   VAL A C    1 
ATOM   127  O  O    . VAL A 1 8  ? -1.272  -2.999  -8.911  1.00 24.33 ? 8   VAL A O    1 
ATOM   128  C  CB   . VAL A 1 8  ? -0.714  -1.232  -6.678  1.00 23.13 ? 8   VAL A CB   1 
ATOM   129  C  CG1  . VAL A 1 8  ? -0.530  -0.043  -7.664  1.00 23.66 ? 8   VAL A CG1  1 
ATOM   130  C  CG2  . VAL A 1 8  ? -0.557  -0.770  -5.230  1.00 22.49 ? 8   VAL A CG2  1 
ATOM   131  H  H    . VAL A 1 8  ? -1.739  -3.757  -6.173  1.00 26.55 ? 8   VAL A H    1 
ATOM   132  H  HA   . VAL A 1 8  ? -2.772  -1.302  -6.739  1.00 26.34 ? 8   VAL A HA   1 
ATOM   133  H  HB   . VAL A 1 8  ? -0.003  -1.867  -6.856  1.00 27.75 ? 8   VAL A HB   1 
ATOM   134  H  HG11 . VAL A 1 8  ? 0.327   0.379   -7.492  1.00 28.40 ? 8   VAL A HG11 1 
ATOM   135  H  HG12 . VAL A 1 8  ? -0.559  -0.379  -8.573  1.00 28.40 ? 8   VAL A HG12 1 
ATOM   136  H  HG13 . VAL A 1 8  ? -1.248  0.596   -7.524  1.00 28.40 ? 8   VAL A HG13 1 
ATOM   137  H  HG21 . VAL A 1 8  ? 0.301   -0.329  -5.130  1.00 26.98 ? 8   VAL A HG21 1 
ATOM   138  H  HG22 . VAL A 1 8  ? -1.274  -0.152  -5.016  1.00 26.98 ? 8   VAL A HG22 1 
ATOM   139  H  HG23 . VAL A 1 8  ? -0.602  -1.542  -4.645  1.00 26.98 ? 8   VAL A HG23 1 
HETATM 140  N  N    . ORN A 1 9  ? -2.669  -6.170  -11.991 1.00 40.95 ? 9   ORN A N    1 
HETATM 141  C  CA   . ORN A 1 9  ? -2.197  -5.463  -10.796 1.00 37.17 ? 9   ORN A CA   1 
HETATM 142  C  CB   . ORN A 1 9  ? -3.379  -5.096  -9.863  1.00 33.77 ? 9   ORN A CB   1 
HETATM 143  C  CG   . ORN A 1 9  ? -4.281  -3.982  -10.424 1.00 32.97 ? 9   ORN A CG   1 
HETATM 144  C  CD   . ORN A 1 9  ? -3.624  -2.597  -10.376 1.00 30.89 ? 9   ORN A CD   1 
HETATM 145  N  NE   . ORN A 1 9  ? -3.385  -2.181  -8.992  1.00 26.75 ? 9   ORN A NE   1 
HETATM 146  C  C    . ORN A 1 9  ? -1.250  -6.359  -10.051 1.00 36.45 ? 9   ORN A C    1 
HETATM 147  O  O    . ORN A 1 9  ? -1.089  -7.531  -10.370 1.00 40.87 ? 9   ORN A O    1 
HETATM 148  H  H2   . ORN A 1 9  ? -3.352  -6.903  -11.784 1.00 49.15 ? 9   ORN A H2   1 
HETATM 149  H  H    . ORN A 1 9  ? -1.919  -6.636  -12.508 1.00 49.15 ? 9   ORN A H    1 
HETATM 150  H  HA   . ORN A 1 9  ? -1.639  -4.591  -11.150 1.00 44.61 ? 9   ORN A HA   1 
HETATM 151  H  HB2  . ORN A 1 9  ? -3.995  -5.985  -9.671  1.00 40.52 ? 9   ORN A HB2  1 
HETATM 152  H  HB3  . ORN A 1 9  ? -2.953  -4.720  -8.922  1.00 40.52 ? 9   ORN A HB3  1 
HETATM 153  H  HG2  . ORN A 1 9  ? -5.205  -3.949  -9.835  1.00 39.57 ? 9   ORN A HG2  1 
HETATM 154  H  HG3  . ORN A 1 9  ? -4.536  -4.221  -11.463 1.00 39.57 ? 9   ORN A HG3  1 
HETATM 155  H  HD2  . ORN A 1 9  ? -4.299  -1.873  -10.844 1.00 37.07 ? 9   ORN A HD2  1 
HETATM 156  H  HD3  . ORN A 1 9  ? -2.670  -2.637  -10.908 1.00 37.07 ? 9   ORN A HD3  1 
HETATM 157  H  HE1  . ORN A 1 9  ? -4.159  -1.705  -8.533  1.00 32.10 ? 9   ORN A HE1  1 
HETATM 158  H  HN3  . ORN A 1 9  ? -3.127  -5.557  -12.670 1.00 49.15 ? 9   ORN A HN3  1 
ATOM   159  N  N    . ILE A 1 10 ? -0.556  -5.769  -9.031  1.00 29.72 ? 10  ILE A N    1 
ATOM   160  C  CA   . ILE A 1 10 ? 0.361   -6.554  -8.210  1.00 30.62 ? 10  ILE A CA   1 
ATOM   161  C  C    . ILE A 1 10 ? -0.310  -6.617  -6.842  1.00 27.88 ? 10  ILE A C    1 
ATOM   162  O  O    . ILE A 1 10 ? -0.865  -5.623  -6.380  1.00 25.50 ? 10  ILE A O    1 
ATOM   163  C  CB   . ILE A 1 10 ? 1.779   -5.961  -8.122  1.00 33.63 ? 10  ILE A CB   1 
ATOM   164  C  CG1  . ILE A 1 10 ? 1.774   -4.710  -7.238  1.00 34.10 ? 10  ILE A CG1  1 
ATOM   165  C  CG2  . ILE A 1 10 ? 2.309   -5.700  -9.544  1.00 37.63 ? 10  ILE A CG2  1 
ATOM   166  C  CD1  . ILE A 1 10 ? 3.060   -3.989  -7.144  1.00 37.54 ? 10  ILE A CD1  1 
ATOM   167  H  H    . ILE A 1 10 ? -0.657  -4.955  -8.775  1.00 35.66 ? 10  ILE A H    1 
ATOM   168  H  HA   . ILE A 1 10 ? 0.425   -7.455  -8.564  1.00 36.75 ? 10  ILE A HA   1 
ATOM   169  H  HB   . ILE A 1 10 ? 2.355   -6.620  -7.704  1.00 40.35 ? 10  ILE A HB   1 
ATOM   170  H  HG12 . ILE A 1 10 ? 1.118   -4.088  -7.590  1.00 40.92 ? 10  ILE A HG12 1 
ATOM   171  H  HG13 . ILE A 1 10 ? 1.522   -4.971  -6.339  1.00 40.92 ? 10  ILE A HG13 1 
ATOM   172  H  HG21 . ILE A 1 10 ? 3.202   -5.327  -9.484  1.00 45.15 ? 10  ILE A HG21 1 
ATOM   173  H  HG22 . ILE A 1 10 ? 2.332   -6.540  -10.030 1.00 45.15 ? 10  ILE A HG22 1 
ATOM   174  H  HG23 . ILE A 1 10 ? 1.717   -5.075  -9.991  1.00 45.15 ? 10  ILE A HG23 1 
ATOM   175  H  HD11 . ILE A 1 10 ? 2.949   -3.219  -6.565  1.00 45.05 ? 10  ILE A HD11 1 
ATOM   176  H  HD12 . ILE A 1 10 ? 3.731   -4.585  -6.776  1.00 45.05 ? 10  ILE A HD12 1 
ATOM   177  H  HD13 . ILE A 1 10 ? 3.326   -3.700  -8.031  1.00 45.05 ? 10  ILE A HD13 1 
ATOM   178  N  N    . LYS A 1 11 ? -0.279  -7.783  -6.216  1.00 29.24 ? 11  LYS A N    1 
ATOM   179  C  CA   . LYS A 1 11 ? -0.926  -7.941  -4.923  1.00 29.81 ? 11  LYS A CA   1 
ATOM   180  C  C    . LYS A 1 11 ? 0.026   -8.647  -3.982  1.00 28.53 ? 11  LYS A C    1 
ATOM   181  O  O    . LYS A 1 11 ? 0.737   -9.559  -4.374  1.00 31.47 ? 11  LYS A O    1 
ATOM   182  C  CB   . LYS A 1 11 ? -2.225  -8.749  -5.071  1.00 35.78 ? 11  LYS A CB   1 
ATOM   183  C  CG   . LYS A 1 11 ? -3.082  -8.795  -3.813  1.00 39.74 ? 11  LYS A CG   1 
ATOM   184  C  CD   . LYS A 1 11 ? -4.256  -9.757  -3.964  1.00 45.10 ? 11  LYS A CD   1 
ATOM   185  C  CE   . LYS A 1 11 ? -3.779  -11.211 -4.044  1.00 49.94 ? 11  LYS A CE   1 
ATOM   186  N  NZ   . LYS A 1 11 ? -4.873  -12.202 -4.197  1.00 52.95 1 11  LYS A NZ   1 
ATOM   187  H  H    . LYS A 1 11 ? 0.105   -8.492  -6.514  1.00 35.09 ? 11  LYS A H    1 
ATOM   188  H  HA   . LYS A 1 11 ? -1.140  -7.069  -4.553  1.00 35.78 ? 11  LYS A HA   1 
ATOM   189  H  HB2  . LYS A 1 11 ? -2.760  -8.352  -5.777  1.00 42.93 ? 11  LYS A HB2  1 
ATOM   190  H  HB3  . LYS A 1 11 ? -1.998  -9.662  -5.307  1.00 42.93 ? 11  LYS A HB3  1 
ATOM   191  H  HG2  . LYS A 1 11 ? -2.538  -9.095  -3.068  1.00 47.68 ? 11  LYS A HG2  1 
ATOM   192  H  HG3  . LYS A 1 11 ? -3.436  -7.910  -3.635  1.00 47.68 ? 11  LYS A HG3  1 
ATOM   193  H  HD2  . LYS A 1 11 ? -4.842  -9.671  -3.196  1.00 54.12 ? 11  LYS A HD2  1 
ATOM   194  H  HD3  . LYS A 1 11 ? -4.738  -9.549  -4.780  1.00 54.12 ? 11  LYS A HD3  1 
ATOM   195  H  HE2  . LYS A 1 11 ? -3.188  -11.303 -4.809  1.00 59.92 ? 11  LYS A HE2  1 
ATOM   196  H  HE3  . LYS A 1 11 ? -3.296  -11.426 -3.230  1.00 59.92 ? 11  LYS A HE3  1 
ATOM   197  H  HZ1  . LYS A 1 11 ? -4.536  -13.023 -4.238  1.00 63.54 ? 11  LYS A HZ1  1 
ATOM   198  H  HZ2  . LYS A 1 11 ? -5.428  -12.150 -3.503  1.00 63.54 ? 11  LYS A HZ2  1 
ATOM   199  H  HZ3  . LYS A 1 11 ? -5.329  -12.037 -4.944  1.00 63.54 ? 11  LYS A HZ3  1 
HETATM 200  N  N    . HAO A 1 12 ? 0.059   -8.232  -2.681  1.00 23.73 ? 12  HAO A N    1 
HETATM 201  N  N9   . HAO A 1 12 ? 0.870   -8.907  -1.808  1.00 23.53 ? 12  HAO A N9   1 
HETATM 202  C  C10  . HAO A 1 12 ? 1.025   -8.511  -0.509  1.00 21.95 ? 12  HAO A C10  1 
HETATM 203  O  O11  . HAO A 1 12 ? 0.482   -7.486  -0.109  1.00 20.27 ? 12  HAO A O11  1 
HETATM 204  C  CA   . HAO A 1 12 ? 1.910   -9.363  0.377   1.00 23.03 ? 12  HAO A CA   1 
HETATM 205  C  C13  . HAO A 1 12 ? 1.922   -9.034  1.705   1.00 21.71 ? 12  HAO A C13  1 
HETATM 206  C  C14  . HAO A 1 12 ? 2.687   -10.430 -0.086  1.00 25.62 ? 12  HAO A C14  1 
HETATM 207  C  C15  . HAO A 1 12 ? 3.730   -11.617 -1.966  1.00 30.59 ? 12  HAO A C15  1 
HETATM 208  O  O15  . HAO A 1 12 ? 2.709   -10.769 -1.454  1.00 27.54 ? 12  HAO A O15  1 
HETATM 209  C  C17  . HAO A 1 12 ? 3.467   -11.137 0.841   1.00 26.62 ? 12  HAO A C17  1 
HETATM 210  C  C18  . HAO A 1 12 ? 3.460   -10.800 2.168   1.00 25.01 ? 12  HAO A C18  1 
HETATM 211  C  C19  . HAO A 1 12 ? 2.675   -9.763  2.593   1.00 22.77 ? 12  HAO A C19  1 
HETATM 212  N  N20  . HAO A 1 12 ? 2.626   -9.316  3.915   1.00 22.07 ? 12  HAO A N20  1 
HETATM 213  C  C21  . HAO A 1 12 ? 3.643   -9.503  4.846   1.00 22.74 ? 12  HAO A C21  1 
HETATM 214  O  O22  . HAO A 1 12 ? 4.655   -10.116 4.596   1.00 25.15 ? 12  HAO A O22  1 
HETATM 215  C  C    . HAO A 1 12 ? 3.439   -8.840  6.177   1.00 21.57 ? 12  HAO A C    1 
HETATM 216  H  H2   . HAO A 1 12 ? -0.439  -7.590  -2.262  1.00 28.48 ? 12  HAO A H2   1 
HETATM 217  H  H13  . HAO A 1 12 ? 1.373   -8.293  2.028   1.00 26.05 ? 12  HAO A H13  1 
HETATM 218  H  H15  . HAO A 1 12 ? 3.915   -11.378 -2.900  1.00 36.71 ? 12  HAO A H15  1 
HETATM 219  H  H15A . HAO A 1 12 ? 3.433   -12.550 -1.920  1.00 36.71 ? 12  HAO A H15A 1 
HETATM 220  H  H15B . HAO A 1 12 ? 4.546   -11.505 -1.432  1.00 36.71 ? 12  HAO A H15B 1 
HETATM 221  O  OXT  . HAO A 1 12 ? 2.362   -8.406  6.479   1.00 21.40 ? 12  HAO A OXT  1 
HETATM 222  H  H17  . HAO A 1 12 ? 4.019   -11.883 0.537   1.00 31.95 ? 12  HAO A H17  1 
HETATM 223  H  H18  . HAO A 1 12 ? 4.006   -11.298 2.805   1.00 30.01 ? 12  HAO A H18  1 
HETATM 224  H  HN20 . HAO A 1 12 ? 1.916   -8.802  4.163   1.00 26.48 ? 12  HAO A HN20 1 
HETATM 225  H  H10  . HAO A 1 12 ? 1.270   -9.680  -2.084  1.00 28.24 ? 12  HAO A H10  1 
ATOM   226  N  N    . LYS A 1 13 ? 4.540   -8.735  6.960   1.00 23.84 ? 13  LYS A N    1 
ATOM   227  C  CA   . LYS A 1 13 ? 4.496   -8.086  8.248   1.00 24.58 ? 13  LYS A CA   1 
ATOM   228  C  C    . LYS A 1 13 ? 5.399   -6.898  8.148   1.00 27.01 ? 13  LYS A C    1 
ATOM   229  O  O    . LYS A 1 13 ? 6.611   -7.057  8.012   1.00 26.31 ? 13  LYS A O    1 
ATOM   230  C  CB   . LYS A 1 13 ? 4.971   -9.018  9.360   1.00 25.51 ? 13  LYS A CB   1 
ATOM   231  C  CG   . LYS A 1 13 ? 4.804   -8.460  10.709  1.00 26.44 ? 13  LYS A CG   1 
ATOM   232  C  CD   . LYS A 1 13 ? 4.990   -9.533  11.761  1.00 29.17 ? 13  LYS A CD   1 
ATOM   233  C  CE   . LYS A 1 13 ? 4.531   -9.011  13.123  1.00 29.73 ? 13  LYS A CE   1 
ATOM   234  N  NZ   . LYS A 1 13 ? 4.810   -9.978  14.191  1.00 30.34 1 13  LYS A NZ   1 
ATOM   235  H  H    . LYS A 1 13 ? 5.319   -9.027  6.743   1.00 28.61 ? 13  LYS A H    1 
ATOM   236  H  HA   . LYS A 1 13 ? 3.594   -7.788  8.444   1.00 29.50 ? 13  LYS A HA   1 
ATOM   237  H  HB2  . LYS A 1 13 ? 4.463   -9.843  9.314   1.00 30.61 ? 13  LYS A HB2  1 
ATOM   238  H  HB3  . LYS A 1 13 ? 5.914   -9.205  9.230   1.00 30.61 ? 13  LYS A HB3  1 
ATOM   239  H  HG2  . LYS A 1 13 ? 5.467   -7.767  10.856  1.00 31.73 ? 13  LYS A HG2  1 
ATOM   240  H  HG3  . LYS A 1 13 ? 3.909   -8.095  10.799  1.00 31.73 ? 13  LYS A HG3  1 
ATOM   241  H  HD2  . LYS A 1 13 ? 4.457   -10.309 11.532  1.00 35.00 ? 13  LYS A HD2  1 
ATOM   242  H  HD3  . LYS A 1 13 ? 5.929   -9.769  11.821  1.00 35.00 ? 13  LYS A HD3  1 
ATOM   243  H  HE2  . LYS A 1 13 ? 5.003   -8.189  13.325  1.00 35.68 ? 13  LYS A HE2  1 
ATOM   244  H  HE3  . LYS A 1 13 ? 3.575   -8.853  13.098  1.00 35.68 ? 13  LYS A HE3  1 
ATOM   245  H  HZ1  . LYS A 1 13 ? 4.535   -9.654  14.973  1.00 36.41 ? 13  LYS A HZ1  1 
ATOM   246  H  HZ2  . LYS A 1 13 ? 4.384   -10.743 14.028  1.00 36.41 ? 13  LYS A HZ2  1 
ATOM   247  H  HZ3  . LYS A 1 13 ? 5.685   -10.139 14.236  1.00 36.41 ? 13  LYS A HZ3  1 
HETATM 248  C  C    . A8E A 1 14 ? 5.662   -3.794  9.638   1.00 21.43 ? 14  A8E A C    1 
HETATM 249  N  N    . A8E A 1 14 ? 4.820   -5.711  8.261   1.00 14.34 ? 14  A8E A N    1 
HETATM 250  O  OXT  . A8E A 1 14 ? 4.718   -3.325  10.172  1.00 21.62 ? 14  A8E A OXT  1 
HETATM 251  BR BR   . A8E A 1 14 ? 4.260   -2.739  4.553   1.00 51.28 ? 14  A8E A BR   1 
HETATM 252  C  CA   . A8E A 1 14 ? 5.559   -4.429  8.189   1.00 20.66 ? 14  A8E A CA   1 
HETATM 253  C  CB   . A8E A 1 14 ? 4.994   -3.430  7.205   1.00 29.37 ? 14  A8E A CB   1 
HETATM 254  C  CG   . A8E A 1 14 ? 5.064   -3.962  5.778   1.00 41.44 ? 14  A8E A CG   1 
HETATM 255  C  CD1  . A8E A 1 14 ? 5.473   -5.120  5.334   1.00 44.32 ? 14  A8E A CD1  1 
HETATM 256  H  H    . A8E A 1 14 ? 3.829   -5.644  8.378   1.00 17.21 ? 14  A8E A H    1 
HETATM 257  H  HA   . A8E A 1 14 ? 6.586   -4.698  7.900   1.00 24.79 ? 14  A8E A HA   1 
HETATM 258  H  HB   . A8E A 1 14 ? 5.571   -2.495  7.270   1.00 35.24 ? 14  A8E A HB   1 
HETATM 259  H  HBA  . A8E A 1 14 ? 3.944   -3.225  7.463   1.00 35.24 ? 14  A8E A HBA  1 
HETATM 260  H  HD1  . A8E A 1 14 ? 5.533   -5.321  4.254   1.00 53.18 ? 14  A8E A HD1  1 
HETATM 261  H  HD1A . A8E A 1 14 ? 6.031   -5.808  5.986   1.00 53.18 ? 14  A8E A HD1A 1 
HETATM 262  N  N    . ORN B 1 1  ? -5.138  5.810   -14.276 1.00 38.37 ? 1   ORN B N    1 
HETATM 263  C  CA   . ORN B 1 1  ? -4.874  5.471   -12.842 1.00 34.15 ? 1   ORN B CA   1 
HETATM 264  C  CB   . ORN B 1 1  ? -5.438  6.550   -11.899 1.00 30.77 ? 1   ORN B CB   1 
HETATM 265  C  CG   . ORN B 1 1  ? -4.635  7.883   -11.876 1.00 28.32 ? 1   ORN B CG   1 
HETATM 266  C  CD   . ORN B 1 1  ? -3.399  7.902   -10.972 1.00 26.32 ? 1   ORN B CD   1 
HETATM 267  N  NE   . ORN B 1 1  ? -3.720  7.412   -9.631  1.00 25.83 ? 1   ORN B NE   1 
HETATM 268  C  C    . ORN B 1 1  ? -5.508  4.103   -12.491 1.00 33.29 ? 1   ORN B C    1 
HETATM 269  O  O    . ORN B 1 1  ? -6.405  3.593   -13.167 1.00 38.96 ? 1   ORN B O    1 
HETATM 270  H  H1   . ORN B 1 1  ? -4.985  5.024   -14.912 1.00 46.04 ? 1   ORN B H1   1 
HETATM 271  H  H2   . ORN B 1 1  ? -6.100  6.116   -14.449 1.00 46.04 ? 1   ORN B H2   1 
HETATM 272  H  H3   . ORN B 1 1  ? -4.546  6.567   -14.629 1.00 46.04 ? 1   ORN B H3   1 
HETATM 273  H  HA   . ORN B 1 1  ? -3.789  5.364   -12.756 1.00 40.98 ? 1   ORN B HA   1 
HETATM 274  H  HB2  . ORN B 1 1  ? -6.479  6.774   -12.171 1.00 36.92 ? 1   ORN B HB2  1 
HETATM 275  H  HB3  . ORN B 1 1  ? -5.396  6.144   -10.878 1.00 36.92 ? 1   ORN B HB3  1 
HETATM 276  H  HG2  . ORN B 1 1  ? -4.318  8.105   -12.900 1.00 33.99 ? 1   ORN B HG2  1 
HETATM 277  H  HG3  . ORN B 1 1  ? -5.308  8.683   -11.545 1.00 33.99 ? 1   ORN B HG3  1 
HETATM 278  H  HD2  . ORN B 1 1  ? -2.630  7.259   -11.412 1.00 31.59 ? 1   ORN B HD2  1 
HETATM 279  H  HD3  . ORN B 1 1  ? -3.043  8.934   -10.889 1.00 31.59 ? 1   ORN B HD3  1 
HETATM 280  H  HE1  . ORN B 1 1  ? -4.140  8.074   -8.980  1.00 30.99 ? 1   ORN B HE1  1 
HETATM 281  C  C    . CIR B 1 2  ? -5.817  1.859   -9.930  1.00 17.34 ? 2   CIR B C    1 
HETATM 282  O  O    . CIR B 1 2  ? -5.542  2.677   -9.091  1.00 19.44 ? 2   CIR B O    1 
HETATM 283  C  CA   . CIR B 1 2  ? -5.295  2.040   -11.327 1.00 23.82 ? 2   CIR B CA   1 
HETATM 284  N  N    . CIR B 1 2  ? -5.000  3.496   -11.381 1.00 26.72 ? 2   CIR B N    1 
HETATM 285  C  C3   . CIR B 1 2  ? -4.106  1.111   -11.452 1.00 28.88 ? 2   CIR B C3   1 
HETATM 286  C  C4   . CIR B 1 2  ? -2.895  1.514   -10.587 1.00 33.41 ? 2   CIR B C4   1 
HETATM 287  C  C5   . CIR B 1 2  ? -1.612  1.710   -11.423 1.00 36.12 ? 2   CIR B C5   1 
HETATM 288  N  N6   . CIR B 1 2  ? -1.576  0.583   -12.383 1.00 37.34 ? 2   CIR B N6   1 
HETATM 289  C  C7   . CIR B 1 2  ? -1.023  0.606   -13.731 1.00 37.14 ? 2   CIR B C7   1 
HETATM 290  O  O7   . CIR B 1 2  ? -0.436  1.520   -14.259 1.00 36.18 ? 2   CIR B O7   1 
HETATM 291  N  N8   . CIR B 1 2  ? -1.212  -0.637  -14.433 1.00 37.80 ? 2   CIR B N8   1 
HETATM 292  H  H2   . CIR B 1 2  ? -4.274  3.881   -10.811 1.00 32.06 ? 2   CIR B H2   1 
HETATM 293  H  HA   . CIR B 1 2  ? -6.188  1.763   -11.905 1.00 28.59 ? 2   CIR B HA   1 
HETATM 294  H  H31  . CIR B 1 2  ? -4.422  0.099   -11.159 1.00 34.65 ? 2   CIR B H31  1 
HETATM 295  H  H32  . CIR B 1 2  ? -3.791  1.088   -12.505 1.00 34.65 ? 2   CIR B H32  1 
HETATM 296  H  H41  . CIR B 1 2  ? -2.714  0.727   -9.839  1.00 40.09 ? 2   CIR B H41  1 
HETATM 297  H  H42  . CIR B 1 2  ? -3.126  2.454   -10.065 1.00 40.09 ? 2   CIR B H42  1 
HETATM 298  H  H51  . CIR B 1 2  ? -1.655  2.668   -11.965 1.00 43.34 ? 2   CIR B H51  1 
HETATM 299  H  H52  . CIR B 1 2  ? -0.726  1.682   -10.772 1.00 43.34 ? 2   CIR B H52  1 
HETATM 300  H  HN6  . CIR B 1 2  ? -2.048  -0.255  -12.107 1.00 44.81 ? 2   CIR B HN6  1 
HETATM 301  H  HN81 . CIR B 1 2  ? -0.844  -0.751  -15.356 1.00 45.36 ? 2   CIR B HN81 1 
HETATM 302  H  HN82 . CIR B 1 2  ? -1.680  -1.398  -13.984 1.00 45.36 ? 2   CIR B HN82 1 
ATOM   303  N  N    . LEU B 1 3  ? -6.552  0.790   -9.672  1.00 27.71 ? 3   LEU B N    1 
ATOM   304  C  CA   . LEU B 1 3  ? -7.184  0.622   -8.385  1.00 22.56 ? 3   LEU B CA   1 
ATOM   305  C  C    . LEU B 1 3  ? -6.137  0.392   -7.309  1.00 20.16 ? 3   LEU B C    1 
ATOM   306  O  O    . LEU B 1 3  ? -5.152  -0.327  -7.513  1.00 18.65 ? 3   LEU B O    1 
ATOM   307  C  CB   . LEU B 1 3  ? -8.150  -0.564  -8.408  1.00 22.99 ? 3   LEU B CB   1 
ATOM   308  C  CG   . LEU B 1 3  ? -8.828  -0.814  -7.067  1.00 23.73 ? 3   LEU B CG   1 
ATOM   309  C  CD1  . LEU B 1 3  ? -9.931  0.161   -6.878  1.00 26.56 ? 3   LEU B CD1  1 
ATOM   310  C  CD2  . LEU B 1 3  ? -9.329  -2.202  -7.040  1.00 23.85 ? 3   LEU B CD2  1 
ATOM   311  H  H    . LEU B 1 3  ? -6.700  0.150   -10.228 1.00 33.25 ? 3   LEU B H    1 
ATOM   312  H  HA   . LEU B 1 3  ? -7.684  1.423   -8.162  1.00 27.07 ? 3   LEU B HA   1 
ATOM   313  H  HB2  . LEU B 1 3  ? -8.842  -0.392  -9.066  1.00 27.59 ? 3   LEU B HB2  1 
ATOM   314  H  HB3  . LEU B 1 3  ? -7.658  -1.365  -8.647  1.00 27.59 ? 3   LEU B HB3  1 
ATOM   315  H  HG   . LEU B 1 3  ? -8.185  -0.700  -6.349  1.00 28.47 ? 3   LEU B HG   1 
ATOM   316  H  HD11 . LEU B 1 3  ? -10.356 -0.006  -6.022  1.00 31.87 ? 3   LEU B HD11 1 
ATOM   317  H  HD12 . LEU B 1 3  ? -9.564  1.060   -6.896  1.00 31.87 ? 3   LEU B HD12 1 
ATOM   318  H  HD13 . LEU B 1 3  ? -10.575 0.052   -7.595  1.00 31.87 ? 3   LEU B HD13 1 
ATOM   319  H  HD21 . LEU B 1 3  ? -9.761  -2.365  -6.187  1.00 28.63 ? 3   LEU B HD21 1 
ATOM   320  H  HD22 . LEU B 1 3  ? -9.964  -2.323  -7.762  1.00 28.63 ? 3   LEU B HD22 1 
ATOM   321  H  HD23 . LEU B 1 3  ? -8.581  -2.810  -7.153  1.00 28.63 ? 3   LEU B HD23 1 
ATOM   322  N  N    . ALA B 1 4  ? -6.355  0.952   -6.132  1.00 19.80 ? 4   ALA B N    1 
ATOM   323  C  CA   . ALA B 1 4  ? -5.485  0.668   -5.005  1.00 19.35 ? 4   ALA B CA   1 
ATOM   324  C  C    . ALA B 1 4  ? -6.322  0.258   -3.806  1.00 17.21 ? 4   ALA B C    1 
ATOM   325  O  O    . ALA B 1 4  ? -7.257  0.970   -3.431  1.00 18.27 ? 4   ALA B O    1 
ATOM   326  C  CB   . ALA B 1 4  ? -4.648  1.895   -4.672  1.00 21.95 ? 4   ALA B CB   1 
ATOM   327  H  H    . ALA B 1 4  ? -6.996  1.498   -5.958  1.00 23.76 ? 4   ALA B H    1 
ATOM   328  H  HA   . ALA B 1 4  ? -4.887  -0.062  -5.231  1.00 23.22 ? 4   ALA B HA   1 
ATOM   329  H  HB1  . ALA B 1 4  ? -4.073  1.689   -3.919  1.00 26.35 ? 4   ALA B HB1  1 
ATOM   330  H  HB2  . ALA B 1 4  ? -4.111  2.129   -5.445  1.00 26.35 ? 4   ALA B HB2  1 
ATOM   331  H  HB3  . ALA B 1 4  ? -5.241  2.628   -4.445  1.00 26.35 ? 4   ALA B HB3  1 
ATOM   332  N  N    . ASN B 1 5  ? -5.993  -0.874  -3.199  1.00 15.71 ? 5   ASN B N    1 
ATOM   333  C  CA   . ASN B 1 5  ? -6.563  -1.241  -1.907  1.00 16.47 ? 5   ASN B CA   1 
ATOM   334  C  C    . ASN B 1 5  ? -5.420  -1.539  -0.929  1.00 17.14 ? 5   ASN B C    1 
ATOM   335  O  O    . ASN B 1 5  ? -4.362  -2.061  -1.333  1.00 17.34 ? 5   ASN B O    1 
ATOM   336  C  CB   . ASN B 1 5  ? -7.449  -2.482  -1.927  1.00 16.14 ? 5   ASN B CB   1 
ATOM   337  C  CG   . ASN B 1 5  ? -8.751  -2.329  -2.649  1.00 16.81 ? 5   ASN B CG   1 
ATOM   338  O  OD1  . ASN B 1 5  ? -9.131  -1.286  -3.230  1.00 19.54 ? 5   ASN B OD1  1 
ATOM   339  N  ND2  . ASN B 1 5  ? -9.460  -3.420  -2.657  1.00 15.36 ? 5   ASN B ND2  1 
ATOM   340  H  H    . ASN B 1 5  ? -5.439  -1.451  -3.514  1.00 18.86 ? 5   ASN B H    1 
ATOM   341  H  HA   . ASN B 1 5  ? -7.081  -0.498  -1.559  1.00 19.76 ? 5   ASN B HA   1 
ATOM   342  H  HB2  . ASN B 1 5  ? -6.961  -3.202  -2.358  1.00 19.37 ? 5   ASN B HB2  1 
ATOM   343  H  HB3  . ASN B 1 5  ? -7.651  -2.730  -1.012  1.00 19.37 ? 5   ASN B HB3  1 
ATOM   344  H  HD21 . ASN B 1 5  ? -10.225 -3.432  -3.047  1.00 18.43 ? 5   ASN B HD21 1 
ATOM   345  H  HD22 . ASN B 1 5  ? -9.162  -4.128  -2.271  1.00 18.43 ? 5   ASN B HD22 1 
ATOM   346  N  N    . PHE B 1 6  ? -5.637  -1.260  0.358   1.00 17.40 ? 6   PHE B N    1 
ATOM   347  C  CA   . PHE B 1 6  ? -4.647  -1.609  1.380   1.00 17.31 ? 6   PHE B CA   1 
ATOM   348  C  C    . PHE B 1 6  ? -5.299  -2.085  2.664   1.00 16.95 ? 6   PHE B C    1 
ATOM   349  O  O    . PHE B 1 6  ? -6.436  -1.741  3.004   1.00 17.72 ? 6   PHE B O    1 
ATOM   350  C  CB   . PHE B 1 6  ? -3.752  -0.432  1.713   1.00 19.10 ? 6   PHE B CB   1 
ATOM   351  C  CG   . PHE B 1 6  ? -4.482  0.676   2.394   1.00 21.86 ? 6   PHE B CG   1 
ATOM   352  C  CD1  . PHE B 1 6  ? -5.187  1.607   1.666   1.00 23.03 ? 6   PHE B CD1  1 
ATOM   353  C  CD2  . PHE B 1 6  ? -4.494  0.759   3.764   1.00 23.95 ? 6   PHE B CD2  1 
ATOM   354  C  CE1  . PHE B 1 6  ? -5.869  2.614   2.298   1.00 25.74 ? 6   PHE B CE1  1 
ATOM   355  C  CE2  . PHE B 1 6  ? -5.190  1.773   4.398   1.00 25.62 ? 6   PHE B CE2  1 
ATOM   356  C  CZ   . PHE B 1 6  ? -5.878  2.691   3.659   1.00 26.26 ? 6   PHE B CZ   1 
ATOM   357  H  H    . PHE B 1 6  ? -6.343  -0.874  0.663   1.00 20.88 ? 6   PHE B H    1 
ATOM   358  H  HA   . PHE B 1 6  ? -4.088  -2.325  1.044   1.00 20.77 ? 6   PHE B HA   1 
ATOM   359  H  HB2  . PHE B 1 6  ? -3.044  -0.731  2.304   1.00 22.91 ? 6   PHE B HB2  1 
ATOM   360  H  HB3  . PHE B 1 6  ? -3.373  -0.080  0.892   1.00 22.91 ? 6   PHE B HB3  1 
ATOM   361  H  HD1  . PHE B 1 6  ? -5.192  1.559   0.737   1.00 27.63 ? 6   PHE B HD1  1 
ATOM   362  H  HD2  . PHE B 1 6  ? -4.030  0.131   4.268   1.00 28.74 ? 6   PHE B HD2  1 
ATOM   363  H  HE1  . PHE B 1 6  ? -6.339  3.240   1.796   1.00 30.89 ? 6   PHE B HE1  1 
ATOM   364  H  HE2  . PHE B 1 6  ? -5.190  1.829   5.326   1.00 30.75 ? 6   PHE B HE2  1 
ATOM   365  H  HZ   . PHE B 1 6  ? -6.340  3.379   4.083   1.00 31.51 ? 6   PHE B HZ   1 
ATOM   366  N  N    . LEU B 1 7  ? -4.542  -2.885  3.388   1.00 17.88 ? 7   LEU B N    1 
ATOM   367  C  CA   . LEU B 1 7  ? -4.935  -3.345  4.716   1.00 18.34 ? 7   LEU B CA   1 
ATOM   368  C  C    . LEU B 1 7  ? -3.696  -3.260  5.582   1.00 16.70 ? 7   LEU B C    1 
ATOM   369  O  O    . LEU B 1 7  ? -2.663  -3.852  5.251   1.00 17.21 ? 7   LEU B O    1 
ATOM   370  C  CB   . LEU B 1 7  ? -5.476  -4.767  4.691   1.00 18.73 ? 7   LEU B CB   1 
ATOM   371  C  CG   . LEU B 1 7  ? -5.997  -5.254  6.041   1.00 20.17 ? 7   LEU B CG   1 
ATOM   372  C  CD1  . LEU B 1 7  ? -7.218  -6.134  5.836   1.00 22.92 ? 7   LEU B CD1  1 
ATOM   373  C  CD2  . LEU B 1 7  ? -4.911  -5.961  6.827   1.00 19.20 ? 7   LEU B CD2  1 
ATOM   374  H  H    . LEU B 1 7  ? -3.779  -3.185  3.132   1.00 21.45 ? 7   LEU B H    1 
ATOM   375  H  HA   . LEU B 1 7  ? -5.615  -2.756  5.081   1.00 22.00 ? 7   LEU B HA   1 
ATOM   376  H  HB2  . LEU B 1 7  ? -6.209  -4.812  4.057   1.00 22.48 ? 7   LEU B HB2  1 
ATOM   377  H  HB3  . LEU B 1 7  ? -4.764  -5.367  4.415   1.00 22.48 ? 7   LEU B HB3  1 
ATOM   378  H  HG   . LEU B 1 7  ? -6.277  -4.483  6.559   1.00 24.20 ? 7   LEU B HG   1 
ATOM   379  H  HD11 . LEU B 1 7  ? -7.538  -6.435  6.700   1.00 27.51 ? 7   LEU B HD11 1 
ATOM   380  H  HD12 . LEU B 1 7  ? -7.907  -5.618  5.389   1.00 27.51 ? 7   LEU B HD12 1 
ATOM   381  H  HD13 . LEU B 1 7  ? -6.969  -6.897  5.291   1.00 27.51 ? 7   LEU B HD13 1 
ATOM   382  H  HD21 . LEU B 1 7  ? -5.276  -6.255  7.675   1.00 23.03 ? 7   LEU B HD21 1 
ATOM   383  H  HD22 . LEU B 1 7  ? -4.600  -6.726  6.318   1.00 23.03 ? 7   LEU B HD22 1 
ATOM   384  H  HD23 . LEU B 1 7  ? -4.178  -5.344  6.978   1.00 23.03 ? 7   LEU B HD23 1 
ATOM   385  N  N    . VAL B 1 8  ? -3.772  -2.533  6.678   1.00 15.15 ? 8   VAL B N    1 
ATOM   386  C  CA   . VAL B 1 8  ? -2.648  -2.456  7.579   1.00 16.65 ? 8   VAL B CA   1 
ATOM   387  C  C    . VAL B 1 8  ? -3.239  -2.714  8.975   1.00 18.64 ? 8   VAL B C    1 
ATOM   388  O  O    . VAL B 1 8  ? -3.887  -1.869  9.581   1.00 19.60 ? 8   VAL B O    1 
ATOM   389  C  CB   . VAL B 1 8  ? -1.884  -1.121  7.479   1.00 19.77 ? 8   VAL B CB   1 
ATOM   390  C  CG1  . VAL B 1 8  ? -0.798  -1.042  8.523   1.00 23.63 ? 8   VAL B CG1  1 
ATOM   391  C  CG2  . VAL B 1 8  ? -1.280  -0.961  6.096   1.00 19.07 ? 8   VAL B CG2  1 
ATOM   392  H  H    . VAL B 1 8  ? -4.460  -2.078  6.922   1.00 18.18 ? 8   VAL B H    1 
ATOM   393  H  HA   . VAL B 1 8  ? -2.028  -3.174  7.375   1.00 19.98 ? 8   VAL B HA   1 
ATOM   394  H  HB   . VAL B 1 8  ? -2.501  -0.388  7.626   1.00 23.73 ? 8   VAL B HB   1 
ATOM   395  H  HG11 . VAL B 1 8  ? -0.337  -0.194  8.435   1.00 28.36 ? 8   VAL B HG11 1 
ATOM   396  H  HG12 . VAL B 1 8  ? -1.202  -1.109  9.403   1.00 28.36 ? 8   VAL B HG12 1 
ATOM   397  H  HG13 . VAL B 1 8  ? -0.176  -1.774  8.388   1.00 28.36 ? 8   VAL B HG13 1 
ATOM   398  H  HG21 . VAL B 1 8  ? -0.805  -0.116  6.056   1.00 22.88 ? 8   VAL B HG21 1 
ATOM   399  H  HG22 . VAL B 1 8  ? -0.666  -1.694  5.933   1.00 22.88 ? 8   VAL B HG22 1 
ATOM   400  H  HG23 . VAL B 1 8  ? -1.991  -0.973  5.438   1.00 22.88 ? 8   VAL B HG23 1 
HETATM 401  N  N    . ORN B 1 9  ? -7.590  -3.735  11.973  1.00 22.87 ? 9   ORN B N    1 
HETATM 402  C  CA   . ORN B 1 9  ? -6.594  -3.133  10.995  1.00 22.33 ? 9   ORN B CA   1 
HETATM 403  C  CB   . ORN B 1 9  ? -6.051  -4.183  9.984   1.00 20.36 ? 9   ORN B CB   1 
HETATM 404  C  CG   . ORN B 1 9  ? -4.954  -5.099  10.575  1.00 19.91 ? 9   ORN B CG   1 
HETATM 405  C  CD   . ORN B 1 9  ? -3.604  -4.425  10.747  1.00 20.35 ? 9   ORN B CD   1 
HETATM 406  N  NE   . ORN B 1 9  ? -3.069  -3.987  9.446   1.00 19.05 ? 9   ORN B NE   1 
HETATM 407  C  C    . ORN B 1 9  ? -7.319  -2.057  10.244  1.00 23.27 ? 9   ORN B C    1 
HETATM 408  O  O    . ORN B 1 9  ? -8.548  -2.050  10.129  1.00 24.81 ? 9   ORN B O    1 
HETATM 409  H  H2   . ORN B 1 9  ? -8.281  -4.340  11.524  1.00 27.44 ? 9   ORN B H2   1 
HETATM 410  H  H    . ORN B 1 9  ? -8.133  -3.032  12.479  1.00 27.44 ? 9   ORN B H    1 
HETATM 411  H  HA   . ORN B 1 9  ? -5.812  -2.665  11.596  1.00 26.80 ? 9   ORN B HA   1 
HETATM 412  H  HB2  . ORN B 1 9  ? -6.873  -4.809  9.612   1.00 24.43 ? 9   ORN B HB2  1 
HETATM 413  H  HB3  . ORN B 1 9  ? -5.588  -3.631  9.154   1.00 24.43 ? 9   ORN B HB3  1 
HETATM 414  H  HG2  . ORN B 1 9  ? -4.825  -5.960  9.909   1.00 23.89 ? 9   ORN B HG2  1 
HETATM 415  H  HG3  . ORN B 1 9  ? -5.293  -5.465  11.551  1.00 23.89 ? 9   ORN B HG3  1 
HETATM 416  H  HD2  . ORN B 1 9  ? -2.906  -5.145  11.186  1.00 24.42 ? 9   ORN B HD2  1 
HETATM 417  H  HD3  . ORN B 1 9  ? -3.722  -3.553  11.398  1.00 24.42 ? 9   ORN B HD3  1 
HETATM 418  H  HE1  . ORN B 1 9  ? -2.554  -4.693  8.924   1.00 22.86 ? 9   ORN B HE1  1 
HETATM 419  H  HN3  . ORN B 1 9  ? -7.150  -4.313  12.693  1.00 27.44 ? 9   ORN B HN3  1 
ATOM   420  N  N    . ILE B 1 10 ? -6.518  -1.093  9.709   1.00 21.48 ? 10  ILE B N    1 
ATOM   421  C  CA   . ILE B 1 10 ? -7.071  -0.045  8.910   1.00 22.52 ? 10  ILE B CA   1 
ATOM   422  C  C    . ILE B 1 10 ? -7.091  -0.585  7.497   1.00 21.12 ? 10  ILE B C    1 
ATOM   423  O  O    . ILE B 1 10 ? -6.202  -1.335  7.065   1.00 21.21 ? 10  ILE B O    1 
ATOM   424  C  CB   . ILE B 1 10 ? -6.280  1.277   9.059   1.00 28.02 ? 10  ILE B CB   1 
ATOM   425  C  CG1  . ILE B 1 10 ? -6.537  1.815   10.457  1.00 35.29 ? 10  ILE B CG1  1 
ATOM   426  C  CG2  . ILE B 1 10 ? -6.734  2.304   8.010   1.00 29.12 ? 10  ILE B CG2  1 
ATOM   427  C  CD1  . ILE B 1 10 ? -5.991  3.183   10.744  1.00 42.06 ? 10  ILE B CD1  1 
ATOM   428  H  H    . ILE B 1 10 ? -5.659  -1.092  9.751   1.00 25.78 ? 10  ILE B H    1 
ATOM   429  H  HA   . ILE B 1 10 ? -7.987  0.118   9.186   1.00 27.03 ? 10  ILE B HA   1 
ATOM   430  H  HB   . ILE B 1 10 ? -5.332  1.100   8.949   1.00 33.63 ? 10  ILE B HB   1 
ATOM   431  H  HG12 . ILE B 1 10 ? -7.496  1.851   10.599  1.00 42.35 ? 10  ILE B HG12 1 
ATOM   432  H  HG13 . ILE B 1 10 ? -6.139  1.204   11.097  1.00 42.35 ? 10  ILE B HG13 1 
ATOM   433  H  HG21 . ILE B 1 10 ? -6.222  3.120   8.127   1.00 34.94 ? 10  ILE B HG21 1 
ATOM   434  H  HG22 . ILE B 1 10 ? -6.578  1.940   7.125   1.00 34.94 ? 10  ILE B HG22 1 
ATOM   435  H  HG23 . ILE B 1 10 ? -7.678  2.485   8.133   1.00 34.94 ? 10  ILE B HG23 1 
ATOM   436  H  HD11 . ILE B 1 10 ? -6.210  3.425   11.657  1.00 50.47 ? 10  ILE B HD11 1 
ATOM   437  H  HD12 . ILE B 1 10 ? -5.028  3.169   10.629  1.00 50.47 ? 10  ILE B HD12 1 
ATOM   438  H  HD13 . ILE B 1 10 ? -6.388  3.817   10.128  1.00 50.47 ? 10  ILE B HD13 1 
ATOM   439  N  N    . LYS B 1 11 ? -8.151  -0.243  6.799   1.00 20.65 ? 11  LYS B N    1 
ATOM   440  C  CA   . LYS B 1 11 ? -8.407  -0.744  5.472   1.00 20.78 ? 11  LYS B CA   1 
ATOM   441  C  C    . LYS B 1 11 ? -8.832  0.427   4.608   1.00 20.71 ? 11  LYS B C    1 
ATOM   442  O  O    . LYS B 1 11 ? -9.483  1.366   5.064   1.00 24.46 ? 11  LYS B O    1 
ATOM   443  C  CB   . LYS B 1 11 ? -9.542  -1.800  5.458   1.00 24.17 ? 11  LYS B CB   1 
ATOM   444  C  CG   . LYS B 1 11 ? -9.456  -2.960  6.455   1.00 27.65 ? 11  LYS B CG   1 
ATOM   445  C  CD   . LYS B 1 11 ? -10.736 -3.762  6.457   1.00 32.55 ? 11  LYS B CD   1 
ATOM   446  C  CE   . LYS B 1 11 ? -10.785 -4.729  7.641   1.00 36.93 ? 11  LYS B CE   1 
ATOM   447  N  NZ   . LYS B 1 11 ? -11.053 -3.989  8.922   1.00 40.64 1 11  LYS B NZ   1 
ATOM   448  H  H    . LYS B 1 11 ? -8.757  0.297   7.084   1.00 24.78 ? 11  LYS B H    1 
ATOM   449  H  HA   . LYS B 1 11 ? -7.602  -1.138  5.102   1.00 24.93 ? 11  LYS B HA   1 
ATOM   450  H  HB2  . LYS B 1 11 ? -10.378 -1.339  5.631   1.00 29.00 ? 11  LYS B HB2  1 
ATOM   451  H  HB3  . LYS B 1 11 ? -9.573  -2.191  4.571   1.00 29.00 ? 11  LYS B HB3  1 
ATOM   452  H  HG2  . LYS B 1 11 ? -8.726  -3.548  6.204   1.00 33.18 ? 11  LYS B HG2  1 
ATOM   453  H  HG3  . LYS B 1 11 ? -9.314  -2.608  7.348   1.00 33.18 ? 11  LYS B HG3  1 
ATOM   454  H  HD2  . LYS B 1 11 ? -11.492 -3.159  6.526   1.00 39.06 ? 11  LYS B HD2  1 
ATOM   455  H  HD3  . LYS B 1 11 ? -10.792 -4.279  5.639   1.00 39.06 ? 11  LYS B HD3  1 
ATOM   456  H  HE2  . LYS B 1 11 ? -11.499 -5.372  7.503   1.00 44.32 ? 11  LYS B HE2  1 
ATOM   457  H  HE3  . LYS B 1 11 ? -9.932  -5.184  7.722   1.00 44.32 ? 11  LYS B HE3  1 
ATOM   458  H  HZ1  . LYS B 1 11 ? -11.079 -4.561  9.603   1.00 48.77 ? 11  LYS B HZ1  1 
ATOM   459  H  HZ2  . LYS B 1 11 ? -10.408 -3.393  9.068   1.00 48.77 ? 11  LYS B HZ2  1 
ATOM   460  H  HZ3  . LYS B 1 11 ? -11.833 -3.564  8.870   1.00 48.77 ? 11  LYS B HZ3  1 
HETATM 461  N  N    . HAO B 1 12 ? -8.507  0.357   3.287   1.00 18.72 ? 12  HAO B N    1 
HETATM 462  N  N9   . HAO B 1 12 ? -8.899  1.356   2.442   1.00 19.03 ? 12  HAO B N9   1 
HETATM 463  C  C10  . HAO B 1 12 ? -8.648  1.298   1.088   1.00 17.55 ? 12  HAO B C10  1 
HETATM 464  O  O11  . HAO B 1 12 ? -7.997  0.386   0.567   1.00 15.51 ? 12  HAO B O11  1 
HETATM 465  C  CA   . HAO B 1 12 ? -9.188  2.463   0.308   1.00 18.64 ? 12  HAO B CA   1 
HETATM 466  C  C13  . HAO B 1 12 ? -8.864  2.472   -1.037  1.00 18.24 ? 12  HAO B C13  1 
HETATM 467  C  C14  . HAO B 1 12 ? -10.019 3.485   0.865   1.00 21.16 ? 12  HAO B C14  1 
HETATM 468  C  C15  . HAO B 1 12 ? -11.311 4.401   2.799   1.00 25.75 ? 12  HAO B C15  1 
HETATM 469  O  O15  . HAO B 1 12 ? -10.353 3.501   2.242   1.00 22.49 ? 12  HAO B O15  1 
HETATM 470  C  C17  . HAO B 1 12 ? -10.486 4.501   0.021   1.00 22.43 ? 12  HAO B C17  1 
HETATM 471  C  C18  . HAO B 1 12 ? -10.130 4.479   -1.316  1.00 22.94 ? 12  HAO B C18  1 
HETATM 472  C  C19  . HAO B 1 12 ? -9.349  3.475   -1.824  1.00 21.28 ? 12  HAO B C19  1 
HETATM 473  N  N20  . HAO B 1 12 ? -8.904  3.437   -3.172  1.00 21.73 ? 12  HAO B N20  1 
HETATM 474  C  C21  . HAO B 1 12 ? -9.015  4.491   -4.102  1.00 23.00 ? 12  HAO B C21  1 
HETATM 475  O  O22  . HAO B 1 12 ? -9.589  5.564   -3.867  1.00 26.26 ? 12  HAO B O22  1 
HETATM 476  C  C    . HAO B 1 12 ? -8.376  4.259   -5.460  1.00 23.02 ? 12  HAO B C    1 
HETATM 477  H  H2   . HAO B 1 12 ? -8.052  -0.300  2.841   1.00 22.46 ? 12  HAO B H2   1 
HETATM 478  H  H13  . HAO B 1 12 ? -8.298  1.772   -1.418  1.00 21.89 ? 12  HAO B H13  1 
HETATM 479  H  H15  . HAO B 1 12 ? -11.064 4.609   3.727   1.00 30.90 ? 12  HAO B H15  1 
HETATM 480  H  H15A . HAO B 1 12 ? -12.198 3.985   2.782   1.00 30.90 ? 12  HAO B H15A 1 
HETATM 481  H  H15B . HAO B 1 12 ? -11.327 5.229   2.271   1.00 30.90 ? 12  HAO B H15B 1 
HETATM 482  O  OXT  . HAO B 1 12 ? -7.922  3.168   -5.789  1.00 20.77 ? 12  HAO B OXT  1 
HETATM 483  H  H17  . HAO B 1 12 ? -11.040 5.222   0.374   1.00 26.92 ? 12  HAO B H17  1 
HETATM 484  H  H18  . HAO B 1 12 ? -10.435 5.195   -1.904  1.00 27.52 ? 12  HAO B H18  1 
HETATM 485  H  HN20 . HAO B 1 12 ? -8.432  2.701   -3.433  1.00 26.08 ? 12  HAO B HN20 1 
HETATM 486  H  H10  . HAO B 1 12 ? -9.393  2.049   2.774   1.00 22.83 ? 12  HAO B H10  1 
ATOM   487  N  N    . LYS B 1 13 ? -8.285  5.370   -6.240  1.00 24.78 ? 13  LYS B N    1 
ATOM   488  C  CA   . LYS B 1 13 ? -7.712  5.387   -7.573  1.00 28.30 ? 13  LYS B CA   1 
ATOM   489  C  C    . LYS B 1 13 ? -6.351  6.040   -7.483  1.00 30.94 ? 13  LYS B C    1 
ATOM   490  O  O    . LYS B 1 13 ? -6.257  7.202   -7.122  1.00 30.36 ? 13  LYS B O    1 
ATOM   491  C  CB   . LYS B 1 13 ? -8.645  6.155   -8.509  1.00 34.57 ? 13  LYS B CB   1 
ATOM   492  C  CG   . LYS B 1 13 ? -8.344  6.125   -9.988  1.00 43.40 ? 13  LYS B CG   1 
ATOM   493  C  CD   . LYS B 1 13 ? -9.660  6.085   -10.803 1.00 53.39 ? 13  LYS B CD   1 
ATOM   494  C  CE   . LYS B 1 13 ? -10.666 7.180   -10.402 1.00 61.94 ? 13  LYS B CE   1 
ATOM   495  N  NZ   . LYS B 1 13 ? -10.128 8.567   -10.527 1.00 67.01 1 13  LYS B NZ   1 
ATOM   496  H  H    . LYS B 1 13 ? -8.598  6.135   -6.004  1.00 29.74 ? 13  LYS B H    1 
ATOM   497  H  HA   . LYS B 1 13 ? -7.608  4.481   -7.902  1.00 33.96 ? 13  LYS B HA   1 
ATOM   498  H  HB2  . LYS B 1 13 ? -9.540  5.799   -8.396  1.00 41.48 ? 13  LYS B HB2  1 
ATOM   499  H  HB3  . LYS B 1 13 ? -8.638  7.086   -8.239  1.00 41.48 ? 13  LYS B HB3  1 
ATOM   500  H  HG2  . LYS B 1 13 ? -7.853  6.924   -10.234 1.00 52.08 ? 13  LYS B HG2  1 
ATOM   501  H  HG3  . LYS B 1 13 ? -7.828  5.331   -10.197 1.00 52.08 ? 13  LYS B HG3  1 
ATOM   502  H  HD2  . LYS B 1 13 ? -9.450  6.205   -11.743 1.00 64.07 ? 13  LYS B HD2  1 
ATOM   503  H  HD3  . LYS B 1 13 ? -10.088 5.225   -10.669 1.00 64.07 ? 13  LYS B HD3  1 
ATOM   504  H  HE2  . LYS B 1 13 ? -11.447 7.112   -10.974 1.00 74.33 ? 13  LYS B HE2  1 
ATOM   505  H  HE3  . LYS B 1 13 ? -10.924 7.043   -9.477  1.00 74.33 ? 13  LYS B HE3  1 
ATOM   506  H  HZ1  . LYS B 1 13 ? -10.748 9.157   -10.283 1.00 80.41 ? 13  LYS B HZ1  1 
ATOM   507  H  HZ2  . LYS B 1 13 ? -9.414  8.665   -10.004 1.00 80.41 ? 13  LYS B HZ2  1 
ATOM   508  H  HZ3  . LYS B 1 13 ? -9.892  8.727   -11.370 1.00 80.41 ? 13  LYS B HZ3  1 
HETATM 509  C  C    . A8E B 1 14 ? -3.445  6.105   -9.324  1.00 25.61 ? 14  A8E B C    1 
HETATM 510  N  N    . A8E B 1 14 ? -5.295  5.322   -7.828  1.00 18.24 ? 14  A8E B N    1 
HETATM 511  O  OXT  . A8E B 1 14 ? -2.971  5.373   -10.145 1.00 28.27 ? 14  A8E B OXT  1 
HETATM 512  BR BR   . A8E B 1 14 ? -2.432  5.385   -4.887  1.00 45.07 ? 14  A8E B BR   1 
HETATM 513  C  CA   . A8E B 1 14 ? -3.834  5.575   -7.868  1.00 23.94 ? 14  A8E B CA   1 
HETATM 514  C  CB   . A8E B 1 14 ? -3.091  4.271   -7.498  1.00 30.09 ? 14  A8E B CB   1 
HETATM 515  C  CG   . A8E B 1 14 ? -2.077  4.231   -6.361  1.00 34.82 ? 14  A8E B CG   1 
HETATM 516  C  CD1  . A8E B 1 14 ? -1.128  3.376   -6.214  1.00 29.40 ? 14  A8E B CD1  1 
HETATM 517  H  H    . A8E B 1 14 ? -5.591  4.404   -8.090  1.00 21.88 ? 14  A8E B H    1 
HETATM 518  H  HA   . A8E B 1 14 ? -3.625  6.380   -7.149  1.00 28.73 ? 14  A8E B HA   1 
HETATM 519  H  HB   . A8E B 1 14 ? -2.567  3.933   -8.404  1.00 36.10 ? 14  A8E B HB   1 
HETATM 520  H  HBA  . A8E B 1 14 ? -3.860  3.520   -7.265  1.00 36.10 ? 14  A8E B HBA  1 
HETATM 521  H  HD1  . A8E B 1 14 ? -0.780  2.793   -7.079  1.00 35.28 ? 14  A8E B HD1  1 
HETATM 522  H  HD1A . A8E B 1 14 ? -0.383  3.520   -5.416  1.00 35.28 ? 14  A8E B HD1A 1 
HETATM 523  N  N    . ORN C 1 1  ? 12.301  -11.574 -1.202  1.00 62.60 ? 1   ORN C N    1 
HETATM 524  C  CA   . ORN C 1 1  ? 11.130  -10.673 -1.011  1.00 60.09 ? 1   ORN C CA   1 
HETATM 525  C  CB   . ORN C 1 1  ? 10.716  -10.641 0.477   1.00 61.23 ? 1   ORN C CB   1 
HETATM 526  C  CG   . ORN C 1 1  ? 10.063  -11.951 0.969   1.00 59.58 ? 1   ORN C CG   1 
HETATM 527  C  CD   . ORN C 1 1  ? 8.585   -12.066 0.560   1.00 56.79 ? 1   ORN C CD   1 
HETATM 528  N  NE   . ORN C 1 1  ? 7.832   -10.950 1.080   1.00 54.23 ? 1   ORN C NE   1 
HETATM 529  C  C    . ORN C 1 1  ? 11.459  -9.249  -1.496  1.00 54.11 ? 1   ORN C C    1 
HETATM 530  O  O    . ORN C 1 1  ? 12.591  -8.941  -1.878  1.00 53.81 ? 1   ORN C O    1 
HETATM 531  H  H1   . ORN C 1 1  ? 13.042  -11.427 -0.511  1.00 75.12 ? 1   ORN C H1   1 
HETATM 532  H  H2   . ORN C 1 1  ? 12.062  -12.567 -1.135  1.00 75.12 ? 1   ORN C H2   1 
HETATM 533  H  H3   . ORN C 1 1  ? 12.752  -11.465 -2.113  1.00 75.12 ? 1   ORN C H3   1 
HETATM 534  H  HA   . ORN C 1 1  ? 10.341  -11.068 -1.657  1.00 72.11 ? 1   ORN C HA   1 
HETATM 535  H  HB2  . ORN C 1 1  ? 11.591  -10.427 1.105   1.00 73.47 ? 1   ORN C HB2  1 
HETATM 536  H  HB3  . ORN C 1 1  ? 9.963   -9.849  0.592   1.00 73.47 ? 1   ORN C HB3  1 
HETATM 537  H  HG2  . ORN C 1 1  ? 10.618  -12.800 0.554   1.00 71.49 ? 1   ORN C HG2  1 
HETATM 538  H  HG3  . ORN C 1 1  ? 10.127  -11.988 2.063   1.00 71.49 ? 1   ORN C HG3  1 
HETATM 539  H  HD2  . ORN C 1 1  ? 8.516   -12.068 -0.532  1.00 68.15 ? 1   ORN C HD2  1 
HETATM 540  H  HD3  . ORN C 1 1  ? 8.175   -12.988 0.979   1.00 68.15 ? 1   ORN C HD3  1 
HETATM 541  H  HE1  . ORN C 1 1  ? 7.669   -10.957 2.084   1.00 65.08 ? 1   ORN C HE1  1 
HETATM 542  C  C    . CIR C 1 2  ? 10.260  -5.977  -1.163  1.00 31.29 ? 2   CIR C C    1 
HETATM 543  O  O    . CIR C 1 2  ? 9.687   -6.304  -0.171  1.00 30.50 ? 2   CIR C O    1 
HETATM 544  C  CA   . CIR C 1 2  ? 10.621  -7.052  -2.148  1.00 43.12 ? 2   CIR C CA   1 
HETATM 545  N  N    . CIR C 1 2  ? 10.411  -8.361  -1.470  1.00 48.03 ? 2   CIR C N    1 
HETATM 546  C  C3   . CIR C 1 2  ? 9.640   -6.899  -3.291  1.00 49.05 ? 2   CIR C C3   1 
HETATM 547  C  C4   . CIR C 1 2  ? 10.153  -7.847  -4.372  1.00 54.20 ? 2   CIR C C4   1 
HETATM 548  C  C5   . CIR C 1 2  ? 9.768   -7.363  -5.765  1.00 57.94 ? 2   CIR C C5   1 
HETATM 549  N  N6   . CIR C 1 2  ? 10.907  -7.639  -6.710  1.00 59.29 ? 2   CIR C N6   1 
HETATM 550  C  C7   . CIR C 1 2  ? 10.664  -8.485  -7.853  1.00 58.95 ? 2   CIR C C7   1 
HETATM 551  O  O7   . CIR C 1 2  ? 9.561   -8.930  -8.010  1.00 60.79 ? 2   CIR C O7   1 
HETATM 552  N  N8   . CIR C 1 2  ? 11.720  -8.794  -8.796  1.00 56.72 ? 2   CIR C N8   1 
HETATM 553  H  H2   . CIR C 1 2  ? 9.493   -8.605  -1.160  1.00 57.63 ? 2   CIR C H2   1 
HETATM 554  H  HA   . CIR C 1 2  ? 11.676  -6.811  -2.347  1.00 51.75 ? 2   CIR C HA   1 
HETATM 555  H  H31  . CIR C 1 2  ? 8.629   -7.195  -2.972  1.00 58.87 ? 2   CIR C H31  1 
HETATM 556  H  H32  . CIR C 1 2  ? 9.639   -5.863  -3.660  1.00 58.87 ? 2   CIR C H32  1 
HETATM 557  H  H41  . CIR C 1 2  ? 9.723   -8.846  -4.206  1.00 65.04 ? 2   CIR C H41  1 
HETATM 558  H  H42  . CIR C 1 2  ? 11.248  -7.911  -4.302  1.00 65.04 ? 2   CIR C H42  1 
HETATM 559  H  H51  . CIR C 1 2  ? 8.869   -7.898  -6.105  1.00 69.52 ? 2   CIR C H51  1 
HETATM 560  H  H52  . CIR C 1 2  ? 9.565   -6.282  -5.738  1.00 69.52 ? 2   CIR C H52  1 
HETATM 561  H  HN6  . CIR C 1 2  ? 11.814  -7.251  -6.545  1.00 71.15 ? 2   CIR C HN6  1 
HETATM 562  H  HN81 . CIR C 1 2  ? 11.532  -9.380  -9.585  1.00 68.07 ? 2   CIR C HN81 1 
HETATM 563  H  HN82 . CIR C 1 2  ? 12.637  -8.419  -8.662  1.00 68.07 ? 2   CIR C HN82 1 
ATOM   564  N  N    . LEU C 1 3  ? 11.075  -4.927  -1.190  1.00 49.49 ? 3   LEU C N    1 
ATOM   565  C  CA   . LEU C 1 3  ? 10.765  -3.702  -0.458  1.00 42.43 ? 3   LEU C CA   1 
ATOM   566  C  C    . LEU C 1 3  ? 9.309   -3.371  -0.593  1.00 32.24 ? 3   LEU C C    1 
ATOM   567  O  O    . LEU C 1 3  ? 8.772   -3.393  -1.692  1.00 30.02 ? 3   LEU C O    1 
ATOM   568  C  CB   . LEU C 1 3  ? 11.615  -2.538  -0.985  1.00 48.67 ? 3   LEU C CB   1 
ATOM   569  C  CG   . LEU C 1 3  ? 11.449  -1.133  -0.395  1.00 53.38 ? 3   LEU C CG   1 
ATOM   570  C  CD1  . LEU C 1 3  ? 11.185  -1.117  1.098   1.00 55.40 ? 3   LEU C CD1  1 
ATOM   571  C  CD2  . LEU C 1 3  ? 12.669  -0.282  -0.714  1.00 58.33 ? 3   LEU C CD2  1 
ATOM   572  H  H    . LEU C 1 3  ? 11.817  -4.898  -1.625  1.00 59.39 ? 3   LEU C H    1 
ATOM   573  H  HA   . LEU C 1 3  ? 10.965  -3.827  0.483   1.00 50.91 ? 3   LEU C HA   1 
ATOM   574  H  HB2  . LEU C 1 3  ? 12.547  -2.780  -0.860  1.00 58.40 ? 3   LEU C HB2  1 
ATOM   575  H  HB3  . LEU C 1 3  ? 11.442  -2.459  -1.936  1.00 58.40 ? 3   LEU C HB3  1 
ATOM   576  H  HG   . LEU C 1 3  ? 10.686  -0.715  -0.824  1.00 64.05 ? 3   LEU C HG   1 
ATOM   577  H  HD11 . LEU C 1 3  ? 11.091  -0.198  1.392   1.00 66.48 ? 3   LEU C HD11 1 
ATOM   578  H  HD12 . LEU C 1 3  ? 10.368  -1.608  1.280   1.00 66.48 ? 3   LEU C HD12 1 
ATOM   579  H  HD13 . LEU C 1 3  ? 11.931  -1.536  1.555   1.00 66.48 ? 3   LEU C HD13 1 
ATOM   580  H  HD21 . LEU C 1 3  ? 12.545  0.602   -0.334  1.00 70.00 ? 3   LEU C HD21 1 
ATOM   581  H  HD22 . LEU C 1 3  ? 13.455  -0.701  -0.331  1.00 70.00 ? 3   LEU C HD22 1 
ATOM   582  H  HD23 . LEU C 1 3  ? 12.765  -0.217  -1.677  1.00 70.00 ? 3   LEU C HD23 1 
ATOM   583  N  N    . ALA C 1 4  ? 8.642   -3.019  0.507   1.00 27.62 ? 4   ALA C N    1 
ATOM   584  C  CA   . ALA C 1 4  ? 7.310   -2.454  0.405   1.00 24.48 ? 4   ALA C CA   1 
ATOM   585  C  C    . ALA C 1 4  ? 7.232   -1.278  1.363   1.00 26.81 ? 4   ALA C C    1 
ATOM   586  O  O    . ALA C 1 4  ? 7.767   -1.335  2.476   1.00 27.58 ? 4   ALA C O    1 
ATOM   587  C  CB   . ALA C 1 4  ? 6.217   -3.477  0.701   1.00 22.54 ? 4   ALA C CB   1 
ATOM   588  H  H    . ALA C 1 4  ? 8.939   -3.098  1.310   1.00 33.15 ? 4   ALA C H    1 
ATOM   589  H  HA   . ALA C 1 4  ? 7.175   -2.119  -0.495  1.00 29.38 ? 4   ALA C HA   1 
ATOM   590  H  HB1  . ALA C 1 4  ? 5.352   -3.047  0.620   1.00 27.05 ? 4   ALA C HB1  1 
ATOM   591  H  HB2  . ALA C 1 4  ? 6.286   -4.206  0.065   1.00 27.05 ? 4   ALA C HB2  1 
ATOM   592  H  HB3  . ALA C 1 4  ? 6.336   -3.813  1.604   1.00 27.05 ? 4   ALA C HB3  1 
ATOM   593  N  N    . ASN C 1 5  ? 6.625   -0.200  0.895   1.00 26.51 ? 5   ASN C N    1 
ATOM   594  C  CA   . ASN C 1 5  ? 6.451   1.014   1.666   1.00 30.01 ? 5   ASN C CA   1 
ATOM   595  C  C    . ASN C 1 5  ? 5.089   1.554   1.310   1.00 27.12 ? 5   ASN C C    1 
ATOM   596  O  O    . ASN C 1 5  ? 4.615   1.354   0.191   1.00 25.58 ? 5   ASN C O    1 
ATOM   597  C  CB   . ASN C 1 5  ? 7.451   2.112   1.348   1.00 37.24 ? 5   ASN C CB   1 
ATOM   598  C  CG   . ASN C 1 5  ? 8.816   1.864   1.922   1.00 46.02 ? 5   ASN C CG   1 
ATOM   599  O  OD1  . ASN C 1 5  ? 8.994   1.107   2.874   1.00 49.44 ? 5   ASN C OD1  1 
ATOM   600  N  ND2  . ASN C 1 5  ? 9.792   2.531   1.359   1.00 50.96 ? 5   ASN C ND2  1 
ATOM   601  H  H    . ASN C 1 5  ? 6.294   -0.147  0.102   1.00 31.82 ? 5   ASN C H    1 
ATOM   602  H  HA   . ASN C 1 5  ? 6.481   0.817   2.614   1.00 36.02 ? 5   ASN C HA   1 
ATOM   603  H  HB2  . ASN C 1 5  ? 7.542   2.183   0.385   1.00 44.69 ? 5   ASN C HB2  1 
ATOM   604  H  HB3  . ASN C 1 5  ? 7.123   2.949   1.710   1.00 44.69 ? 5   ASN C HB3  1 
ATOM   605  H  HD21 . ASN C 1 5  ? 10.598  2.434   1.641   1.00 61.16 ? 5   ASN C HD21 1 
ATOM   606  H  HD22 . ASN C 1 5  ? 9.627   3.066   0.706   1.00 61.16 ? 5   ASN C HD22 1 
ATOM   607  N  N    . PHE C 1 6  ? 4.467   2.220   2.265   1.00 28.82 ? 6   PHE C N    1 
ATOM   608  C  CA   . PHE C 1 6  ? 3.127   2.758   2.051   1.00 27.55 ? 6   PHE C CA   1 
ATOM   609  C  C    . PHE C 1 6  ? 2.993   4.056   2.825   1.00 28.25 ? 6   PHE C C    1 
ATOM   610  O  O    . PHE C 1 6  ? 3.583   4.237   3.890   1.00 30.37 ? 6   PHE C O    1 
ATOM   611  C  CB   . PHE C 1 6  ? 2.020   1.776   2.464   1.00 26.07 ? 6   PHE C CB   1 
ATOM   612  C  CG   . PHE C 1 6  ? 1.959   1.526   3.935   1.00 28.48 ? 6   PHE C CG   1 
ATOM   613  C  CD1  . PHE C 1 6  ? 1.166   2.321   4.758   1.00 31.52 ? 6   PHE C CD1  1 
ATOM   614  C  CD2  . PHE C 1 6  ? 2.724   0.522   4.509   1.00 29.36 ? 6   PHE C CD2  1 
ATOM   615  C  CE1  . PHE C 1 6  ? 1.138   2.113   6.133   1.00 33.74 ? 6   PHE C CE1  1 
ATOM   616  C  CE2  . PHE C 1 6  ? 2.718   0.311   5.890   1.00 31.57 ? 6   PHE C CE2  1 
ATOM   617  C  CZ   . PHE C 1 6  ? 1.924   1.105   6.698   1.00 33.21 ? 6   PHE C CZ   1 
ATOM   618  H  H    . PHE C 1 6  ? 4.791   2.377   3.045   1.00 34.58 ? 6   PHE C H    1 
ATOM   619  H  HA   . PHE C 1 6  ? 3.014   2.956   1.108   1.00 33.06 ? 6   PHE C HA   1 
ATOM   620  H  HB2  . PHE C 1 6  ? 1.163   2.138   2.189   1.00 31.28 ? 6   PHE C HB2  1 
ATOM   621  H  HB3  . PHE C 1 6  ? 2.174   0.926   2.024   1.00 31.28 ? 6   PHE C HB3  1 
ATOM   622  H  HD1  . PHE C 1 6  ? 0.652   3.001   4.385   1.00 37.83 ? 6   PHE C HD1  1 
ATOM   623  H  HD2  . PHE C 1 6  ? 3.270   -0.001  3.969   1.00 35.23 ? 6   PHE C HD2  1 
ATOM   624  H  HE1  . PHE C 1 6  ? 0.602   2.646   6.675   1.00 40.48 ? 6   PHE C HE1  1 
ATOM   625  H  HE2  . PHE C 1 6  ? 3.232   -0.369  6.261   1.00 37.89 ? 6   PHE C HE2  1 
ATOM   626  H  HZ   . PHE C 1 6  ? 1.898   0.955   7.616   1.00 39.85 ? 6   PHE C HZ   1 
ATOM   627  N  N    . LEU C 1 7  ? 2.214   4.961   2.256   1.00 26.80 ? 7   LEU C N    1 
ATOM   628  C  CA   . LEU C 1 7  ? 1.841   6.199   2.914   1.00 28.58 ? 7   LEU C CA   1 
ATOM   629  C  C    . LEU C 1 7  ? 0.392   6.430   2.556   1.00 27.57 ? 7   LEU C C    1 
ATOM   630  O  O    . LEU C 1 7  ? 0.050   6.408   1.366   1.00 26.66 ? 7   LEU C O    1 
ATOM   631  C  CB   . LEU C 1 7  ? 2.701   7.382   2.463   1.00 33.08 ? 7   LEU C CB   1 
ATOM   632  C  CG   . LEU C 1 7  ? 2.350   8.697   3.171   1.00 40.79 ? 7   LEU C CG   1 
ATOM   633  C  CD1  . LEU C 1 7  ? 3.583   9.531   3.362   1.00 44.98 ? 7   LEU C CD1  1 
ATOM   634  C  CD2  . LEU C 1 7  ? 1.317   9.516   2.414   1.00 45.67 ? 7   LEU C CD2  1 
ATOM   635  H  H    . LEU C 1 7  ? 1.881   4.878   1.468   1.00 32.16 ? 7   LEU C H    1 
ATOM   636  H  HA   . LEU C 1 7  ? 1.917   6.101   3.876   1.00 34.30 ? 7   LEU C HA   1 
ATOM   637  H  HB2  . LEU C 1 7  ? 3.631   7.182   2.649   1.00 39.69 ? 7   LEU C HB2  1 
ATOM   638  H  HB3  . LEU C 1 7  ? 2.577   7.514   1.509   1.00 39.69 ? 7   LEU C HB3  1 
ATOM   639  H  HG   . LEU C 1 7  ? 1.988   8.495   4.047   1.00 48.94 ? 7   LEU C HG   1 
ATOM   640  H  HD11 . LEU C 1 7  ? 3.339   10.356  3.809   1.00 53.97 ? 7   LEU C HD11 1 
ATOM   641  H  HD12 . LEU C 1 7  ? 4.218   9.035   3.902   1.00 53.97 ? 7   LEU C HD12 1 
ATOM   642  H  HD13 . LEU C 1 7  ? 3.968   9.727   2.493   1.00 53.97 ? 7   LEU C HD13 1 
ATOM   643  H  HD21 . LEU C 1 7  ? 1.137   10.331  2.908   1.00 54.80 ? 7   LEU C HD21 1 
ATOM   644  H  HD22 . LEU C 1 7  ? 1.668   9.731   1.535   1.00 54.80 ? 7   LEU C HD22 1 
ATOM   645  H  HD23 . LEU C 1 7  ? 0.504   8.994   2.327   1.00 54.80 ? 7   LEU C HD23 1 
ATOM   646  N  N    . VAL C 1 8  ? -0.454  6.576   3.568   1.00 28.64 ? 8   VAL C N    1 
ATOM   647  C  CA   . VAL C 1 8  ? -1.841  6.923   3.362   1.00 28.96 ? 8   VAL C CA   1 
ATOM   648  C  C    . VAL C 1 8  ? -2.246  7.977   4.423   1.00 32.75 ? 8   VAL C C    1 
ATOM   649  O  O    . VAL C 1 8  ? -2.554  7.674   5.578   1.00 32.59 ? 8   VAL C O    1 
ATOM   650  C  CB   . VAL C 1 8  ? -2.796  5.695   3.419   1.00 27.09 ? 8   VAL C CB   1 
ATOM   651  C  CG1  . VAL C 1 8  ? -4.229  6.150   3.086   1.00 28.39 ? 8   VAL C CG1  1 
ATOM   652  C  CG2  . VAL C 1 8  ? -2.391  4.547   2.495   1.00 24.54 ? 8   VAL C CG2  1 
ATOM   653  H  H    . VAL C 1 8  ? -0.239  6.476   4.396   1.00 34.37 ? 8   VAL C H    1 
ATOM   654  H  HA   . VAL C 1 8  ? -1.935  7.330   2.487   1.00 34.76 ? 8   VAL C HA   1 
ATOM   655  H  HB   . VAL C 1 8  ? -2.803  5.351   4.326   1.00 32.50 ? 8   VAL C HB   1 
ATOM   656  H  HG11 . VAL C 1 8  ? -4.820  5.383   3.122   1.00 34.07 ? 8   VAL C HG11 1 
ATOM   657  H  HG12 . VAL C 1 8  ? -4.507  6.814   3.736   1.00 34.07 ? 8   VAL C HG12 1 
ATOM   658  H  HG13 . VAL C 1 8  ? -4.239  6.534   2.196   1.00 34.07 ? 8   VAL C HG13 1 
ATOM   659  H  HG21 . VAL C 1 8  ? -3.032  3.825   2.588   1.00 29.45 ? 8   VAL C HG21 1 
ATOM   660  H  HG22 . VAL C 1 8  ? -2.382  4.867   1.579   1.00 29.45 ? 8   VAL C HG22 1 
ATOM   661  H  HG23 . VAL C 1 8  ? -1.506  4.239   2.745   1.00 29.45 ? 8   VAL C HG23 1 
HETATM 662  N  N    . ORN C 1 9  ? -1.086  11.060  8.395   1.00 54.60 ? 9   ORN C N    1 
HETATM 663  C  CA   . ORN C 1 9  ? -1.146  9.834   7.498   1.00 49.18 ? 9   ORN C CA   1 
HETATM 664  C  CB   . ORN C 1 9  ? -0.504  10.164  6.164   1.00 47.25 ? 9   ORN C CB   1 
HETATM 665  C  CG   . ORN C 1 9  ? -1.339  11.070  5.314   1.00 46.45 ? 9   ORN C CG   1 
HETATM 666  C  CD   . ORN C 1 9  ? -2.553  10.388  4.822   1.00 42.02 ? 9   ORN C CD   1 
HETATM 667  N  NE   . ORN C 1 9  ? -2.208  9.278   3.990   1.00 37.77 ? 9   ORN C NE   1 
HETATM 668  C  C    . ORN C 1 9  ? -0.416  8.639   8.070   1.00 49.85 ? 9   ORN C C    1 
HETATM 669  O  O    . ORN C 1 9  ? 0.625   8.777   8.719   1.00 53.54 ? 9   ORN C O    1 
HETATM 670  H  H2   . ORN C 1 9  ? -0.174  11.521  8.388   1.00 65.52 ? 9   ORN C H2   1 
HETATM 671  H  H    . ORN C 1 9  ? -1.276  10.851  9.379   1.00 65.52 ? 9   ORN C H    1 
HETATM 672  H  HA   . ORN C 1 9  ? -2.204  9.572   7.409   1.00 59.02 ? 9   ORN C HA   1 
HETATM 673  H  HB2  . ORN C 1 9  ? 0.477   10.633  6.323   1.00 56.70 ? 9   ORN C HB2  1 
HETATM 674  H  HB3  . ORN C 1 9  ? -0.391  9.222   5.608   1.00 56.70 ? 9   ORN C HB3  1 
HETATM 675  H  HG2  . ORN C 1 9  ? -0.745  11.400  4.454   1.00 55.74 ? 9   ORN C HG2  1 
HETATM 676  H  HG3  . ORN C 1 9  ? -1.630  11.946  5.904   1.00 55.74 ? 9   ORN C HG3  1 
HETATM 677  H  HD2  . ORN C 1 9  ? -3.137  11.097  4.229   1.00 50.43 ? 9   ORN C HD2  1 
HETATM 678  H  HD3  . ORN C 1 9  ? -3.131  10.028  5.678   1.00 50.43 ? 9   ORN C HD3  1 
HETATM 679  H  HE1  . ORN C 1 9  ? -1.950  9.518   3.035   1.00 45.33 ? 9   ORN C HE1  1 
HETATM 680  H  HN3  . ORN C 1 9  ? -1.760  11.784  8.136   1.00 65.52 ? 9   ORN C HN3  1 
ATOM   681  N  N    . ILE C 1 10 ? -0.948  7.400   7.778   1.00 42.06 ? 10  ILE C N    1 
ATOM   682  C  CA   . ILE C 1 10 ? -0.300  6.199   8.272   1.00 41.31 ? 10  ILE C CA   1 
ATOM   683  C  C    . ILE C 1 10 ? 0.789   5.882   7.273   1.00 37.82 ? 10  ILE C C    1 
ATOM   684  O  O    . ILE C 1 10 ? 0.595   6.019   6.057   1.00 36.53 ? 10  ILE C O    1 
ATOM   685  C  CB   . ILE C 1 10 ? -1.270  5.033   8.478   1.00 41.89 ? 10  ILE C CB   1 
ATOM   686  C  CG1  . ILE C 1 10 ? -1.814  4.521   7.144   1.00 41.14 ? 10  ILE C CG1  1 
ATOM   687  C  CG2  . ILE C 1 10 ? -2.410  5.475   9.377   1.00 45.12 ? 10  ILE C CG2  1 
ATOM   688  C  CD1  . ILE C 1 10 ? -2.563  3.240   7.274   1.00 41.21 ? 10  ILE C CD1  1 
ATOM   689  H  H    . ILE C 1 10 ? -1.663  7.263   7.320   1.00 50.47 ? 10  ILE C H    1 
ATOM   690  H  HA   . ILE C 1 10 ? 0.121   6.394   9.124   1.00 49.57 ? 10  ILE C HA   1 
ATOM   691  H  HB   . ILE C 1 10 ? -0.795  4.309   8.915   1.00 50.26 ? 10  ILE C HB   1 
ATOM   692  H  HG12 . ILE C 1 10 ? -2.418  5.185   6.776   1.00 49.36 ? 10  ILE C HG12 1 
ATOM   693  H  HG13 . ILE C 1 10 ? -1.073  4.374   6.538   1.00 49.36 ? 10  ILE C HG13 1 
ATOM   694  H  HG21 . ILE C 1 10 ? -3.020  4.730   9.502   1.00 54.14 ? 10  ILE C HG21 1 
ATOM   695  H  HG22 . ILE C 1 10 ? -2.047  5.752   10.233  1.00 54.14 ? 10  ILE C HG22 1 
ATOM   696  H  HG23 . ILE C 1 10 ? -2.874  6.216   8.958   1.00 54.14 ? 10  ILE C HG23 1 
ATOM   697  H  HD11 . ILE C 1 10 ? -2.880  2.970   6.398   1.00 49.45 ? 10  ILE C HD11 1 
ATOM   698  H  HD12 . ILE C 1 10 ? -1.969  2.562   7.634   1.00 49.45 ? 10  ILE C HD12 1 
ATOM   699  H  HD13 . ILE C 1 10 ? -3.314  3.373   7.872   1.00 49.45 ? 10  ILE C HD13 1 
ATOM   700  N  N    . LYS C 1 11 ? 1.946   5.513   7.806   1.00 38.96 ? 11  LYS C N    1 
ATOM   701  C  CA   . LYS C 1 11 ? 3.136   5.325   7.006   1.00 40.95 ? 11  LYS C CA   1 
ATOM   702  C  C    . LYS C 1 11 ? 3.916   4.137   7.536   1.00 36.79 ? 11  LYS C C    1 
ATOM   703  O  O    . LYS C 1 11 ? 4.093   3.975   8.745   1.00 39.16 ? 11  LYS C O    1 
ATOM   704  C  CB   . LYS C 1 11 ? 4.023   6.579   7.028   1.00 50.80 ? 11  LYS C CB   1 
ATOM   705  C  CG   . LYS C 1 11 ? 3.270   7.894   7.109   1.00 58.84 ? 11  LYS C CG   1 
ATOM   706  C  CD   . LYS C 1 11 ? 4.227   9.082   7.079   1.00 68.32 ? 11  LYS C CD   1 
ATOM   707  C  CE   . LYS C 1 11 ? 3.553   10.367  7.571   1.00 74.00 ? 11  LYS C CE   1 
ATOM   708  N  NZ   . LYS C 1 11 ? 4.412   11.568  7.380   1.00 79.48 1 11  LYS C NZ   1 
ATOM   709  H  H    . LYS C 1 11 ? 2.064   5.363   8.645   1.00 46.76 ? 11  LYS C H    1 
ATOM   710  H  HA   . LYS C 1 11 ? 2.884   5.142   6.087   1.00 49.14 ? 11  LYS C HA   1 
ATOM   711  H  HB2  . LYS C 1 11 ? 4.609   6.529   7.799   1.00 60.96 ? 11  LYS C HB2  1 
ATOM   712  H  HB3  . LYS C 1 11 ? 4.555   6.595   6.217   1.00 60.96 ? 11  LYS C HB3  1 
ATOM   713  H  HG2  . LYS C 1 11 ? 2.670   7.968   6.350   1.00 70.61 ? 11  LYS C HG2  1 
ATOM   714  H  HG3  . LYS C 1 11 ? 2.770   7.927   7.939   1.00 70.61 ? 11  LYS C HG3  1 
ATOM   715  H  HD2  . LYS C 1 11 ? 4.983   8.896   7.656   1.00 81.98 ? 11  LYS C HD2  1 
ATOM   716  H  HD3  . LYS C 1 11 ? 4.527   9.227   6.168   1.00 81.98 ? 11  LYS C HD3  1 
ATOM   717  H  HE2  . LYS C 1 11 ? 2.730   10.503  7.074   1.00 88.80 ? 11  LYS C HE2  1 
ATOM   718  H  HE3  . LYS C 1 11 ? 3.361   10.281  8.517   1.00 88.80 ? 11  LYS C HE3  1 
ATOM   719  H  HZ1  . LYS C 1 11 ? 3.990   12.295  7.675   1.00 95.38 ? 11  LYS C HZ1  1 
ATOM   720  H  HZ2  . LYS C 1 11 ? 5.173   11.473  7.831   1.00 95.38 ? 11  LYS C HZ2  1 
ATOM   721  H  HZ3  . LYS C 1 11 ? 4.599   11.675  6.516   1.00 95.38 ? 11  LYS C HZ3  1 
HETATM 722  N  N    . HAO C 1 12 ? 4.426   3.275   6.601   1.00 33.81 ? 12  HAO C N    1 
HETATM 723  N  N9   . HAO C 1 12 ? 5.167   2.217   6.991   1.00 31.42 ? 12  HAO C N9   1 
HETATM 724  C  C10  . HAO C 1 12 ? 5.882   1.452   6.058   1.00 31.04 ? 12  HAO C C10  1 
HETATM 725  O  O11  . HAO C 1 12 ? 5.823   1.646   4.840   1.00 31.72 ? 12  HAO C O11  1 
HETATM 726  C  CA   . HAO C 1 12 ? 6.688   0.330   6.626   1.00 30.81 ? 12  HAO C CA   1 
HETATM 727  C  C13  . HAO C 1 12 ? 7.209   -0.567  5.724   1.00 29.51 ? 12  HAO C C13  1 
HETATM 728  C  C14  . HAO C 1 12 ? 6.939   0.200   7.998   1.00 32.77 ? 12  HAO C C14  1 
HETATM 729  C  C15  . HAO C 1 12 ? 7.002   1.350   10.171  1.00 38.56 ? 12  HAO C C15  1 
HETATM 730  O  O15  . HAO C 1 12 ? 6.398   1.127   8.915   1.00 34.86 ? 12  HAO C O15  1 
HETATM 731  C  C17  . HAO C 1 12 ? 7.696   -0.887  8.425   1.00 33.59 ? 12  HAO C C17  1 
HETATM 732  C  C18  . HAO C 1 12 ? 8.205   -1.791  7.506   1.00 32.60 ? 12  HAO C C18  1 
HETATM 733  C  C19  . HAO C 1 12 ? 7.954   -1.614  6.174   1.00 30.64 ? 12  HAO C C19  1 
HETATM 734  N  N20  . HAO C 1 12 ? 8.378   -2.494  5.170   1.00 29.82 ? 12  HAO C N20  1 
HETATM 735  C  C21  . HAO C 1 12 ? 8.630   -3.844  5.426   1.00 32.15 ? 12  HAO C C21  1 
HETATM 736  O  O22  . HAO C 1 12 ? 8.557   -4.397  6.521   1.00 31.79 ? 12  HAO C O22  1 
HETATM 737  C  C    . HAO C 1 12 ? 9.038   -4.548  4.171   1.00 35.18 ? 12  HAO C C    1 
HETATM 738  H  H2   . HAO C 1 12 ? 4.366   3.321   5.689   1.00 40.57 ? 12  HAO C H2   1 
HETATM 739  H  H13  . HAO C 1 12 ? 7.020   -0.471  4.771   1.00 35.42 ? 12  HAO C H13  1 
HETATM 740  H  H15  . HAO C 1 12 ? 6.314   1.594   10.827  1.00 46.27 ? 12  HAO C H15  1 
HETATM 741  H  H15A . HAO C 1 12 ? 7.653   2.078   10.095  1.00 46.27 ? 12  HAO C H15A 1 
HETATM 742  H  H15B . HAO C 1 12 ? 7.459   0.532   10.464  1.00 46.27 ? 12  HAO C H15B 1 
HETATM 743  O  OXT  . HAO C 1 12 ? 9.488   -3.914  3.223   1.00 40.10 ? 12  HAO C OXT  1 
HETATM 744  H  H17  . HAO C 1 12 ? 7.881   -1.005  9.377   1.00 40.30 ? 12  HAO C H17  1 
HETATM 745  H  H18  . HAO C 1 12 ? 8.736   -2.551  7.809   1.00 39.11 ? 12  HAO C H18  1 
HETATM 746  H  HN20 . HAO C 1 12 ? 8.456   -2.184  4.315   1.00 35.78 ? 12  HAO C HN20 1 
HETATM 747  H  H10  . HAO C 1 12 ? 5.252   2.031   7.881   1.00 37.71 ? 12  HAO C H10  1 
ATOM   748  N  N    . LYS C 1 13 ? 8.835   -5.890  4.139   1.00 33.02 ? 13  LYS C N    1 
ATOM   749  C  CA   . LYS C 1 13 ? 9.136   -6.602  2.915   1.00 35.99 ? 13  LYS C CA   1 
ATOM   750  C  C    . LYS C 1 13 ? 8.047   -7.657  2.752   1.00 42.98 ? 13  LYS C C    1 
ATOM   751  O  O    . LYS C 1 13 ? 7.556   -8.233  3.725   1.00 36.00 ? 13  LYS C O    1 
ATOM   752  C  CB   . LYS C 1 13 ? 10.542  -7.195  2.937   1.00 37.85 ? 13  LYS C CB   1 
ATOM   753  C  CG   . LYS C 1 13 ? 10.706  -8.450  3.756   1.00 40.48 ? 13  LYS C CG   1 
ATOM   754  C  CD   . LYS C 1 13 ? 12.168  -8.842  3.824   1.00 46.74 ? 13  LYS C CD   1 
ATOM   755  C  CE   . LYS C 1 13 ? 12.602  -9.194  5.239   1.00 50.20 ? 13  LYS C CE   1 
ATOM   756  N  NZ   . LYS C 1 13 ? 13.742  -10.142 5.217   1.00 54.54 1 13  LYS C NZ   1 
ATOM   757  H  HA   . LYS C 1 13 ? 9.079   -5.988  2.166   1.00 43.19 ? 13  LYS C HA   1 
ATOM   758  H  HB2  . LYS C 1 13 ? 10.799  -7.407  2.026   1.00 45.42 ? 13  LYS C HB2  1 
ATOM   759  H  HB3  . LYS C 1 13 ? 11.150  -6.530  3.298   1.00 45.42 ? 13  LYS C HB3  1 
ATOM   760  H  HG2  . LYS C 1 13 ? 10.387  -8.292  4.658   1.00 48.57 ? 13  LYS C HG2  1 
ATOM   761  H  HG3  . LYS C 1 13 ? 10.212  -9.174  3.342   1.00 48.57 ? 13  LYS C HG3  1 
ATOM   762  H  HD2  . LYS C 1 13 ? 12.317  -9.618  3.262   1.00 56.09 ? 13  LYS C HD2  1 
ATOM   763  H  HD3  . LYS C 1 13 ? 12.712  -8.099  3.518   1.00 56.09 ? 13  LYS C HD3  1 
ATOM   764  H  HE2  . LYS C 1 13 ? 12.882  -8.388  5.701   1.00 60.24 ? 13  LYS C HE2  1 
ATOM   765  H  HE3  . LYS C 1 13 ? 11.863  -9.613  5.708   1.00 60.24 ? 13  LYS C HE3  1 
ATOM   766  H  HZ1  . LYS C 1 13 ? 13.988  -10.341 6.048   1.00 65.45 ? 13  LYS C HZ1  1 
ATOM   767  H  HZ2  . LYS C 1 13 ? 13.507  -10.891 4.797   1.00 65.45 ? 13  LYS C HZ2  1 
ATOM   768  H  HZ3  . LYS C 1 13 ? 14.432  -9.776  4.791   1.00 65.45 ? 13  LYS C HZ3  1 
HETATM 769  C  C    . A8E C 1 14 ? 7.375   -9.944  0.265   1.00 51.89 ? 14  A8E C C    1 
HETATM 770  N  N    . A8E C 1 14 ? 7.617   -7.835  1.520   1.00 39.01 ? 14  A8E C N    1 
HETATM 771  O  OXT  . A8E C 1 14 ? 7.579   -9.919  -0.915  1.00 49.35 ? 14  A8E C OXT  1 
HETATM 772  BR BR   . A8E C 1 14 ? 3.942   -5.997  -0.746  1.00 61.35 ? 14  A8E C BR   1 
HETATM 773  C  CA   . A8E C 1 14 ? 6.590   -8.785  1.021   1.00 51.25 ? 14  A8E C CA   1 
HETATM 774  C  CB   . A8E C 1 14 ? 5.532   -8.203  0.109   1.00 58.00 ? 14  A8E C CB   1 
HETATM 775  C  CG   . A8E C 1 14 ? 4.662   -7.092  0.679   1.00 61.67 ? 14  A8E C CG   1 
HETATM 776  C  CD1  . A8E C 1 14 ? 4.381   -6.877  1.932   1.00 64.90 ? 14  A8E C CD1  1 
HETATM 777  H  H    . A8E C 1 14 ? 8.094   -7.296  0.825   1.00 46.81 ? 14  A8E C H    1 
HETATM 778  H  HA   . A8E C 1 14 ? 6.131   -9.239  1.912   1.00 61.50 ? 14  A8E C HA   1 
HETATM 779  H  HB   . A8E C 1 14 ? 4.870   -9.023  -0.206  1.00 69.60 ? 14  A8E C HB   1 
HETATM 780  H  HBA  . A8E C 1 14 ? 6.038   -7.811  -0.786  1.00 69.60 ? 14  A8E C HBA  1 
HETATM 781  H  HD1  . A8E C 1 14 ? 3.757   -6.027  2.244   1.00 77.88 ? 14  A8E C HD1  1 
HETATM 782  H  HD1A . A8E C 1 14 ? 4.819   -7.492  2.733   1.00 77.88 ? 14  A8E C HD1A 1 
HETATM 783  N  N    . ORN D 1 1  ? -11.204 11.847  1.739   1.00 59.91 ? 1   ORN D N    1 
HETATM 784  C  CA   . ORN D 1 1  ? -10.135 11.008  1.124   1.00 57.48 ? 1   ORN D CA   1 
HETATM 785  C  CB   . ORN D 1 1  ? -10.280 11.000  -0.409  1.00 54.00 ? 1   ORN D CB   1 
HETATM 786  C  CG   . ORN D 1 1  ? -11.531 10.261  -0.902  1.00 52.69 ? 1   ORN D CG   1 
HETATM 787  C  CD   . ORN D 1 1  ? -11.403 8.696   -0.845  1.00 51.32 ? 1   ORN D CD   1 
HETATM 788  N  NE   . ORN D 1 1  ? -10.247 8.213   -1.594  1.00 47.37 ? 1   ORN D NE   1 
HETATM 789  C  C    . ORN D 1 1  ? -8.725  11.513  1.550   1.00 58.62 ? 1   ORN D C    1 
HETATM 790  O  O    . ORN D 1 1  ? -8.570  12.420  2.377   1.00 60.43 ? 1   ORN D O    1 
HETATM 791  H  H1   . ORN D 1 1  ? -11.032 12.059  2.726   1.00 71.89 ? 1   ORN D H1   1 
HETATM 792  H  H2   . ORN D 1 1  ? -11.318 12.755  1.283   1.00 71.89 ? 1   ORN D H2   1 
HETATM 793  H  H3   . ORN D 1 1  ? -12.128 11.411  1.711   1.00 71.89 ? 1   ORN D H3   1 
HETATM 794  H  HA   . ORN D 1 1  ? -10.263 10.010  1.553   1.00 68.98 ? 1   ORN D HA   1 
HETATM 795  H  HB2  . ORN D 1 1  ? -10.310 12.031  -0.788  1.00 64.80 ? 1   ORN D HB2  1 
HETATM 796  H  HB3  . ORN D 1 1  ? -9.411  10.468  -0.822  1.00 64.80 ? 1   ORN D HB3  1 
HETATM 797  H  HG2  . ORN D 1 1  ? -12.384 10.569  -0.287  1.00 63.23 ? 1   ORN D HG2  1 
HETATM 798  H  HG3  . ORN D 1 1  ? -11.725 10.555  -1.940  1.00 63.23 ? 1   ORN D HG3  1 
HETATM 799  H  HD2  . ORN D 1 1  ? -11.300 8.391   0.201   1.00 61.59 ? 1   ORN D HD2  1 
HETATM 800  H  HD3  . ORN D 1 1  ? -12.305 8.260   -1.286  1.00 61.59 ? 1   ORN D HD3  1 
HETATM 801  H  HE1  . ORN D 1 1  ? -10.390 8.089   -2.594  1.00 56.85 ? 1   ORN D HE1  1 
HETATM 802  C  C    . CIR D 1 2  ? -5.310  10.625  0.712   1.00 31.72 ? 2   CIR D C    1 
HETATM 803  O  O    . CIR D 1 2  ? -5.598  9.887   -0.184  1.00 33.54 ? 2   CIR D O    1 
HETATM 804  C  CA   . CIR D 1 2  ? -6.387  10.916  1.724   1.00 49.59 ? 2   CIR D CA   1 
HETATM 805  N  N    . CIR D 1 2  ? -7.671  10.862  0.961   1.00 56.02 ? 2   CIR D N    1 
HETATM 806  C  C3   . CIR D 1 2  ? -6.294  9.787   2.738   1.00 57.24 ? 2   CIR D C3   1 
HETATM 807  C  C4   . CIR D 1 2  ? -5.830  10.291  4.104   1.00 62.50 ? 2   CIR D C4   1 
HETATM 808  C  C5   . CIR D 1 2  ? -6.881  10.064  5.193   1.00 66.25 ? 2   CIR D C5   1 
HETATM 809  N  N6   . CIR D 1 2  ? -6.182  10.049  6.526   1.00 69.21 ? 2   CIR D N6   1 
HETATM 810  C  C7   . CIR D 1 2  ? -6.890  10.263  7.784   1.00 72.02 ? 2   CIR D C7   1 
HETATM 811  O  O7   . CIR D 1 2  ? -6.267  10.238  8.812   1.00 72.77 ? 2   CIR D O7   1 
HETATM 812  N  N8   . CIR D 1 2  ? -8.323  10.514  7.836   1.00 73.12 ? 2   CIR D N8   1 
HETATM 813  H  H2   . CIR D 1 2  ? -7.793  10.129  0.292   1.00 67.23 ? 2   CIR D H2   1 
HETATM 814  H  HA   . CIR D 1 2  ? -6.101  11.925  2.055   1.00 59.51 ? 2   CIR D HA   1 
HETATM 815  H  H31  . CIR D 1 2  ? -7.283  9.319   2.846   1.00 68.69 ? 2   CIR D H31  1 
HETATM 816  H  H32  . CIR D 1 2  ? -5.580  9.034   2.373   1.00 68.69 ? 2   CIR D H32  1 
HETATM 817  H  H41  . CIR D 1 2  ? -5.618  11.368  4.034   1.00 75.00 ? 2   CIR D H41  1 
HETATM 818  H  H42  . CIR D 1 2  ? -4.907  9.763   4.385   1.00 75.00 ? 2   CIR D H42  1 
HETATM 819  H  H51  . CIR D 1 2  ? -7.621  10.877  5.171   1.00 79.50 ? 2   CIR D H51  1 
HETATM 820  H  H52  . CIR D 1 2  ? -7.383  9.099   5.028   1.00 79.50 ? 2   CIR D H52  1 
HETATM 821  H  HN6  . CIR D 1 2  ? -5.196  9.882   6.551   1.00 83.06 ? 2   CIR D HN6  1 
HETATM 822  H  HN81 . CIR D 1 2  ? -8.856  10.539  6.990   1.00 87.75 ? 2   CIR D HN81 1 
HETATM 823  H  HN82 . CIR D 1 2  ? -8.773  10.657  8.717   1.00 87.75 ? 2   CIR D HN82 1 
ATOM   824  N  N    . LEU D 1 3  ? -4.276  11.459  0.625   1.00 41.90 ? 3   LEU D N    1 
ATOM   825  C  CA   . LEU D 1 3  ? -3.197  11.242  -0.343  1.00 29.88 ? 3   LEU D CA   1 
ATOM   826  C  C    . LEU D 1 3  ? -2.519  9.937   -0.023  1.00 27.46 ? 3   LEU D C    1 
ATOM   827  O  O    . LEU D 1 3  ? -2.386  9.609   1.139   1.00 27.78 ? 3   LEU D O    1 
ATOM   828  C  CB   . LEU D 1 3  ? -2.178  12.384  -0.307  1.00 28.20 ? 3   LEU D CB   1 
ATOM   829  C  CG   . LEU D 1 3  ? -2.700  13.707  -0.856  1.00 29.70 ? 3   LEU D CG   1 
ATOM   830  C  CD1  . LEU D 1 3  ? -1.717  14.828  -0.562  1.00 29.91 ? 3   LEU D CD1  1 
ATOM   831  C  CD2  . LEU D 1 3  ? -2.951  13.576  -2.351  1.00 29.51 ? 3   LEU D CD2  1 
ATOM   832  H  H    . LEU D 1 3  ? -4.173  12.159  1.115   1.00 50.28 ? 3   LEU D H    1 
ATOM   833  H  HA   . LEU D 1 3  ? -3.569  11.188  -1.238  1.00 35.86 ? 3   LEU D HA   1 
ATOM   834  H  HB2  . LEU D 1 3  ? -1.909  12.533  0.613   1.00 33.84 ? 3   LEU D HB2  1 
ATOM   835  H  HB3  . LEU D 1 3  ? -1.406  12.129  -0.836  1.00 33.84 ? 3   LEU D HB3  1 
ATOM   836  H  HG   . LEU D 1 3  ? -3.542  13.922  -0.425  1.00 35.64 ? 3   LEU D HG   1 
ATOM   837  H  HD11 . LEU D 1 3  ? -2.068  15.658  -0.919  1.00 35.90 ? 3   LEU D HD11 1 
ATOM   838  H  HD12 . LEU D 1 3  ? -1.603  14.902  0.399   1.00 35.90 ? 3   LEU D HD12 1 
ATOM   839  H  HD13 . LEU D 1 3  ? -0.868  14.620  -0.982  1.00 35.90 ? 3   LEU D HD13 1 
ATOM   840  H  HD21 . LEU D 1 3  ? -3.282  14.423  -2.690  1.00 35.42 ? 3   LEU D HD21 1 
ATOM   841  H  HD22 . LEU D 1 3  ? -2.117  13.347  -2.790  1.00 35.42 ? 3   LEU D HD22 1 
ATOM   842  H  HD23 . LEU D 1 3  ? -3.607  12.878  -2.501  1.00 35.42 ? 3   LEU D HD23 1 
ATOM   843  N  N    . ALA D 1 4  ? -2.066  9.200   -1.039  1.00 28.52 ? 4   ALA D N    1 
ATOM   844  C  CA   . ALA D 1 4  ? -1.489  7.885   -0.791  1.00 28.12 ? 4   ALA D CA   1 
ATOM   845  C  C    . ALA D 1 4  ? -0.406  7.578   -1.816  1.00 25.62 ? 4   ALA D C    1 
ATOM   846  O  O    . ALA D 1 4  ? -0.489  7.986   -2.975  1.00 25.97 ? 4   ALA D O    1 
ATOM   847  C  CB   . ALA D 1 4  ? -2.570  6.795   -0.822  1.00 28.88 ? 4   ALA D CB   1 
ATOM   848  H  H    . ALA D 1 4  ? -2.082  9.436   -1.866  1.00 34.22 ? 4   ALA D H    1 
ATOM   849  H  HA   . ALA D 1 4  ? -1.080  7.880   0.089   1.00 33.74 ? 4   ALA D HA   1 
ATOM   850  H  HB1  . ALA D 1 4  ? -2.155  5.935   -0.655  1.00 34.65 ? 4   ALA D HB1  1 
ATOM   851  H  HB2  . ALA D 1 4  ? -3.229  6.985   -0.137  1.00 34.65 ? 4   ALA D HB2  1 
ATOM   852  H  HB3  . ALA D 1 4  ? -2.992  6.795   -1.695  1.00 34.65 ? 4   ALA D HB3  1 
ATOM   853  N  N    . ASN D 1 5  ? 0.604   6.843   -1.381  1.00 26.43 ? 5   ASN D N    1 
ATOM   854  C  CA   . ASN D 1 5  ? 1.667   6.397   -2.276  1.00 25.96 ? 5   ASN D CA   1 
ATOM   855  C  C    . ASN D 1 5  ? 2.137   5.019   -1.837  1.00 25.06 ? 5   ASN D C    1 
ATOM   856  O  O    . ASN D 1 5  ? 2.250   4.754   -0.635  1.00 26.44 ? 5   ASN D O    1 
ATOM   857  C  CB   . ASN D 1 5  ? 2.833   7.386   -2.275  1.00 27.89 ? 5   ASN D CB   1 
ATOM   858  C  CG   . ASN D 1 5  ? 3.935   6.994   -3.237  1.00 31.15 ? 5   ASN D CG   1 
ATOM   859  O  OD1  . ASN D 1 5  ? 3.768   7.026   -4.459  1.00 32.01 ? 5   ASN D OD1  1 
ATOM   860  N  ND2  . ASN D 1 5  ? 5.083   6.634   -2.687  1.00 33.58 ? 5   ASN D ND2  1 
ATOM   861  H  H    . ASN D 1 5  ? 0.701   6.584   -0.567  1.00 31.72 ? 5   ASN D H    1 
ATOM   862  H  HA   . ASN D 1 5  ? 1.322   6.331   -3.180  1.00 31.16 ? 5   ASN D HA   1 
ATOM   863  H  HB2  . ASN D 1 5  ? 2.505   8.261   -2.535  1.00 33.47 ? 5   ASN D HB2  1 
ATOM   864  H  HB3  . ASN D 1 5  ? 3.213   7.426   -1.384  1.00 33.47 ? 5   ASN D HB3  1 
ATOM   865  H  HD21 . ASN D 1 5  ? 5.744   6.402   -3.185  1.00 40.30 ? 5   ASN D HD21 1 
ATOM   866  H  HD22 . ASN D 1 5  ? 5.168   6.633   -1.832  1.00 40.30 ? 5   ASN D HD22 1 
ATOM   867  N  N    . PHE D 1 6  ? 2.382   4.146   -2.815  1.00 22.58 ? 6   PHE D N    1 
ATOM   868  C  CA   . PHE D 1 6  ? 2.760   2.762   -2.566  1.00 22.34 ? 6   PHE D CA   1 
ATOM   869  C  C    . PHE D 1 6  ? 4.021   2.425   -3.348  1.00 22.96 ? 6   PHE D C    1 
ATOM   870  O  O    . PHE D 1 6  ? 4.230   2.903   -4.461  1.00 24.13 ? 6   PHE D O    1 
ATOM   871  C  CB   . PHE D 1 6  ? 1.640   1.778   -2.950  1.00 22.86 ? 6   PHE D CB   1 
ATOM   872  C  CG   . PHE D 1 6  ? 0.397   1.988   -2.170  1.00 25.62 ? 6   PHE D CG   1 
ATOM   873  C  CD1  . PHE D 1 6  ? -0.636  2.783   -2.663  1.00 27.04 ? 6   PHE D CD1  1 
ATOM   874  C  CD2  . PHE D 1 6  ? 0.271   1.441   -0.909  1.00 26.56 ? 6   PHE D CD2  1 
ATOM   875  C  CE1  . PHE D 1 6  ? -1.788  2.988   -1.925  1.00 27.97 ? 6   PHE D CE1  1 
ATOM   876  C  CE2  . PHE D 1 6  ? -0.895  1.657   -0.162  1.00 28.39 ? 6   PHE D CE2  1 
ATOM   877  C  CZ   . PHE D 1 6  ? -1.905  2.445   -0.680  1.00 28.94 ? 6   PHE D CZ   1 
ATOM   878  H  H    . PHE D 1 6  ? 2.334   4.340   -3.652  1.00 27.09 ? 6   PHE D H    1 
ATOM   879  H  HA   . PHE D 1 6  ? 2.949   2.649   -1.622  1.00 26.81 ? 6   PHE D HA   1 
ATOM   880  H  HB2  . PHE D 1 6  ? 1.428   1.893   -3.890  1.00 27.43 ? 6   PHE D HB2  1 
ATOM   881  H  HB3  . PHE D 1 6  ? 1.947   0.872   -2.788  1.00 27.43 ? 6   PHE D HB3  1 
ATOM   882  H  HD1  . PHE D 1 6  ? -0.560  3.162   -3.509  1.00 32.44 ? 6   PHE D HD1  1 
ATOM   883  H  HD2  . PHE D 1 6  ? 0.956   0.917   -0.559  1.00 31.87 ? 6   PHE D HD2  1 
ATOM   884  H  HE1  . PHE D 1 6  ? -2.472  3.516   -2.270  1.00 33.57 ? 6   PHE D HE1  1 
ATOM   885  H  HE2  . PHE D 1 6  ? -0.983  1.283   0.684   1.00 34.07 ? 6   PHE D HE2  1 
ATOM   886  H  HZ   . PHE D 1 6  ? -2.682  2.582   -0.187  1.00 34.73 ? 6   PHE D HZ   1 
ATOM   887  N  N    . LEU D 1 7  ? 4.852   1.570   -2.749  1.00 21.68 ? 7   LEU D N    1 
ATOM   888  C  CA   . LEU D 1 7  ? 6.088   1.073   -3.346  1.00 21.24 ? 7   LEU D CA   1 
ATOM   889  C  C    . LEU D 1 7  ? 6.141   -0.425  -3.105  1.00 21.71 ? 7   LEU D C    1 
ATOM   890  O  O    . LEU D 1 7  ? 6.128   -0.852  -1.949  1.00 24.08 ? 7   LEU D O    1 
ATOM   891  C  CB   . LEU D 1 7  ? 7.331   1.697   -2.721  1.00 22.58 ? 7   LEU D CB   1 
ATOM   892  C  CG   . LEU D 1 7  ? 8.690   1.216   -3.241  1.00 26.24 ? 7   LEU D CG   1 
ATOM   893  C  CD1  . LEU D 1 7  ? 9.125   2.037   -4.389  1.00 28.17 ? 7   LEU D CD1  1 
ATOM   894  C  CD2  . LEU D 1 7  ? 9.762   1.299   -2.151  1.00 30.55 ? 7   LEU D CD2  1 
ATOM   895  H  H    . LEU D 1 7  ? 4.711   1.252   -1.961  1.00 26.02 ? 7   LEU D H    1 
ATOM   896  H  HA   . LEU D 1 7  ? 6.090   1.243   -4.300  1.00 25.49 ? 7   LEU D HA   1 
ATOM   897  H  HB2  . LEU D 1 7  ? 7.292   2.656   -2.865  1.00 27.09 ? 7   LEU D HB2  1 
ATOM   898  H  HB3  . LEU D 1 7  ? 7.311   1.517   -1.767  1.00 27.09 ? 7   LEU D HB3  1 
ATOM   899  H  HG   . LEU D 1 7  ? 8.618   0.294   -3.534  1.00 31.48 ? 7   LEU D HG   1 
ATOM   900  H  HD11 . LEU D 1 7  ? 9.986   1.714   -4.699  1.00 33.80 ? 7   LEU D HD11 1 
ATOM   901  H  HD12 . LEU D 1 7  ? 8.468   1.962   -5.098  1.00 33.80 ? 7   LEU D HD12 1 
ATOM   902  H  HD13 . LEU D 1 7  ? 9.202   2.961   -4.104  1.00 33.80 ? 7   LEU D HD13 1 
ATOM   903  H  HD21 . LEU D 1 7  ? 10.606  0.988   -2.514  1.00 36.66 ? 7   LEU D HD21 1 
ATOM   904  H  HD22 . LEU D 1 7  ? 9.845   2.220   -1.860  1.00 36.66 ? 7   LEU D HD22 1 
ATOM   905  H  HD23 . LEU D 1 7  ? 9.496   0.738   -1.405  1.00 36.66 ? 7   LEU D HD23 1 
ATOM   906  N  N    . VAL D 1 8  ? 6.237   -1.204  -4.188  1.00 22.27 ? 8   VAL D N    1 
ATOM   907  C  CA   . VAL D 1 8  ? 6.412   -2.654  -4.118  1.00 22.68 ? 8   VAL D CA   1 
ATOM   908  C  C    . VAL D 1 8  ? 7.480   -3.088  -5.117  1.00 22.23 ? 8   VAL D C    1 
ATOM   909  O  O    . VAL D 1 8  ? 7.218   -3.193  -6.318  1.00 22.94 ? 8   VAL D O    1 
ATOM   910  C  CB   . VAL D 1 8  ? 5.101   -3.407  -4.392  1.00 27.50 ? 8   VAL D CB   1 
ATOM   911  C  CG1  . VAL D 1 8  ? 5.298   -4.898  -4.220  1.00 29.50 ? 8   VAL D CG1  1 
ATOM   912  C  CG2  . VAL D 1 8  ? 3.949   -2.877  -3.508  1.00 31.30 ? 8   VAL D CG2  1 
ATOM   913  H  H    . VAL D 1 8  ? 6.203   -0.903  -4.993  1.00 26.72 ? 8   VAL D H    1 
ATOM   914  H  HA   . VAL D 1 8  ? 6.716   -2.894  -3.229  1.00 27.22 ? 8   VAL D HA   1 
ATOM   915  H  HB   . VAL D 1 8  ? 4.849   -3.255  -5.317  1.00 33.00 ? 8   VAL D HB   1 
ATOM   916  H  HG11 . VAL D 1 8  ? 4.458   -5.350  -4.398  1.00 35.40 ? 8   VAL D HG11 1 
ATOM   917  H  HG12 . VAL D 1 8  ? 5.976   -5.200  -4.844  1.00 35.40 ? 8   VAL D HG12 1 
ATOM   918  H  HG13 . VAL D 1 8  ? 5.584   -5.075  -3.310  1.00 35.40 ? 8   VAL D HG13 1 
ATOM   919  H  HG21 . VAL D 1 8  ? 3.142   -3.377  -3.710  1.00 37.56 ? 8   VAL D HG21 1 
ATOM   920  H  HG22 . VAL D 1 8  ? 4.186   -2.996  -2.575  1.00 37.56 ? 8   VAL D HG22 1 
ATOM   921  H  HG23 . VAL D 1 8  ? 3.813   -1.936  -3.698  1.00 37.56 ? 8   VAL D HG23 1 
HETATM 922  N  N    . ORN D 1 9  ? 10.999  -1.925  -8.776  1.00 26.24 ? 9   ORN D N    1 
HETATM 923  C  CA   . ORN D 1 9  ? 9.735   -1.970  -8.027  1.00 24.68 ? 9   ORN D CA   1 
HETATM 924  C  CB   . ORN D 1 9  ? 9.982   -1.514  -6.602  1.00 23.19 ? 9   ORN D CB   1 
HETATM 925  C  CG   . ORN D 1 9  ? 10.752  -2.575  -5.800  1.00 24.36 ? 9   ORN D CG   1 
HETATM 926  C  CD   . ORN D 1 9  ? 9.867   -3.750  -5.451  1.00 24.39 ? 9   ORN D CD   1 
HETATM 927  N  NE   . ORN D 1 9  ? 8.728   -3.323  -4.611  1.00 22.98 ? 9   ORN D NE   1 
HETATM 928  C  C    . ORN D 1 9  ? 8.675   -1.097  -8.700  1.00 26.30 ? 9   ORN D C    1 
HETATM 929  O  O    . ORN D 1 9  ? 8.963   -0.214  -9.503  1.00 27.50 ? 9   ORN D O    1 
HETATM 930  H  H2   . ORN D 1 9  ? 11.520  -1.056  -8.636  1.00 31.49 ? 9   ORN D H2   1 
HETATM 931  H  H    . ORN D 1 9  ? 10.872  -2.006  -9.788  1.00 31.49 ? 9   ORN D H    1 
HETATM 932  H  HA   . ORN D 1 9  ? 9.392   -3.007  -8.083  1.00 29.61 ? 9   ORN D HA   1 
HETATM 933  H  HB2  . ORN D 1 9  ? 10.551  -0.573  -6.593  1.00 27.82 ? 9   ORN D HB2  1 
HETATM 934  H  HB3  . ORN D 1 9  ? 9.007   -1.381  -6.114  1.00 27.82 ? 9   ORN D HB3  1 
HETATM 935  H  HG2  . ORN D 1 9  ? 11.124  -2.124  -4.872  1.00 29.23 ? 9   ORN D HG2  1 
HETATM 936  H  HG3  . ORN D 1 9  ? 11.605  -2.926  -6.392  1.00 29.23 ? 9   ORN D HG3  1 
HETATM 937  H  HD2  . ORN D 1 9  ? 10.460  -4.478  -4.887  1.00 29.27 ? 9   ORN D HD2  1 
HETATM 938  H  HD3  . ORN D 1 9  ? 9.486   -4.194  -6.374  1.00 29.27 ? 9   ORN D HD3  1 
HETATM 939  H  HE1  . ORN D 1 9  ? 8.933   -3.230  -3.619  1.00 27.57 ? 9   ORN D HE1  1 
HETATM 940  H  HN3  . ORN D 1 9  ? 11.647  -2.674  -8.522  1.00 31.49 ? 9   ORN D HN3  1 
ATOM   941  N  N    . ILE D 1 10 ? 7.387   -1.389  -8.373  1.00 27.28 ? 10  ILE D N    1 
ATOM   942  C  CA   . ILE D 1 10 ? 6.269   -0.632  -8.878  1.00 29.70 ? 10  ILE D CA   1 
ATOM   943  C  C    . ILE D 1 10 ? 6.054   0.463   -7.839  1.00 27.96 ? 10  ILE D C    1 
ATOM   944  O  O    . ILE D 1 10 ? 6.177   0.213   -6.644  1.00 28.00 ? 10  ILE D O    1 
ATOM   945  C  CB   . ILE D 1 10 ? 5.071   -1.566  -9.114  1.00 33.82 ? 10  ILE D CB   1 
ATOM   946  C  CG1  . ILE D 1 10 ? 5.124   -2.047  -10.577 1.00 36.34 ? 10  ILE D CG1  1 
ATOM   947  C  CG2  . ILE D 1 10 ? 3.702   -0.943  -8.710  1.00 35.97 ? 10  ILE D CG2  1 
ATOM   948  C  CD1  . ILE D 1 10 ? 4.568   -3.389  -10.755 1.00 38.58 ? 10  ILE D CD1  1 
ATOM   949  H  H    . ILE D 1 10 ? 7.163   -1.990  -7.800  1.00 32.74 ? 10  ILE D H    1 
ATOM   950  H  HA   . ILE D 1 10 ? 6.510   -0.217  -9.721  1.00 35.64 ? 10  ILE D HA   1 
ATOM   951  H  HB   . ILE D 1 10 ? 5.203   -2.347  -8.553  1.00 40.59 ? 10  ILE D HB   1 
ATOM   952  H  HG12 . ILE D 1 10 ? 4.611   -1.434  -11.128 1.00 43.61 ? 10  ILE D HG12 1 
ATOM   953  H  HG13 . ILE D 1 10 ? 6.048   -2.063  -10.871 1.00 43.61 ? 10  ILE D HG13 1 
ATOM   954  H  HG21 . ILE D 1 10 ? 2.998   -1.586  -8.887  1.00 43.16 ? 10  ILE D HG21 1 
ATOM   955  H  HG22 . ILE D 1 10 ? 3.722   -0.724  -7.766  1.00 43.16 ? 10  ILE D HG22 1 
ATOM   956  H  HG23 . ILE D 1 10 ? 3.556   -0.139  -9.233  1.00 43.16 ? 10  ILE D HG23 1 
ATOM   957  H  HD11 . ILE D 1 10 ? 4.629   -3.633  -11.692 1.00 46.30 ? 10  ILE D HD11 1 
ATOM   958  H  HD12 . ILE D 1 10 ? 5.076   -4.014  -10.216 1.00 46.30 ? 10  ILE D HD12 1 
ATOM   959  H  HD13 . ILE D 1 10 ? 3.640   -3.386  -10.474 1.00 46.30 ? 10  ILE D HD13 1 
ATOM   960  N  N    . LYS D 1 11 ? 5.826   1.695   -8.277  1.00 26.63 ? 11  LYS D N    1 
ATOM   961  C  CA   . LYS D 1 11 ? 5.532   2.747   -7.321  1.00 27.85 ? 11  LYS D CA   1 
ATOM   962  C  C    . LYS D 1 11 ? 4.534   3.738   -7.896  1.00 28.34 ? 11  LYS D C    1 
ATOM   963  O  O    . LYS D 1 11 ? 4.364   3.898   -9.111  1.00 32.18 ? 11  LYS D O    1 
ATOM   964  C  CB   . LYS D 1 11 ? 6.823   3.460   -6.865  1.00 32.57 ? 11  LYS D CB   1 
ATOM   965  C  CG   . LYS D 1 11 ? 7.355   4.554   -7.783  1.00 40.62 ? 11  LYS D CG   1 
ATOM   966  C  CD   . LYS D 1 11 ? 8.503   5.338   -7.112  1.00 46.86 ? 11  LYS D CD   1 
ATOM   967  C  CE   . LYS D 1 11 ? 9.863   5.024   -7.726  1.00 51.20 ? 11  LYS D CE   1 
ATOM   968  N  NZ   . LYS D 1 11 ? 10.976  5.738   -7.017  1.00 53.20 1 11  LYS D NZ   1 
ATOM   969  H  H    . LYS D 1 11 ? 5.834   1.942   -9.101  1.00 31.95 ? 11  LYS D H    1 
ATOM   970  H  HA   . LYS D 1 11 ? 5.126   2.346   -6.536  1.00 33.42 ? 11  LYS D HA   1 
ATOM   971  H  HB2  . LYS D 1 11 ? 6.655   3.866   -6.001  1.00 39.08 ? 11  LYS D HB2  1 
ATOM   972  H  HB3  . LYS D 1 11 ? 7.522   2.794   -6.777  1.00 39.08 ? 11  LYS D HB3  1 
ATOM   973  H  HG2  . LYS D 1 11 ? 7.695   4.151   -8.598  1.00 48.75 ? 11  LYS D HG2  1 
ATOM   974  H  HG3  . LYS D 1 11 ? 6.640   5.175   -7.989  1.00 48.75 ? 11  LYS D HG3  1 
ATOM   975  H  HD2  . LYS D 1 11 ? 8.338   6.288   -7.215  1.00 56.24 ? 11  LYS D HD2  1 
ATOM   976  H  HD3  . LYS D 1 11 ? 8.536   5.106   -6.171  1.00 56.24 ? 11  LYS D HD3  1 
ATOM   977  H  HE2  . LYS D 1 11 ? 10.028  4.069   -7.664  1.00 61.45 ? 11  LYS D HE2  1 
ATOM   978  H  HE3  . LYS D 1 11 ? 9.866   5.303   -8.655  1.00 61.45 ? 11  LYS D HE3  1 
ATOM   979  H  HZ1  . LYS D 1 11 ? 11.756  5.537   -7.396  1.00 63.84 ? 11  LYS D HZ1  1 
ATOM   980  H  HZ2  . LYS D 1 11 ? 10.850  6.618   -7.064  1.00 63.84 ? 11  LYS D HZ2  1 
ATOM   981  H  HZ3  . LYS D 1 11 ? 10.998  5.493   -6.162  1.00 63.84 ? 11  LYS D HZ3  1 
HETATM 982  N  N    . HAO D 1 12 ? 3.787   4.398   -6.973  1.00 24.53 ? 12  HAO D N    1 
HETATM 983  N  N9   . HAO D 1 12 ? 2.906   5.316   -7.384  1.00 24.56 ? 12  HAO D N9   1 
HETATM 984  C  C10  . HAO D 1 12 ? 1.894   5.683   -6.580  1.00 24.09 ? 12  HAO D C10  1 
HETATM 985  O  O11  . HAO D 1 12 ? 1.738   5.162   -5.500  1.00 23.44 ? 12  HAO D O11  1 
HETATM 986  C  CA   . HAO D 1 12 ? 0.973   6.716   -7.175  1.00 25.07 ? 12  HAO D CA   1 
HETATM 987  C  C13  . HAO D 1 12 ? 0.101   7.315   -6.308  1.00 25.93 ? 12  HAO D C13  1 
HETATM 988  C  C14  . HAO D 1 12 ? 0.957   7.030   -8.546  1.00 26.21 ? 12  HAO D C14  1 
HETATM 989  C  C15  . HAO D 1 12 ? 1.744   6.652   -10.851 1.00 28.02 ? 12  HAO D C15  1 
HETATM 990  O  O15  . HAO D 1 12 ? 1.819   6.395   -9.461  1.00 26.06 ? 12  HAO D O15  1 
HETATM 991  C  C17  . HAO D 1 12 ? 0.030   7.979   -8.986  1.00 27.92 ? 12  HAO D C17  1 
HETATM 992  C  C18  . HAO D 1 12 ? -0.819  8.596   -8.089  1.00 27.93 ? 12  HAO D C18  1 
HETATM 993  C  C19  . HAO D 1 12 ? -0.775  8.275   -6.759  1.00 26.57 ? 12  HAO D C19  1 
HETATM 994  N  N20  . HAO D 1 12 ? -1.621  8.836   -5.780  1.00 26.60 ? 12  HAO D N20  1 
HETATM 995  C  C21  . HAO D 1 12 ? -2.976  9.192   -5.961  1.00 28.95 ? 12  HAO D C21  1 
HETATM 996  O  O22  . HAO D 1 12 ? -3.609  9.078   -6.994  1.00 29.85 ? 12  HAO D O22  1 
HETATM 997  C  C    . HAO D 1 12 ? -3.691  9.697   -4.742  1.00 31.22 ? 12  HAO D C    1 
HETATM 998  H  H2   . HAO D 1 12 ? 3.837   4.367   -6.060  1.00 29.43 ? 12  HAO D H2   1 
HETATM 999  H  H13  . HAO D 1 12 ? 0.131   7.091   -5.358  1.00 31.12 ? 12  HAO D H13  1 
HETATM 1000 H  H15  . HAO D 1 12 ? 2.012   5.848   -11.347 1.00 33.62 ? 12  HAO D H15  1 
HETATM 1001 H  H15A . HAO D 1 12 ? 2.344   7.392   -11.079 1.00 33.62 ? 12  HAO D H15A 1 
HETATM 1002 H  H15B . HAO D 1 12 ? 0.822   6.892   -11.090 1.00 33.62 ? 12  HAO D H15B 1 
HETATM 1003 O  OXT  . HAO D 1 12 ? -3.084  10.012  -3.732  1.00 30.52 ? 12  HAO D OXT  1 
HETATM 1004 H  H17  . HAO D 1 12 ? 0.003   8.228   -9.930  1.00 33.51 ? 12  HAO D H17  1 
HETATM 1005 H  H18  . HAO D 1 12 ? -1.453  9.267   -8.405  1.00 33.52 ? 12  HAO D H18  1 
HETATM 1006 H  HN20 . HAO D 1 12 ? -1.275  8.939   -4.943  1.00 31.91 ? 12  HAO D HN20 1 
HETATM 1007 H  H10  . HAO D 1 12 ? 3.006   5.710   -8.202  1.00 29.47 ? 12  HAO D H10  1 
ATOM   1008 N  N    . LYS D 1 13 ? -5.055  9.707   -4.822  1.00 34.23 ? 13  LYS D N    1 
ATOM   1009 C  CA   . LYS D 1 13 ? -5.862  10.166  -3.718  1.00 38.74 ? 13  LYS D CA   1 
ATOM   1010 C  C    . LYS D 1 13 ? -6.957  9.148   -3.552  1.00 48.70 ? 13  LYS D C    1 
ATOM   1011 O  O    . LYS D 1 13 ? -7.760  8.935   -4.456  1.00 46.12 ? 13  LYS D O    1 
ATOM   1012 C  CB   . LYS D 1 13 ? -6.437  11.563  -3.983  1.00 38.53 ? 13  LYS D CB   1 
ATOM   1013 C  CG   . LYS D 1 13 ? -7.124  12.212  -2.782  1.00 39.68 ? 13  LYS D CG   1 
ATOM   1014 C  CD   . LYS D 1 13 ? -7.271  13.708  -2.982  1.00 40.55 ? 13  LYS D CD   1 
ATOM   1015 C  CE   . LYS D 1 13 ? -8.232  14.330  -1.975  1.00 43.63 ? 13  LYS D CE   1 
ATOM   1016 N  NZ   . LYS D 1 13 ? -8.417  15.797  -2.157  1.00 45.50 1 13  LYS D NZ   1 
ATOM   1017 H  HA   . LYS D 1 13 ? -5.330  10.193  -2.908  1.00 46.49 ? 13  LYS D HA   1 
ATOM   1018 H  HB2  . LYS D 1 13 ? -5.713  12.148  -4.258  1.00 46.23 ? 13  LYS D HB2  1 
ATOM   1019 H  HB3  . LYS D 1 13 ? -7.092  11.498  -4.695  1.00 46.23 ? 13  LYS D HB3  1 
ATOM   1020 H  HG2  . LYS D 1 13 ? -8.010  11.829  -2.673  1.00 47.62 ? 13  LYS D HG2  1 
ATOM   1021 H  HG3  . LYS D 1 13 ? -6.592  12.060  -1.986  1.00 47.62 ? 13  LYS D HG3  1 
ATOM   1022 H  HD2  . LYS D 1 13 ? -6.404  14.130  -2.874  1.00 48.66 ? 13  LYS D HD2  1 
ATOM   1023 H  HD3  . LYS D 1 13 ? -7.616  13.877  -3.873  1.00 48.66 ? 13  LYS D HD3  1 
ATOM   1024 H  HE2  . LYS D 1 13 ? -9.100  13.907  -2.067  1.00 52.36 ? 13  LYS D HE2  1 
ATOM   1025 H  HE3  . LYS D 1 13 ? -7.887  14.182  -1.080  1.00 52.36 ? 13  LYS D HE3  1 
ATOM   1026 H  HZ1  . LYS D 1 13 ? -8.984  16.110  -1.547  1.00 54.60 ? 13  LYS D HZ1  1 
ATOM   1027 H  HZ2  . LYS D 1 13 ? -7.636  16.215  -2.068  1.00 54.60 ? 13  LYS D HZ2  1 
ATOM   1028 H  HZ3  . LYS D 1 13 ? -8.743  15.964  -2.968  1.00 54.60 ? 13  LYS D HZ3  1 
HETATM 1029 C  C    . A8E D 1 14 ? -9.048  7.949   -0.981  1.00 43.05 ? 14  A8E D C    1 
HETATM 1030 N  N    . A8E D 1 14 ? -6.962  8.508   -2.397  1.00 29.53 ? 14  A8E D N    1 
HETATM 1031 O  OXT  . A8E D 1 14 ? -8.862  8.088   0.193   1.00 42.49 ? 14  A8E D OXT  1 
HETATM 1032 BR BR   . A8E D 1 14 ? -5.329  4.137   -1.170  1.00 48.30 ? 14  A8E D BR   1 
HETATM 1033 C  CA   . A8E D 1 14 ? -7.896  7.432   -1.934  1.00 38.63 ? 14  A8E D CA   1 
HETATM 1034 C  CB   . A8E D 1 14 ? -7.160  6.315   -1.243  1.00 39.75 ? 14  A8E D CB   1 
HETATM 1035 C  CG   . A8E D 1 14 ? -6.248  5.512   -2.153  1.00 42.22 ? 14  A8E D CG   1 
HETATM 1036 C  CD1  . A8E D 1 14 ? -6.108  5.640   -3.434  1.00 40.40 ? 14  A8E D CD1  1 
HETATM 1037 H  H    . A8E D 1 14 ? -6.242  8.772   -1.756  1.00 35.43 ? 14  A8E D H    1 
HETATM 1038 H  HA   . A8E D 1 14 ? -8.390  7.054   -2.842  1.00 46.36 ? 14  A8E D HA   1 
HETATM 1039 H  HB   . A8E D 1 14 ? -7.900  5.631   -0.800  1.00 47.70 ? 14  A8E D HB   1 
HETATM 1040 H  HBA  . A8E D 1 14 ? -6.554  6.745   -0.433  1.00 47.70 ? 14  A8E D HBA  1 
HETATM 1041 H  HD1  . A8E D 1 14 ? -6.594  6.459   -3.984  1.00 48.48 ? 14  A8E D HD1  1 
HETATM 1042 H  HD1A . A8E D 1 14 ? -5.380  5.034   -3.993  1.00 48.48 ? 14  A8E D HD1A 1 
HETATM 1043 CL CL   . CL  E 2 .  ? -12.814 -1.175  9.689   1.00 71.82 ? 101 CL  B CL   1 
HETATM 1044 O  O    . HOH F 3 .  ? -0.922  -9.782  -10.418 1.00 93.66 ? 101 HOH A O    1 
HETATM 1045 O  O    . HOH F 3 .  ? -2.333  -2.990  15.204  1.00 39.90 ? 102 HOH A O    1 
HETATM 1046 O  O    . HOH F 3 .  ? 5.380   -7.020  15.659  1.00 37.35 ? 103 HOH A O    1 
HETATM 1047 O  O    . HOH F 3 .  ? 6.609   -11.865 3.779   1.00 28.60 ? 104 HOH A O    1 
HETATM 1048 O  O    . HOH F 3 .  ? 2.095   0.978   11.218  1.00 46.79 ? 105 HOH A O    1 
HETATM 1049 O  O    . HOH F 3 .  ? 3.876   -8.673  16.497  1.00 41.59 ? 106 HOH A O    1 
HETATM 1050 O  O    . HOH F 3 .  ? 7.644   -10.207 13.690  1.00 33.37 ? 107 HOH A O    1 
HETATM 1051 O  O    . HOH F 3 .  ? -1.340  -7.054  12.629  1.00 28.15 ? 108 HOH A O    1 
HETATM 1052 O  O    . HOH F 3 .  ? 9.626   -5.163  9.565   1.00 37.27 ? 109 HOH A O    1 
HETATM 1053 O  O    . HOH F 3 .  ? 3.331   -0.501  10.683  1.00 51.07 ? 110 HOH A O    1 
HETATM 1054 O  O    . HOH F 3 .  ? 5.724   -4.913  18.090  1.00 75.67 ? 111 HOH A O    1 
HETATM 1055 O  O    . HOH F 3 .  ? 9.845   -9.917  7.366   1.00 66.01 ? 112 HOH A O    1 
HETATM 1056 O  O    . HOH F 3 .  ? -5.304  -9.122  9.603   1.00 41.06 ? 113 HOH A O    1 
HETATM 1057 O  O    . HOH G 3 .  ? -6.975  -0.609  -11.937 1.00 27.93 ? 201 HOH B O    1 
HETATM 1058 O  O    . HOH G 3 .  ? -0.608  4.159   -10.673 1.00 47.90 ? 202 HOH B O    1 
HETATM 1059 O  O    . HOH G 3 .  ? -6.515  9.873   -7.549  1.00 45.23 ? 203 HOH B O    1 
HETATM 1060 O  O    . HOH G 3 .  ? -8.331  -5.831  -1.779  1.00 52.07 ? 204 HOH B O    1 
HETATM 1061 O  O    . HOH G 3 .  ? -8.990  -5.854  10.443  1.00 61.65 ? 205 HOH B O    1 
HETATM 1062 O  O    . HOH G 3 .  ? -5.893  -5.152  14.017  1.00 38.61 ? 206 HOH B O    1 
HETATM 1063 O  O    . HOH G 3 .  ? -6.022  0.859   -14.591 1.00 44.51 ? 207 HOH B O    1 
HETATM 1064 O  O    . HOH G 3 .  ? -12.444 -6.574  10.745  1.00 41.76 ? 208 HOH B O    1 
HETATM 1065 O  O    . HOH G 3 .  ? -12.910 -4.005  11.990  1.00 52.93 ? 209 HOH B O    1 
HETATM 1066 O  O    . HOH G 3 .  ? -13.419 1.998   5.559   0.50 41.50 ? 210 HOH B O    1 
HETATM 1067 O  O    . HOH G 3 .  ? 3.687   1.749   -14.429 1.00 39.27 ? 211 HOH B O    1 
HETATM 1068 O  O    . HOH H 3 .  ? 9.876   -11.171 -8.206  1.00 50.84 ? 101 HOH C O    1 
HETATM 1069 O  O    . HOH H 3 .  ? -1.588  10.034  10.483  1.00 45.24 ? 102 HOH C O    1 
HETATM 1070 O  O    . HOH H 3 .  ? -0.441  7.793   10.746  1.00 31.58 ? 103 HOH C O    1 
HETATM 1071 O  O    . HOH H 3 .  ? 13.841  -13.210 0.189   1.00 43.15 ? 104 HOH C O    1 
HETATM 1072 O  O    . HOH H 3 .  ? 7.685   -9.252  6.314   1.00 29.38 ? 105 HOH C O    1 
HETATM 1073 O  O    . HOH H 3 .  ? 14.326  -11.797 -3.123  1.00 42.41 ? 106 HOH C O    1 
HETATM 1074 O  O    . HOH H 3 .  ? 0.955   11.871  10.411  1.00 48.68 ? 107 HOH C O    1 
HETATM 1075 O  O    . HOH H 3 .  ? 2.916   8.601   10.686  1.00 46.12 ? 108 HOH C O    1 
HETATM 1076 O  O    . HOH I 3 .  ? -10.378 15.553  -4.162  1.00 30.69 ? 101 HOH D O    1 
HETATM 1077 O  O    . HOH I 3 .  ? 5.919   2.123   -11.090 1.00 41.93 ? 102 HOH D O    1 
HETATM 1078 O  O    . HOH I 3 .  ? 12.009  -4.712  -9.376  1.00 25.23 ? 103 HOH D O    1 
HETATM 1079 O  O    . HOH I 3 .  ? 10.752  8.458   -5.650  1.00 39.77 ? 104 HOH D O    1 
HETATM 1080 O  O    . HOH I 3 .  ? -13.275 11.529  4.153   1.00 36.45 ? 105 HOH D O    1 
HETATM 1081 O  O    . HOH I 3 .  ? 1.326   2.712   -9.534  1.00 43.84 ? 106 HOH D O    1 
HETATM 1082 O  O    . HOH I 3 .  ? -4.467  14.023  2.870   1.00 82.75 ? 107 HOH D O    1 
# 
loop_
_atom_site_anisotrop.id 
_atom_site_anisotrop.type_symbol 
_atom_site_anisotrop.pdbx_label_atom_id 
_atom_site_anisotrop.pdbx_label_alt_id 
_atom_site_anisotrop.pdbx_label_comp_id 
_atom_site_anisotrop.pdbx_label_asym_id 
_atom_site_anisotrop.pdbx_label_seq_id 
_atom_site_anisotrop.pdbx_PDB_ins_code 
_atom_site_anisotrop.U[1][1] 
_atom_site_anisotrop.U[2][2] 
_atom_site_anisotrop.U[3][3] 
_atom_site_anisotrop.U[1][2] 
_atom_site_anisotrop.U[1][3] 
_atom_site_anisotrop.U[2][3] 
_atom_site_anisotrop.pdbx_auth_seq_id 
_atom_site_anisotrop.pdbx_auth_comp_id 
_atom_site_anisotrop.pdbx_auth_asym_id 
_atom_site_anisotrop.pdbx_auth_atom_id 
42   N N   . LEU A 3  ? 0.4175 0.2929 0.2964 0.1113  -0.0707 -0.0018 3  LEU A N   
43   C CA  . LEU A 3  ? 0.3955 0.2599 0.2763 0.0990  -0.0698 -0.0029 3  LEU A CA  
44   C C   . LEU A 3  ? 0.3582 0.2344 0.2437 0.0774  -0.0671 -0.0008 3  LEU A C   
45   O O   . LEU A 3  ? 0.3621 0.2400 0.2435 0.0759  -0.0654 0.0123  3  LEU A O   
46   C CB  . LEU A 3  ? 0.4240 0.2631 0.2985 0.0980  -0.0700 0.0141  3  LEU A CB  
47   C CG  . LEU A 3  ? 0.4372 0.2697 0.3126 0.1119  -0.0686 0.0115  3  LEU A CG  
48   C CD1 . LEU A 3  ? 0.4681 0.2825 0.3450 0.1019  -0.0693 0.0328  3  LEU A CD1 
49   C CD2 . LEU A 3  ? 0.4430 0.2640 0.3107 0.1264  -0.0718 -0.0100 3  LEU A CD2 
61   N N   . ALA A 4  ? 0.3110 0.1967 0.2022 0.0647  -0.0656 -0.0124 4  ALA A N   
62   C CA  . ALA A 4  ? 0.2855 0.1899 0.1842 0.0451  -0.0627 -0.0102 4  ALA A CA  
63   C C   . ALA A 4  ? 0.2975 0.2037 0.1941 0.0326  -0.0604 -0.0168 4  ALA A C   
64   O O   . ALA A 4  ? 0.3140 0.2145 0.2035 0.0434  -0.0613 -0.0316 4  ALA A O   
65   C CB  . ALA A 4  ? 0.2827 0.2125 0.1927 0.0430  -0.0663 -0.0183 4  ALA A CB  
71   N N   . ASN A 5  ? 0.3010 0.2158 0.1998 0.0132  -0.0575 -0.0062 5  ASN A N   
72   C CA  . ASN A 5  ? 0.3268 0.2429 0.2188 -0.0014 -0.0575 -0.0111 5  ASN A CA  
73   C C   . ASN A 5  ? 0.2912 0.2414 0.1959 -0.0182 -0.0519 -0.0027 5  ASN A C   
74   O O   . ASN A 5  ? 0.2852 0.2417 0.1970 -0.0218 -0.0490 0.0142  5  ASN A O   
75   C CB  . ASN A 5  ? 0.3753 0.2596 0.2532 -0.0127 -0.0639 0.0008  5  ASN A CB  
76   C CG  . ASN A 5  ? 0.4790 0.3402 0.3353 -0.0209 -0.0712 -0.0145 5  ASN A CG  
77   O OD1 . ASN A 5  ? 0.5269 0.3948 0.3747 -0.0086 -0.0688 -0.0365 5  ASN A OD1 
78   N ND2 . ASN A 5  ? 0.5383 0.3718 0.3820 -0.0409 -0.0819 -0.0014 5  ASN A ND2 
85   N N   . PHE A 6  ? 0.2793 0.2512 0.1839 -0.0239 -0.0500 -0.0138 6  PHE A N   
86   C CA  . PHE A 6  ? 0.2554 0.2655 0.1748 -0.0388 -0.0443 -0.0047 6  PHE A CA  
87   C C   . PHE A 6  ? 0.2747 0.2950 0.1822 -0.0507 -0.0441 -0.0091 6  PHE A C   
88   O O   . PHE A 6  ? 0.2979 0.3006 0.1838 -0.0417 -0.0486 -0.0279 6  PHE A O   
89   C CB  . PHE A 6  ? 0.2500 0.2959 0.1875 -0.0337 -0.0426 -0.0097 6  PHE A CB  
90   C CG  . PHE A 6  ? 0.2627 0.2968 0.2076 -0.0252 -0.0477 -0.0079 6  PHE A CG  
91   C CD1 . PHE A 6  ? 0.2952 0.3201 0.2354 -0.0069 -0.0513 -0.0204 6  PHE A CD1 
92   C CD2 . PHE A 6  ? 0.2710 0.2971 0.2216 -0.0331 -0.0501 0.0060  6  PHE A CD2 
93   C CE1 . PHE A 6  ? 0.3055 0.3211 0.2500 0.0001  -0.0582 -0.0191 6  PHE A CE1 
94   C CE2 . PHE A 6  ? 0.2970 0.3035 0.2453 -0.0246 -0.0586 0.0043  6  PHE A CE2 
95   C CZ  . PHE A 6  ? 0.2957 0.2997 0.2423 -0.0096 -0.0632 -0.0081 6  PHE A CZ  
105  N N   . LEU A 7  ? 0.2496 0.2957 0.1666 -0.0686 -0.0399 0.0077  7  LEU A N   
106  C CA  . LEU A 7  ? 0.2808 0.3468 0.1877 -0.0816 -0.0401 0.0049  7  LEU A CA  
107  C C   . LEU A 7  ? 0.2641 0.3819 0.1942 -0.0885 -0.0307 0.0174  7  LEU A C   
108  O O   . LEU A 7  ? 0.2600 0.3838 0.2061 -0.0946 -0.0266 0.0381  7  LEU A O   
109  C CB  . LEU A 7  ? 0.3049 0.3539 0.1999 -0.1011 -0.0466 0.0197  7  LEU A CB  
110  C CG  . LEU A 7  ? 0.3601 0.4225 0.2373 -0.1181 -0.0523 0.0149  7  LEU A CG  
111  C CD1 . LEU A 7  ? 0.4240 0.4511 0.2807 -0.1378 -0.0680 0.0218  7  LEU A CD1 
112  C CD2 . LEU A 7  ? 0.3385 0.4556 0.2375 -0.1307 -0.0419 0.0367  7  LEU A CD2 
124  N N   . VAL A 8  ? 0.2523 0.4059 0.1825 -0.0833 -0.0277 0.0064  8  VAL A N   
125  C CA  . VAL A 8  ? 0.2238 0.4331 0.1771 -0.0931 -0.0197 0.0226  8  VAL A CA  
126  C C   . VAL A 8  ? 0.2494 0.4914 0.1859 -0.0948 -0.0179 0.0146  8  VAL A C   
127  O O   . VAL A 8  ? 0.2466 0.5076 0.1703 -0.0771 -0.0168 -0.0026 8  VAL A O   
128  C CB  . VAL A 8  ? 0.2199 0.4603 0.1984 -0.0856 -0.0177 0.0262  8  VAL A CB  
129  C CG1 . VAL A 8  ? 0.1982 0.4975 0.2034 -0.0996 -0.0115 0.0489  8  VAL A CG1 
130  C CG2 . VAL A 8  ? 0.2219 0.4236 0.2089 -0.0841 -0.0235 0.0305  8  VAL A CG2 
140  N N   . ORN A 9  ? 0.5265 0.7178 0.3118 -0.0674 -0.0434 -0.0653 9  ORN A N   
141  C CA  . ORN A 9  ? 0.4610 0.6689 0.2825 -0.0685 -0.0355 -0.0511 9  ORN A CA  
142  C CB  . ORN A 9  ? 0.4203 0.5997 0.2629 -0.0977 -0.0405 -0.0290 9  ORN A CB  
143  C CG  . ORN A 9  ? 0.3839 0.6094 0.2595 -0.1199 -0.0318 0.0011  9  ORN A CG  
144  C CD  . ORN A 9  ? 0.3255 0.6062 0.2421 -0.1170 -0.0175 0.0213  9  ORN A CD  
145  N NE  . ORN A 9  ? 0.2766 0.5293 0.2104 -0.1140 -0.0174 0.0288  9  ORN A NE  
146  C C   . ORN A 9  ? 0.4730 0.6384 0.2736 -0.0394 -0.0387 -0.0737 9  ORN A C   
147  O O   . ORN A 9  ? 0.5615 0.6801 0.3112 -0.0211 -0.0486 -0.1011 9  ORN A O   
159  N N   . ILE A 10 ? 0.3704 0.5503 0.2084 -0.0329 -0.0310 -0.0615 10 ILE A N   
160  C CA  . ILE A 10 ? 0.3975 0.5444 0.2217 -0.0047 -0.0327 -0.0783 10 ILE A CA  
161  C C   . ILE A 10 ? 0.3767 0.4700 0.2127 -0.0206 -0.0400 -0.0698 10 ILE A C   
162  O O   . ILE A 10 ? 0.3302 0.4393 0.1995 -0.0420 -0.0371 -0.0470 10 ILE A O   
163  C CB  . ILE A 10 ? 0.4033 0.6164 0.2579 0.0165  -0.0209 -0.0702 10 ILE A CB  
164  C CG1 . ILE A 10 ? 0.3853 0.6197 0.2906 -0.0068 -0.0191 -0.0438 10 ILE A CG1 
165  C CG2 . ILE A 10 ? 0.4310 0.7167 0.2819 0.0296  -0.0115 -0.0685 10 ILE A CG2 
166  C CD1 . ILE A 10 ? 0.3954 0.6957 0.3353 0.0012  -0.0134 -0.0293 10 ILE A CD1 
178  N N   . LYS A 11 ? 0.4256 0.4547 0.2307 -0.0070 -0.0495 -0.0868 11 LYS A N   
179  C CA  . LYS A 11 ? 0.4448 0.4285 0.2595 -0.0193 -0.0562 -0.0760 11 LYS A CA  
180  C C   . LYS A 11 ? 0.4408 0.3961 0.2470 0.0097  -0.0567 -0.0885 11 LYS A C   
181  O O   . LYS A 11 ? 0.4962 0.4311 0.2682 0.0372  -0.0583 -0.1102 11 LYS A O   
182  C CB  . LYS A 11 ? 0.5478 0.4771 0.3346 -0.0431 -0.0720 -0.0749 11 LYS A CB  
183  C CG  . LYS A 11 ? 0.6020 0.5029 0.4049 -0.0588 -0.0776 -0.0536 11 LYS A CG  
184  C CD  . LYS A 11 ? 0.6956 0.5463 0.4716 -0.0849 -0.0972 -0.0480 11 LYS A CD  
185  C CE  . LYS A 11 ? 0.7980 0.5740 0.5252 -0.0699 -0.1129 -0.0752 11 LYS A CE  
186  N NZ  . LYS A 11 ? 0.8607 0.5847 0.5664 -0.0982 -0.1343 -0.0662 11 LYS A NZ  
200  N N   . HAO A 12 ? 0.3719 0.3247 0.2051 0.0080  -0.0552 -0.0746 12 HAO A N   
201  N N9  . HAO A 12 ? 0.3795 0.3095 0.2051 0.0339  -0.0562 -0.0840 12 HAO A N9  
202  C C10 . HAO A 12 ? 0.3511 0.2826 0.2002 0.0358  -0.0553 -0.0722 12 HAO A C10 
203  O O11 . HAO A 12 ? 0.3155 0.2652 0.1892 0.0172  -0.0537 -0.0548 12 HAO A O11 
204  C CA  . HAO A 12 ? 0.3759 0.2848 0.2142 0.0654  -0.0565 -0.0820 12 HAO A CA  
205  C C13 . HAO A 12 ? 0.3536 0.2606 0.2106 0.0662  -0.0577 -0.0703 12 HAO A C13 
206  C C14 . HAO A 12 ? 0.4255 0.3161 0.2319 0.0955  -0.0563 -0.1016 12 HAO A C14 
207  C C15 . HAO A 12 ? 0.5107 0.3974 0.2543 0.1420  -0.0518 -0.1360 12 HAO A C15 
208  O O15 . HAO A 12 ? 0.4592 0.3497 0.2373 0.1008  -0.0557 -0.1164 12 HAO A O15 
209  C C17 . HAO A 12 ? 0.4462 0.3197 0.2456 0.1247  -0.0560 -0.1061 12 HAO A C17 
210  C C18 . HAO A 12 ? 0.4164 0.2935 0.2403 0.1212  -0.0573 -0.0923 12 HAO A C18 
211  C C19 . HAO A 12 ? 0.3745 0.2660 0.2245 0.0924  -0.0587 -0.0759 12 HAO A C19 
212  N N20 . HAO A 12 ? 0.3587 0.2534 0.2265 0.0920  -0.0606 -0.0635 12 HAO A N20 
213  C C21 . HAO A 12 ? 0.3604 0.2695 0.2343 0.1152  -0.0604 -0.0653 12 HAO A C21 
214  O O22 . HAO A 12 ? 0.3892 0.3115 0.2549 0.1398  -0.0571 -0.0753 12 HAO A O22 
215  C C   . HAO A 12 ? 0.3398 0.2522 0.2275 0.1115  -0.0645 -0.0531 12 HAO A C   
221  O OXT . HAO A 12 ? 0.3433 0.2384 0.2314 0.0960  -0.0663 -0.0420 12 HAO A OXT 
226  N N   . LYS A 13 ? 0.3561 0.2966 0.2532 0.1286  -0.0664 -0.0544 13 LYS A N   
227  C CA  . LYS A 13 ? 0.3625 0.3056 0.2660 0.1282  -0.0731 -0.0466 13 LYS A CA  
228  C C   . LYS A 13 ? 0.3718 0.3612 0.2935 0.1157  -0.0797 -0.0466 13 LYS A C   
229  O O   . LYS A 13 ? 0.3449 0.3768 0.2780 0.1253  -0.0804 -0.0484 13 LYS A O   
230  C CB  . LYS A 13 ? 0.3796 0.3137 0.2761 0.1555  -0.0740 -0.0457 13 LYS A CB  
231  C CG  . LYS A 13 ? 0.3917 0.3252 0.2876 0.1587  -0.0811 -0.0384 13 LYS A CG  
232  C CD  . LYS A 13 ? 0.4307 0.3568 0.3207 0.1702  -0.0741 -0.0334 13 LYS A CD  
233  C CE  . LYS A 13 ? 0.4392 0.3651 0.3255 0.1653  -0.0746 -0.0260 13 LYS A CE  
234  N NZ  . LYS A 13 ? 0.4464 0.3748 0.3315 0.1761  -0.0687 -0.0197 13 LYS A NZ  
303  N N   . LEU B 3  ? 0.3526 0.3777 0.3225 0.0170  -0.0025 0.1407  3  LEU B N   
304  C CA  . LEU B 3  ? 0.2742 0.3204 0.2626 0.0100  -0.0096 0.1352  3  LEU B CA  
305  C C   . LEU B 3  ? 0.2450 0.2757 0.2452 -0.0013 -0.0044 0.1123  3  LEU B C   
306  O O   . LEU B 3  ? 0.2353 0.2531 0.2203 -0.0085 -0.0059 0.1038  3  LEU B O   
307  C CB  . LEU B 3  ? 0.2756 0.3485 0.2495 -0.0034 -0.0327 0.1299  3  LEU B CB  
308  C CG  . LEU B 3  ? 0.2697 0.3683 0.2636 -0.0100 -0.0390 0.1266  3  LEU B CG  
309  C CD1 . LEU B 3  ? 0.2879 0.4158 0.3054 0.0067  -0.0318 0.1427  3  LEU B CD1 
310  C CD2 . LEU B 3  ? 0.2741 0.3794 0.2528 -0.0299 -0.0545 0.1135  3  LEU B CD2 
322  N N   . ALA B 4  ? 0.2315 0.2662 0.2548 -0.0005 0.0018  0.1031  4  ALA B N   
323  C CA  . ALA B 4  ? 0.2239 0.2547 0.2565 -0.0115 0.0027  0.0809  4  ALA B CA  
324  C C   . ALA B 4  ? 0.1874 0.2401 0.2265 -0.0122 -0.0063 0.0743  4  ALA B C   
325  O O   . ALA B 4  ? 0.1949 0.2545 0.2448 -0.0010 -0.0010 0.0819  4  ALA B O   
326  C CB  . ALA B 4  ? 0.2589 0.2656 0.3096 -0.0128 0.0217  0.0717  4  ALA B CB  
332  N N   . ASN B 5  ? 0.1680 0.2306 0.1983 -0.0216 -0.0168 0.0629  5  ASN B N   
333  C CA  . ASN B 5  ? 0.1690 0.2501 0.2065 -0.0212 -0.0216 0.0552  5  ASN B CA  
334  C C   . ASN B 5  ? 0.1773 0.2577 0.2164 -0.0254 -0.0193 0.0345  5  ASN B C   
335  O O   . ASN B 5  ? 0.1850 0.2600 0.2136 -0.0300 -0.0192 0.0307  5  ASN B O   
336  C CB  . ASN B 5  ? 0.1635 0.2629 0.1870 -0.0284 -0.0361 0.0640  5  ASN B CB  
337  C CG  . ASN B 5  ? 0.1640 0.2843 0.1902 -0.0278 -0.0434 0.0851  5  ASN B CG  
338  O OD1 . ASN B 5  ? 0.1940 0.3176 0.2307 -0.0159 -0.0363 0.0978  5  ASN B OD1 
339  N ND2 . ASN B 5  ? 0.1457 0.2769 0.1609 -0.0412 -0.0534 0.0876  5  ASN B ND2 
346  N N   . PHE B 6  ? 0.1738 0.2641 0.2231 -0.0210 -0.0173 0.0231  6  PHE B N   
347  C CA  . PHE B 6  ? 0.1694 0.2700 0.2182 -0.0235 -0.0179 0.0042  6  PHE B CA  
348  C C   . PHE B 6  ? 0.1595 0.2780 0.2065 -0.0154 -0.0211 -0.0004 6  PHE B C   
349  O O   . PHE B 6  ? 0.1665 0.2880 0.2186 -0.0070 -0.0193 0.0076  6  PHE B O   
350  C CB  . PHE B 6  ? 0.1909 0.2819 0.2527 -0.0300 -0.0099 -0.0121 6  PHE B CB  
351  C CG  . PHE B 6  ? 0.2306 0.3041 0.2957 -0.0236 -0.0022 -0.0182 6  PHE B CG  
352  C CD1 . PHE B 6  ? 0.2537 0.3010 0.3203 -0.0171 0.0082  -0.0050 6  PHE B CD1 
353  C CD2 . PHE B 6  ? 0.2557 0.3374 0.3168 -0.0198 -0.0034 -0.0354 6  PHE B CD2 
354  C CE1 . PHE B 6  ? 0.2973 0.3217 0.3592 -0.0052 0.0198  -0.0081 6  PHE B CE1 
355  C CE2 . PHE B 6  ? 0.2875 0.3441 0.3419 -0.0098 0.0065  -0.0408 6  PHE B CE2 
356  C CZ  . PHE B 6  ? 0.3060 0.3318 0.3599 -0.0017 0.0192  -0.0264 6  PHE B CZ  
366  N N   . LEU B 7  ? 0.1688 0.3028 0.2078 -0.0143 -0.0237 -0.0105 7  LEU B N   
367  C CA  . LEU B 7  ? 0.1700 0.3219 0.2048 -0.0037 -0.0246 -0.0161 7  LEU B CA  
368  C C   . LEU B 7  ? 0.1431 0.3140 0.1775 -0.0026 -0.0250 -0.0357 7  LEU B C   
369  O O   . LEU B 7  ? 0.1474 0.3299 0.1765 -0.0048 -0.0257 -0.0356 7  LEU B O   
370  C CB  . LEU B 7  ? 0.1791 0.3349 0.1978 -0.0014 -0.0273 -0.0021 7  LEU B CB  
371  C CG  . LEU B 7  ? 0.1923 0.3661 0.2078 0.0114  -0.0250 -0.0032 7  LEU B CG  
372  C CD1 . LEU B 7  ? 0.2297 0.4013 0.2401 0.0069  -0.0259 0.0168  7  LEU B CD1 
373  C CD2 . LEU B 7  ? 0.1824 0.3638 0.1831 0.0207  -0.0204 -0.0133 7  LEU B CD2 
385  N N   . VAL B 8  ? 0.1207 0.2975 0.1576 0.0020  -0.0241 -0.0515 8  VAL B N   
386  C CA  . VAL B 8  ? 0.1313 0.3351 0.1662 0.0005  -0.0281 -0.0714 8  VAL B CA  
387  C C   . VAL B 8  ? 0.1563 0.3737 0.1784 0.0188  -0.0278 -0.0776 8  VAL B C   
388  O O   . VAL B 8  ? 0.1756 0.3758 0.1932 0.0236  -0.0245 -0.0863 8  VAL B O   
389  C CB  . VAL B 8  ? 0.1708 0.3643 0.2161 -0.0196 -0.0285 -0.0905 8  VAL B CB  
390  C CG1 . VAL B 8  ? 0.2117 0.4329 0.2533 -0.0234 -0.0325 -0.1069 8  VAL B CG1 
391  C CG2 . VAL B 8  ? 0.1606 0.3446 0.2195 -0.0343 -0.0261 -0.0800 8  VAL B CG2 
401  N N   . ORN B 9  ? 0.2153 0.4408 0.2128 0.0912  -0.0042 -0.0357 9  ORN B N   
402  C CA  . ORN B 9  ? 0.2099 0.4234 0.2152 0.0705  -0.0111 -0.0505 9  ORN B CA  
403  C CB  . ORN B 9  ? 0.1816 0.4003 0.1917 0.0560  -0.0162 -0.0394 9  ORN B CB  
404  C CG  . ORN B 9  ? 0.1768 0.4081 0.1716 0.0604  -0.0138 -0.0460 9  ORN B CG  
405  C CD  . ORN B 9  ? 0.1761 0.4190 0.1783 0.0525  -0.0181 -0.0660 9  ORN B CD  
406  N NE  . ORN B 9  ? 0.1613 0.3902 0.1725 0.0324  -0.0221 -0.0656 9  ORN B NE  
407  C C   . ORN B 9  ? 0.2277 0.4134 0.2429 0.0661  -0.0062 -0.0438 9  ORN B C   
408  O O   . ORN B 9  ? 0.2438 0.4320 0.2667 0.0769  0.0003  -0.0220 9  ORN B O   
420  N N   . ILE B 10 ? 0.2129 0.3746 0.2286 0.0503  -0.0078 -0.0605 10 ILE B N   
421  C CA  . ILE B 10 ? 0.2350 0.3647 0.2561 0.0484  0.0002  -0.0528 10 ILE B CA  
422  C C   . ILE B 10 ? 0.2097 0.3451 0.2475 0.0345  -0.0049 -0.0337 10 ILE B C   
423  O O   . ILE B 10 ? 0.2063 0.3536 0.2462 0.0210  -0.0130 -0.0369 10 ILE B O   
424  C CB  . ILE B 10 ? 0.3216 0.4130 0.3301 0.0370  0.0045  -0.0791 10 ILE B CB  
425  C CG1 . ILE B 10 ? 0.4277 0.5046 0.4088 0.0536  0.0105  -0.0969 10 ILE B CG1 
426  C CG2 . ILE B 10 ? 0.3476 0.3990 0.3597 0.0356  0.0167  -0.0672 10 ILE B CG2 
427  C CD1 . ILE B 10 ? 0.5388 0.5636 0.4956 0.0417  0.0169  -0.1246 10 ILE B CD1 
439  N N   . LYS B 11 ? 0.2029 0.3327 0.2491 0.0413  0.0008  -0.0117 11 LYS B N   
440  C CA  . LYS B 11 ? 0.1983 0.3359 0.2552 0.0300  -0.0052 0.0081  11 LYS B CA  
441  C C   . LYS B 11 ? 0.2036 0.3187 0.2648 0.0351  0.0043  0.0189  11 LYS B C   
442  O O   . LYS B 11 ? 0.2570 0.3583 0.3140 0.0540  0.0176  0.0225  11 LYS B O   
443  C CB  . LYS B 11 ? 0.2279 0.3989 0.2916 0.0323  -0.0109 0.0318  11 LYS B CB  
444  C CG  . LYS B 11 ? 0.2682 0.4577 0.3249 0.0336  -0.0143 0.0278  11 LYS B CG  
445  C CD  . LYS B 11 ? 0.3199 0.5333 0.3834 0.0316  -0.0156 0.0525  11 LYS B CD  
446  C CE  . LYS B 11 ? 0.3773 0.5965 0.4296 0.0368  -0.0113 0.0498  11 LYS B CE  
447  N NZ  . LYS B 11 ? 0.4226 0.6482 0.4735 0.0622  -0.0012 0.0443  11 LYS B NZ  
461  N N   . HAO B 12 ? 0.1789 0.2880 0.2443 0.0222  0.0000  0.0272  12 HAO B N   
462  N N9  . HAO B 12 ? 0.1881 0.2791 0.2559 0.0300  0.0102  0.0404  12 HAO B N9  
463  C C10 . HAO B 12 ? 0.1702 0.2571 0.2395 0.0209  0.0067  0.0513  12 HAO B C10 
464  O O11 . HAO B 12 ? 0.1435 0.2369 0.2092 0.0048  -0.0049 0.0476  12 HAO B O11 
465  C CA  . HAO B 12 ? 0.1898 0.2589 0.2596 0.0364  0.0215  0.0689  12 HAO B CA  
466  C C13 . HAO B 12 ? 0.1870 0.2506 0.2556 0.0299  0.0195  0.0794  12 HAO B C13 
467  C C14 . HAO B 12 ? 0.2270 0.2836 0.2935 0.0618  0.0394  0.0777  12 HAO B C14 
468  C C15 . HAO B 12 ? 0.2928 0.3404 0.3451 0.1039  0.0631  0.0806  12 HAO B C15 
469  O O15 . HAO B 12 ? 0.2446 0.3034 0.3064 0.0724  0.0433  0.0675  12 HAO B O15 
470  C C17 . HAO B 12 ? 0.2503 0.2891 0.3129 0.0808  0.0563  0.0985  12 HAO B C17 
471  C C18 . HAO B 12 ? 0.2566 0.2938 0.3210 0.0729  0.0531  0.1088  12 HAO B C18 
472  C C19 . HAO B 12 ? 0.2306 0.2804 0.2976 0.0475  0.0343  0.0989  12 HAO B C19 
473  N N20 . HAO B 12 ? 0.2398 0.2834 0.3026 0.0417  0.0325  0.1084  12 HAO B N20 
474  C C21 . HAO B 12 ? 0.2653 0.2854 0.3233 0.0585  0.0508  0.1260  12 HAO B C21 
475  O O22 . HAO B 12 ? 0.3142 0.3143 0.3691 0.0818  0.0716  0.1369  12 HAO B O22 
476  C C   . HAO B 12 ? 0.2695 0.2846 0.3207 0.0511  0.0471  0.1335  12 HAO B C   
482  O OXT . HAO B 12 ? 0.2375 0.2684 0.2832 0.0336  0.0287  0.1263  12 HAO B OXT 
487  N N   . LYS B 13 ? 0.3040 0.2878 0.3500 0.0677  0.0695  0.1486  13 LYS B N   
488  C CA  . LYS B 13 ? 0.3546 0.3288 0.3918 0.0679  0.0725  0.1600  13 LYS B CA  
489  C C   . LYS B 13 ? 0.4031 0.3272 0.4452 0.0537  0.0912  0.1441  13 LYS B C   
490  O O   . LYS B 13 ? 0.4101 0.2907 0.4527 0.0597  0.1157  0.1425  13 LYS B O   
491  C CB  . LYS B 13 ? 0.4325 0.4182 0.4625 0.0960  0.0839  0.1841  13 LYS B CB  
492  C CG  . LYS B 13 ? 0.5466 0.5372 0.5653 0.0988  0.0824  0.1896  13 LYS B CG  
493  C CD  . LYS B 13 ? 0.6576 0.6992 0.6719 0.1159  0.0735  0.2058  13 LYS B CD  
494  C CE  . LYS B 13 ? 0.7610 0.8100 0.7826 0.1432  0.0951  0.2203  13 LYS B CE  
495  N NZ  . LYS B 13 ? 0.8465 0.8381 0.8615 0.1600  0.1309  0.2229  13 LYS B NZ  
564  N N   . LEU C 3  ? 0.5134 0.7007 0.6665 0.1310  0.1103  0.0446  3  LEU C N   
565  C CA  . LEU C 3  ? 0.3880 0.6123 0.6118 0.0828  0.1024  0.0107  3  LEU C CA  
566  C C   . LEU C 3  ? 0.3006 0.4391 0.4851 0.0674  0.0923  0.0040  3  LEU C C   
567  O O   . LEU C 3  ? 0.3157 0.3687 0.4563 0.0786  0.1034  0.0229  3  LEU C O   
568  C CB  . LEU C 3  ? 0.4278 0.6876 0.7338 0.0562  0.1321  0.0069  3  LEU C CB  
569  C CG  . LEU C 3  ? 0.4577 0.7394 0.8309 0.0040  0.1286  -0.0275 3  LEU C CG  
570  C CD1 . LEU C 3  ? 0.4615 0.7967 0.8469 -0.0111 0.0919  -0.0605 3  LEU C CD1 
571  C CD2 . LEU C 3  ? 0.4814 0.8131 0.9220 -0.0221 0.1485  -0.0269 3  LEU C CD2 
583  N N   . ALA C 4  ? 0.2297 0.3905 0.4293 0.0446  0.0713  -0.0232 4  ALA C N   
584  C CA  . ALA C 4  ? 0.2161 0.3142 0.3999 0.0285  0.0664  -0.0316 4  ALA C CA  
585  C C   . ALA C 4  ? 0.2142 0.3527 0.4517 -0.0045 0.0621  -0.0663 4  ALA C C   
586  O O   . ALA C 4  ? 0.1932 0.4003 0.4542 -0.0109 0.0481  -0.0856 4  ALA C O   
587  C CB  . ALA C 4  ? 0.2244 0.2850 0.3472 0.0425  0.0467  -0.0222 4  ALA C CB  
593  N N   . ASN C 5  ? 0.2234 0.3121 0.4718 -0.0216 0.0731  -0.0746 5  ASN C N   
594  C CA  . ASN C 5  ? 0.2520 0.3535 0.5348 -0.0502 0.0712  -0.1067 5  ASN C CA  
595  C C   . ASN C 5  ? 0.2482 0.2792 0.5030 -0.0468 0.0732  -0.1076 5  ASN C C   
596  O O   . ASN C 5  ? 0.2581 0.2298 0.4841 -0.0306 0.0805  -0.0858 5  ASN C O   
597  C CB  . ASN C 5  ? 0.3231 0.4347 0.6571 -0.0787 0.0899  -0.1182 5  ASN C CB  
598  C CG  . ASN C 5  ? 0.3897 0.5900 0.7691 -0.0884 0.0823  -0.1248 5  ASN C CG  
599  O OD1 . ASN C 5  ? 0.4164 0.6730 0.7891 -0.0763 0.0586  -0.1317 5  ASN C OD1 
600  N ND2 . ASN C 5  ? 0.4399 0.6449 0.8515 -0.1059 0.0996  -0.1192 5  ASN C ND2 
607  N N   . PHE C 6  ? 0.2660 0.3035 0.5254 -0.0576 0.0654  -0.1327 6  PHE C N   
608  C CA  . PHE C 6  ? 0.2748 0.2590 0.5131 -0.0487 0.0674  -0.1346 6  PHE C CA  
609  C C   . PHE C 6  ? 0.2840 0.2648 0.5246 -0.0613 0.0699  -0.1594 6  PHE C C   
610  O O   . PHE C 6  ? 0.2934 0.3132 0.5474 -0.0763 0.0618  -0.1830 6  PHE C O   
611  C CB  . PHE C 6  ? 0.2581 0.2567 0.4756 -0.0304 0.0532  -0.1228 6  PHE C CB  
612  C CG  . PHE C 6  ? 0.2714 0.3220 0.4889 -0.0332 0.0446  -0.1395 6  PHE C CG  
613  C CD1 . PHE C 6  ? 0.3116 0.3591 0.5270 -0.0323 0.0477  -0.1596 6  PHE C CD1 
614  C CD2 . PHE C 6  ? 0.2698 0.3660 0.4796 -0.0306 0.0349  -0.1350 6  PHE C CD2 
615  C CE1 . PHE C 6  ? 0.3314 0.4164 0.5341 -0.0300 0.0423  -0.1747 6  PHE C CE1 
616  C CE2 . PHE C 6  ? 0.2893 0.4239 0.4863 -0.0282 0.0268  -0.1512 6  PHE C CE2 
617  C CZ  . PHE C 6  ? 0.3143 0.4411 0.5063 -0.0284 0.0311  -0.1709 6  PHE C CZ  
627  N N   . LEU C 7  ? 0.2903 0.2235 0.5044 -0.0511 0.0763  -0.1489 7  LEU C N   
628  C CA  . LEU C 7  ? 0.3252 0.2378 0.5230 -0.0549 0.0780  -0.1662 7  LEU C CA  
629  C C   . LEU C 7  ? 0.3316 0.2146 0.5015 -0.0293 0.0758  -0.1530 7  LEU C C   
630  O O   . LEU C 7  ? 0.3364 0.1898 0.4867 -0.0165 0.0746  -0.1300 7  LEU C O   
631  C CB  . LEU C 7  ? 0.3962 0.2727 0.5878 -0.0733 0.0892  -0.1699 7  LEU C CB  
632  C CG  . LEU C 7  ? 0.5166 0.3551 0.6781 -0.0773 0.0880  -0.1887 7  LEU C CG  
633  C CD1 . LEU C 7  ? 0.5694 0.3978 0.7418 -0.1100 0.0915  -0.2043 7  LEU C CD1 
634  C CD2 . LEU C 7  ? 0.6137 0.3914 0.7299 -0.0537 0.0918  -0.1744 7  LEU C CD2 
646  N N   . VAL C 8  ? 0.3424 0.2372 0.5086 -0.0193 0.0737  -0.1681 8  VAL C N   
647  C CA  . VAL C 8  ? 0.3587 0.2341 0.5077 0.0070  0.0741  -0.1602 8  VAL C CA  
648  C C   . VAL C 8  ? 0.4219 0.2780 0.5444 0.0159  0.0806  -0.1822 8  VAL C C   
649  O O   . VAL C 8  ? 0.4078 0.2952 0.5353 0.0218  0.0833  -0.1973 8  VAL C O   
650  C CB  . VAL C 8  ? 0.3107 0.2287 0.4897 0.0209  0.0690  -0.1503 8  VAL C CB  
651  C CG1 . VAL C 8  ? 0.3323 0.2397 0.5068 0.0493  0.0693  -0.1428 8  VAL C CG1 
652  C CG2 . VAL C 8  ? 0.2719 0.1973 0.4634 0.0139  0.0590  -0.1299 8  VAL C CG2 
662  N N   . ORN C 9  ? 0.7802 0.5293 0.7650 0.0014  0.0745  -0.2744 9  ORN C N   
663  C CA  . ORN C 9  ? 0.6710 0.4810 0.7168 -0.0027 0.0779  -0.2511 9  ORN C CA  
664  C CB  . ORN C 9  ? 0.6497 0.4354 0.7104 -0.0216 0.0781  -0.2348 9  ORN C CB  
665  C CG  . ORN C 9  ? 0.6706 0.3986 0.6958 0.0026  0.0839  -0.2214 9  ORN C CG  
666  C CD  . ORN C 9  ? 0.6005 0.3558 0.6403 0.0330  0.0870  -0.2023 9  ORN C CD  
667  N NE  . ORN C 9  ? 0.5198 0.3142 0.6012 0.0203  0.0831  -0.1832 9  ORN C NE  
668  C C   . ORN C 9  ? 0.6451 0.5221 0.7269 -0.0196 0.0683  -0.2585 9  ORN C C   
669  O O   . ORN C 9  ? 0.6908 0.5747 0.7687 -0.0419 0.0545  -0.2778 9  ORN C O   
681  N N   . ILE C 10 ? 0.5186 0.4455 0.6340 -0.0079 0.0722  -0.2421 10 ILE C N   
682  C CA  . ILE C 10 ? 0.4832 0.4668 0.6195 -0.0177 0.0626  -0.2478 10 ILE C CA  
683  C C   . ILE C 10 ? 0.4248 0.4179 0.5946 -0.0419 0.0558  -0.2378 10 ILE C C   
684  O O   . ILE C 10 ? 0.4131 0.3806 0.5941 -0.0408 0.0632  -0.2160 10 ILE C O   
685  C CB  . ILE C 10 ? 0.4735 0.4979 0.6201 0.0043  0.0715  -0.2340 10 ILE C CB  
686  C CG1 . ILE C 10 ? 0.4532 0.4773 0.6325 0.0070  0.0740  -0.2045 10 ILE C CG1 
687  C CG2 . ILE C 10 ? 0.5256 0.5446 0.6441 0.0319  0.0864  -0.2363 10 ILE C CG2 
688  C CD1 . ILE C 10 ? 0.4353 0.5036 0.6269 0.0160  0.0745  -0.1780 10 ILE C CD1 
700  N N   . LYS C 11 ? 0.4235 0.4535 0.6035 -0.0593 0.0411  -0.2520 11 LYS C N   
701  C CA  . LYS C 11 ? 0.4312 0.4788 0.6457 -0.0801 0.0378  -0.2430 11 LYS C CA  
702  C C   . LYS C 11 ? 0.3519 0.4659 0.5801 -0.0810 0.0207  -0.2471 11 LYS C C   
703  O O   . LYS C 11 ? 0.3799 0.5213 0.5869 -0.0761 0.0047  -0.2665 11 LYS C O   
704  C CB  . LYS C 11 ? 0.5631 0.5866 0.7803 -0.1046 0.0361  -0.2546 11 LYS C CB  
705  C CG  . LYS C 11 ? 0.7013 0.6553 0.8790 -0.1007 0.0444  -0.2605 11 LYS C CG  
706  C CD  . LYS C 11 ? 0.8328 0.7545 1.0085 -0.1303 0.0408  -0.2721 11 LYS C CD  
707  C CE  . LYS C 11 ? 0.9493 0.7955 1.0669 -0.1244 0.0407  -0.2857 11 LYS C CE  
708  N NZ  . LYS C 11 ? 1.0367 0.8361 1.1470 -0.1560 0.0375  -0.2948 11 LYS C NZ  
722  N N   . HAO C 12 ? 0.2986 0.4348 0.5512 -0.0805 0.0235  -0.2227 12 HAO C N   
723  N N9  . HAO C 12 ? 0.2487 0.4421 0.5030 -0.0719 0.0094  -0.2156 12 HAO C N9  
724  C C10 . HAO C 12 ? 0.2311 0.4443 0.5039 -0.0672 0.0138  -0.1902 12 HAO C C10 
725  O O11 . HAO C 12 ? 0.2481 0.4243 0.5326 -0.0702 0.0311  -0.1718 12 HAO C O11 
726  C CA  . HAO C 12 ? 0.2107 0.4846 0.4753 -0.0503 -0.0026 -0.1850 12 HAO C CA  
727  C C13 . HAO C 12 ? 0.1911 0.4738 0.4565 -0.0348 0.0045  -0.1556 12 HAO C C13 
728  C C14 . HAO C 12 ? 0.2287 0.5414 0.4752 -0.0443 -0.0244 -0.2087 12 HAO C C14 
729  C C15 . HAO C 12 ? 0.3085 0.6304 0.5262 -0.0539 -0.0552 -0.2667 12 HAO C C15 
730  O O15 . HAO C 12 ? 0.2672 0.5584 0.4990 -0.0547 -0.0305 -0.2384 12 HAO C O15 
731  C C17 . HAO C 12 ? 0.2274 0.5907 0.4580 -0.0211 -0.0398 -0.2014 12 HAO C C17 
732  C C18 . HAO C 12 ? 0.2102 0.5847 0.4436 -0.0046 -0.0314 -0.1711 12 HAO C C18 
733  C C19 . HAO C 12 ? 0.1939 0.5267 0.4437 -0.0121 -0.0089 -0.1486 12 HAO C C19 
734  N N20 . HAO C 12 ? 0.1898 0.5155 0.4276 0.0089  0.0020  -0.1166 12 HAO C N20 
735  C C21 . HAO C 12 ? 0.2330 0.5697 0.4190 0.0436  -0.0066 -0.0987 12 HAO C C21 
736  O O22 . HAO C 12 ? 0.2346 0.5901 0.3832 0.0586  -0.0231 -0.1083 12 HAO C O22 
737  C C   . HAO C 12 ? 0.2860 0.5965 0.4542 0.0655  0.0090  -0.0651 12 HAO C C   
743  O OXT . HAO C 12 ? 0.3341 0.6436 0.5460 0.0543  0.0269  -0.0587 12 HAO C OXT 
748  N N   . LYS C 13 ? 0.2958 0.5712 0.3876 0.0987  0.0048  -0.0417 13 LYS C N   
749  C CA  . LYS C 13 ? 0.3607 0.5912 0.4156 0.1245  0.0187  -0.0091 13 LYS C CA  
750  C C   . LYS C 13 ? 0.5093 0.6497 0.4741 0.1363  0.0125  0.0108  13 LYS C C   
751  O O   . LYS C 13 ? 0.4359 0.5716 0.3603 0.1388  0.0004  0.0054  13 LYS C O   
752  C CB  . LYS C 13 ? 0.3614 0.6562 0.4206 0.1598  0.0204  0.0005  13 LYS C CB  
753  C CG  . LYS C 13 ? 0.4194 0.7160 0.4027 0.1975  0.0039  0.0066  13 LYS C CG  
754  C CD  . LYS C 13 ? 0.4738 0.8346 0.4678 0.2239  0.0039  0.0118  13 LYS C CD  
755  C CE  . LYS C 13 ? 0.5056 0.9191 0.4826 0.2359  -0.0191 -0.0098 13 LYS C CE  
756  N NZ  . LYS C 13 ? 0.5687 1.0001 0.5037 0.2741  -0.0155 0.0036  13 LYS C NZ  
824  N N   . LEU D 3  ? 0.4946 0.3685 0.7291 0.0822  0.1530  0.0167  3  LEU D N   
825  C CA  . LEU D 3  ? 0.3498 0.2248 0.5607 0.0585  0.1209  0.0201  3  LEU D CA  
826  C C   . LEU D 3  ? 0.3085 0.2046 0.5301 0.0405  0.1359  0.0285  3  LEU D C   
827  O O   . LEU D 3  ? 0.3263 0.2057 0.5235 0.0446  0.1647  0.0356  3  LEU D O   
828  C CB  . LEU D 3  ? 0.3758 0.1975 0.4982 0.0502  0.0998  0.0245  3  LEU D CB  
829  C CG  . LEU D 3  ? 0.4164 0.2006 0.5115 0.0668  0.0787  0.0179  3  LEU D CG  
830  C CD1 . LEU D 3  ? 0.4689 0.1892 0.4785 0.0538  0.0648  0.0229  3  LEU D CD1 
831  C CD2 . LEU D 3  ? 0.3980 0.2021 0.5213 0.0687  0.0528  0.0135  3  LEU D CD2 
843  N N   . ALA D 4  ? 0.3044 0.2290 0.5500 0.0260  0.1154  0.0276  4  ALA D N   
844  C CA  . ALA D 4  ? 0.2906 0.2321 0.5456 0.0137  0.1272  0.0336  4  ALA D CA  
845  C C   . ALA D 4  ? 0.2610 0.2167 0.4956 0.0001  0.0975  0.0342  4  ALA D C   
846  O O   . ALA D 4  ? 0.2611 0.2240 0.5018 0.0018  0.0722  0.0293  4  ALA D O   
847  C CB  . ALA D 4  ? 0.2613 0.2334 0.6025 0.0156  0.1470  0.0291  4  ALA D CB  
853  N N   . ASN D 5  ? 0.2804 0.2380 0.4858 -0.0082 0.1020  0.0399  5  ASN D N   
854  C CA  . ASN D 5  ? 0.2716 0.2517 0.4632 -0.0175 0.0798  0.0399  5  ASN D CA  
855  C C   . ASN D 5  ? 0.2571 0.2464 0.4485 -0.0161 0.0887  0.0414  5  ASN D C   
856  O O   . ASN D 5  ? 0.2912 0.2573 0.4560 -0.0106 0.1092  0.0454  5  ASN D O   
857  C CB  . ASN D 5  ? 0.3162 0.2874 0.4561 -0.0296 0.0681  0.0427  5  ASN D CB  
858  C CG  . ASN D 5  ? 0.3493 0.3521 0.4819 -0.0387 0.0526  0.0439  5  ASN D CG  
859  O OD1 . ASN D 5  ? 0.3540 0.3664 0.4957 -0.0360 0.0408  0.0447  5  ASN D OD1 
860  N ND2 . ASN D 5  ? 0.3817 0.4002 0.4940 -0.0445 0.0519  0.0422  5  ASN D ND2 
867  N N   . PHE D 6  ? 0.2110 0.2250 0.4217 -0.0157 0.0723  0.0377  6  PHE D N   
868  C CA  . PHE D 6  ? 0.2083 0.2240 0.4165 -0.0111 0.0764  0.0376  6  PHE D CA  
869  C C   . PHE D 6  ? 0.2163 0.2598 0.3963 -0.0090 0.0536  0.0346  6  PHE D C   
870  O O   . PHE D 6  ? 0.2237 0.2873 0.4061 -0.0105 0.0364  0.0329  6  PHE D O   
871  C CB  . PHE D 6  ? 0.1948 0.2093 0.4645 -0.0094 0.0796  0.0322  6  PHE D CB  
872  C CG  . PHE D 6  ? 0.2217 0.2195 0.5323 -0.0118 0.1087  0.0344  6  PHE D CG  
873  C CD1 . PHE D 6  ? 0.2216 0.2308 0.5748 -0.0094 0.0998  0.0254  6  PHE D CD1 
874  C CD2 . PHE D 6  ? 0.2532 0.2178 0.5381 -0.0076 0.1406  0.0430  6  PHE D CD2 
875  C CE1 . PHE D 6  ? 0.2288 0.2248 0.6092 -0.0058 0.1232  0.0242  6  PHE D CE1 
876  C CE2 . PHE D 6  ? 0.2741 0.2235 0.5810 -0.0025 0.1661  0.0429  6  PHE D CE2 
877  C CZ  . PHE D 6  ? 0.2578 0.2258 0.6161 -0.0030 0.1576  0.0338  6  PHE D CZ  
887  N N   . LEU D 7  ? 0.2112 0.2530 0.3598 -0.0011 0.0557  0.0344  7  LEU D N   
888  C CA  . LEU D 7  ? 0.2021 0.2770 0.3280 0.0065  0.0370  0.0292  7  LEU D CA  
889  C C   . LEU D 7  ? 0.2182 0.2749 0.3319 0.0232  0.0364  0.0261  7  LEU D C   
890  O O   . LEU D 7  ? 0.2694 0.2906 0.3549 0.0305  0.0520  0.0294  7  LEU D O   
891  C CB  . LEU D 7  ? 0.2230 0.3180 0.3168 0.0034  0.0339  0.0262  7  LEU D CB  
892  C CG  . LEU D 7  ? 0.2570 0.4006 0.3393 0.0126  0.0180  0.0182  7  LEU D CG  
893  C CD1 . LEU D 7  ? 0.2626 0.4451 0.3624 -0.0018 0.0148  0.0212  7  LEU D CD1 
894  C CD2 . LEU D 7  ? 0.3165 0.4718 0.3725 0.0193  0.0118  0.0078  7  LEU D CD2 
906  N N   . VAL D 8  ? 0.2169 0.2887 0.3405 0.0329  0.0181  0.0200  8  VAL D N   
907  C CA  . VAL D 8  ? 0.2359 0.2852 0.3406 0.0509  0.0116  0.0153  8  VAL D CA  
908  C C   . VAL D 8  ? 0.2245 0.3133 0.3066 0.0702  -0.0127 0.0063  8  VAL D C   
909  O O   . VAL D 8  ? 0.2242 0.3252 0.3222 0.0757  -0.0291 0.0013  8  VAL D O   
910  C CB  . VAL D 8  ? 0.2945 0.3066 0.4437 0.0452  0.0138  0.0135  8  VAL D CB  
911  C CG1 . VAL D 8  ? 0.3417 0.3145 0.4644 0.0609  0.0089  0.0099  8  VAL D CG1 
912  C CG2 . VAL D 8  ? 0.3390 0.3247 0.5255 0.0258  0.0445  0.0225  8  VAL D CG2 
922  N N   . ORN D 9  ? 0.2233 0.5058 0.2679 0.1049  -0.0324 0.0006  9  ORN D N   
923  C CA  . ORN D 9  ? 0.2174 0.4419 0.2782 0.0905  -0.0344 0.0021  9  ORN D CA  
924  C CB  . ORN D 9  ? 0.1969 0.4200 0.2640 0.0721  -0.0215 0.0040  9  ORN D CB  
925  C CG  . ORN D 9  ? 0.2206 0.4455 0.2594 0.0955  -0.0297 -0.0067 9  ORN D CG  
926  C CD  . ORN D 9  ? 0.2480 0.4073 0.2714 0.1084  -0.0344 -0.0077 9  ORN D CD  
927  N NE  . ORN D 9  ? 0.2400 0.3509 0.2821 0.0859  -0.0162 0.0020  9  ORN D NE  
928  C C   . ORN D 9  ? 0.2400 0.4405 0.3188 0.0766  -0.0331 0.0092  9  ORN D C   
929  O O   . ORN D 9  ? 0.2521 0.4708 0.3221 0.0726  -0.0263 0.0169  9  ORN D O   
941  N N   . ILE D 10 ? 0.2587 0.4143 0.3636 0.0714  -0.0390 0.0058  10 ILE D N   
942  C CA  . ILE D 10 ? 0.2880 0.4226 0.4177 0.0635  -0.0432 0.0069  10 ILE D CA  
943  C C   . ILE D 10 ? 0.2629 0.3924 0.4069 0.0370  -0.0208 0.0168  10 ILE D C   
944  O O   . ILE D 10 ? 0.2653 0.3872 0.4114 0.0286  -0.0073 0.0185  10 ILE D O   
945  C CB  . ILE D 10 ? 0.3393 0.4411 0.5047 0.0726  -0.0632 -0.0072 10 ILE D CB  
946  C CG1 . ILE D 10 ? 0.3795 0.4798 0.5216 0.1031  -0.0945 -0.0193 10 ILE D CG1 
947  C CG2 . ILE D 10 ? 0.3546 0.4373 0.5748 0.0553  -0.0573 -0.0088 10 ILE D CG2 
948  C CD1 . ILE D 10 ? 0.4146 0.4832 0.5681 0.1092  -0.1123 -0.0350 10 ILE D CD1 
960  N N   . LYS D 11 ? 0.2482 0.3746 0.3890 0.0282  -0.0173 0.0235  11 LYS D N   
961  C CA  . LYS D 11 ? 0.2653 0.3779 0.4151 0.0069  -0.0003 0.0304  11 LYS D CA  
962  C C   . LYS D 11 ? 0.2773 0.3647 0.4347 0.0076  -0.0059 0.0313  11 LYS D C   
963  O O   . LYS D 11 ? 0.3336 0.4147 0.4743 0.0235  -0.0213 0.0297  11 LYS D O   
964  C CB  . LYS D 11 ? 0.3254 0.4610 0.4509 -0.0097 0.0127  0.0378  11 LYS D CB  
965  C CG  . LYS D 11 ? 0.4325 0.5740 0.5371 -0.0195 0.0179  0.0477  11 LYS D CG  
966  C CD  . LYS D 11 ? 0.5045 0.6684 0.6077 -0.0453 0.0312  0.0512  11 LYS D CD  
967  C CE  . LYS D 11 ? 0.5417 0.7601 0.6437 -0.0458 0.0375  0.0520  11 LYS D CE  
968  N NZ  . LYS D 11 ? 0.5500 0.8000 0.6715 -0.0737 0.0461  0.0491  11 LYS D NZ  
982  N N   . HAO D 12 ? 0.2294 0.2964 0.4061 -0.0032 0.0057  0.0324  12 HAO D N   
983  N N9  . HAO D 12 ? 0.2358 0.2802 0.4173 0.0017  -0.0007 0.0311  12 HAO D N9  
984  C C10 . HAO D 12 ? 0.2243 0.2537 0.4374 0.0001  0.0083  0.0273  12 HAO D C10 
985  O O11 . HAO D 12 ? 0.2082 0.2401 0.4425 -0.0064 0.0261  0.0276  12 HAO D O11 
986  C CA  . HAO D 12 ? 0.2442 0.2505 0.4579 0.0130  -0.0047 0.0225  12 HAO D CA  
987  C C13 . HAO D 12 ? 0.2514 0.2448 0.4891 0.0130  0.0077  0.0198  12 HAO D C13 
988  C C14 . HAO D 12 ? 0.2730 0.2662 0.4565 0.0311  -0.0282 0.0201  12 HAO D C14 
989  C C15 . HAO D 12 ? 0.3241 0.3066 0.4337 0.0635  -0.0589 0.0212  12 HAO D C15 
990  O O15 . HAO D 12 ? 0.2774 0.2825 0.4303 0.0372  -0.0372 0.0233  12 HAO D O15 
991  C C17 . HAO D 12 ? 0.3069 0.2703 0.4837 0.0499  -0.0430 0.0132  12 HAO D C17 
992  C C18 . HAO D 12 ? 0.2998 0.2552 0.5063 0.0490  -0.0332 0.0086  12 HAO D C18 
993  C C19 . HAO D 12 ? 0.2670 0.2386 0.5040 0.0302  -0.0059 0.0127  12 HAO D C19 
994  N N20 . HAO D 12 ? 0.2616 0.2251 0.5238 0.0337  0.0102  0.0090  12 HAO D N20 
995  C C21 . HAO D 12 ? 0.2737 0.2418 0.5844 0.0570  -0.0005 -0.0078 12 HAO D C21 
996  O O22 . HAO D 12 ? 0.2733 0.2504 0.6103 0.0783  -0.0308 -0.0242 12 HAO D O22 
997  C C   . HAO D 12 ? 0.2960 0.2608 0.6292 0.0606  0.0268  -0.0085 12 HAO D C   
1003 O OXT . HAO D 12 ? 0.3091 0.2517 0.5987 0.0477  0.0507  0.0053  12 HAO D OXT 
1008 N N   . LYS D 13 ? 0.3001 0.2919 0.7085 0.0816  0.0222  -0.0280 13 LYS D N   
1009 C CA  . LYS D 13 ? 0.3503 0.3459 0.7759 0.0875  0.0510  -0.0290 13 LYS D CA  
1010 C C   . LYS D 13 ? 0.4325 0.4782 0.9395 0.0761  0.0615  -0.0406 13 LYS D C   
1011 O O   . LYS D 13 ? 0.3779 0.4487 0.9257 0.0829  0.0315  -0.0608 13 LYS D O   
1012 C CB  . LYS D 13 ? 0.3695 0.3354 0.7591 0.1176  0.0315  -0.0386 13 LYS D CB  
1013 C CG  . LYS D 13 ? 0.3859 0.3468 0.7750 0.1306  0.0616  -0.0385 13 LYS D CG  
1014 C CD  . LYS D 13 ? 0.4380 0.3432 0.7596 0.1612  0.0406  -0.0434 13 LYS D CD  
1015 C CE  . LYS D 13 ? 0.4734 0.3839 0.8006 0.1846  0.0631  -0.0501 13 LYS D CE  
1016 N NZ  . LYS D 13 ? 0.5432 0.3902 0.7955 0.2186  0.0403  -0.0562 13 LYS D NZ  
# 
loop_
_pdbx_poly_seq_scheme.asym_id 
_pdbx_poly_seq_scheme.entity_id 
_pdbx_poly_seq_scheme.seq_id 
_pdbx_poly_seq_scheme.mon_id 
_pdbx_poly_seq_scheme.ndb_seq_num 
_pdbx_poly_seq_scheme.pdb_seq_num 
_pdbx_poly_seq_scheme.auth_seq_num 
_pdbx_poly_seq_scheme.pdb_mon_id 
_pdbx_poly_seq_scheme.auth_mon_id 
_pdbx_poly_seq_scheme.pdb_strand_id 
_pdbx_poly_seq_scheme.pdb_ins_code 
_pdbx_poly_seq_scheme.hetero 
A 1 1  ORN 1  1  1  ORN ORN A . n 
A 1 2  CIR 2  2  2  CIR CIR A . n 
A 1 3  LEU 3  3  3  LEU LEU A . n 
A 1 4  ALA 4  4  4  ALA ALA A . n 
A 1 5  ASN 5  5  5  ASN ASN A . n 
A 1 6  PHE 6  6  6  PHE PHE A . n 
A 1 7  LEU 7  7  7  LEU LEU A . n 
A 1 8  VAL 8  8  8  VAL VAL A . n 
A 1 9  ORN 9  9  9  ORN ORN A . n 
A 1 10 ILE 10 10 10 ILE ILE A . n 
A 1 11 LYS 11 11 11 LYS LYS A . n 
A 1 12 HAO 12 12 12 HAO HAO A . n 
A 1 13 LYS 13 13 13 LYS LYS A . n 
A 1 14 A8E 14 14 14 A8E A8E A . n 
B 1 1  ORN 1  1  1  ORN ORN B . n 
B 1 2  CIR 2  2  2  CIR CIR B . n 
B 1 3  LEU 3  3  3  LEU LEU B . n 
B 1 4  ALA 4  4  4  ALA ALA B . n 
B 1 5  ASN 5  5  5  ASN ASN B . n 
B 1 6  PHE 6  6  6  PHE PHE B . n 
B 1 7  LEU 7  7  7  LEU LEU B . n 
B 1 8  VAL 8  8  8  VAL VAL B . n 
B 1 9  ORN 9  9  9  ORN ORN B . n 
B 1 10 ILE 10 10 10 ILE ILE B . n 
B 1 11 LYS 11 11 11 LYS LYS B . n 
B 1 12 HAO 12 12 12 HAO HAO B . n 
B 1 13 LYS 13 13 13 LYS LYS B . n 
B 1 14 A8E 14 14 14 A8E A8E B . n 
C 1 1  ORN 1  1  1  ORN ORN C . n 
C 1 2  CIR 2  2  2  CIR CIR C . n 
C 1 3  LEU 3  3  3  LEU LEU C . n 
C 1 4  ALA 4  4  4  ALA ALA C . n 
C 1 5  ASN 5  5  5  ASN ASN C . n 
C 1 6  PHE 6  6  6  PHE PHE C . n 
C 1 7  LEU 7  7  7  LEU LEU C . n 
C 1 8  VAL 8  8  8  VAL VAL C . n 
C 1 9  ORN 9  9  9  ORN ORN C . n 
C 1 10 ILE 10 10 10 ILE ILE C . n 
C 1 11 LYS 11 11 11 LYS LYS C . n 
C 1 12 HAO 12 12 12 HAO HAO C . n 
C 1 13 LYS 13 13 13 LYS LYS C . n 
C 1 14 A8E 14 14 14 A8E A8E C . n 
D 1 1  ORN 1  1  1  ORN ORN D . n 
D 1 2  CIR 2  2  2  CIR CIR D . n 
D 1 3  LEU 3  3  3  LEU LEU D . n 
D 1 4  ALA 4  4  4  ALA ALA D . n 
D 1 5  ASN 5  5  5  ASN ASN D . n 
D 1 6  PHE 6  6  6  PHE PHE D . n 
D 1 7  LEU 7  7  7  LEU LEU D . n 
D 1 8  VAL 8  8  8  VAL VAL D . n 
D 1 9  ORN 9  9  9  ORN ORN D . n 
D 1 10 ILE 10 10 10 ILE ILE D . n 
D 1 11 LYS 11 11 11 LYS LYS D . n 
D 1 12 HAO 12 12 12 HAO HAO D . n 
D 1 13 LYS 13 13 13 LYS LYS D . n 
D 1 14 A8E 14 14 14 A8E A8E D . n 
# 
loop_
_pdbx_nonpoly_scheme.asym_id 
_pdbx_nonpoly_scheme.entity_id 
_pdbx_nonpoly_scheme.mon_id 
_pdbx_nonpoly_scheme.ndb_seq_num 
_pdbx_nonpoly_scheme.pdb_seq_num 
_pdbx_nonpoly_scheme.auth_seq_num 
_pdbx_nonpoly_scheme.pdb_mon_id 
_pdbx_nonpoly_scheme.auth_mon_id 
_pdbx_nonpoly_scheme.pdb_strand_id 
_pdbx_nonpoly_scheme.pdb_ins_code 
E 2 CL  1  101 1  CL  CL  B . 
F 3 HOH 1  101 22 HOH HOH A . 
F 3 HOH 2  102 14 HOH HOH A . 
F 3 HOH 3  103 35 HOH HOH A . 
F 3 HOH 4  104 9  HOH HOH A . 
F 3 HOH 5  105 1  HOH HOH A . 
F 3 HOH 6  106 4  HOH HOH A . 
F 3 HOH 7  107 33 HOH HOH A . 
F 3 HOH 8  108 2  HOH HOH A . 
F 3 HOH 9  109 40 HOH HOH A . 
F 3 HOH 10 110 18 HOH HOH A . 
F 3 HOH 11 111 8  HOH HOH A . 
F 3 HOH 12 112 27 HOH HOH A . 
F 3 HOH 13 113 37 HOH HOH A . 
G 3 HOH 1  201 3  HOH HOH B . 
G 3 HOH 2  202 28 HOH HOH B . 
G 3 HOH 3  203 11 HOH HOH B . 
G 3 HOH 4  204 20 HOH HOH B . 
G 3 HOH 5  205 21 HOH HOH B . 
G 3 HOH 6  206 12 HOH HOH B . 
G 3 HOH 7  207 44 HOH HOH B . 
G 3 HOH 8  208 10 HOH HOH B . 
G 3 HOH 9  209 19 HOH HOH B . 
G 3 HOH 10 210 43 HOH HOH B . 
G 3 HOH 11 211 16 HOH HOH B . 
H 3 HOH 1  101 7  HOH HOH C . 
H 3 HOH 2  102 29 HOH HOH C . 
H 3 HOH 3  103 39 HOH HOH C . 
H 3 HOH 4  104 45 HOH HOH C . 
H 3 HOH 5  105 5  HOH HOH C . 
H 3 HOH 6  106 17 HOH HOH C . 
H 3 HOH 7  107 23 HOH HOH C . 
H 3 HOH 8  108 38 HOH HOH C . 
I 3 HOH 1  101 36 HOH HOH D . 
I 3 HOH 2  102 24 HOH HOH D . 
I 3 HOH 3  103 6  HOH HOH D . 
I 3 HOH 4  104 42 HOH HOH D . 
I 3 HOH 5  105 34 HOH HOH D . 
I 3 HOH 6  106 26 HOH HOH D . 
I 3 HOH 7  107 41 HOH HOH D . 
# 
_pdbx_struct_assembly.id                   1 
_pdbx_struct_assembly.details              author_defined_assembly 
_pdbx_struct_assembly.method_details       ? 
_pdbx_struct_assembly.oligomeric_details   tetrameric 
_pdbx_struct_assembly.oligomeric_count     4 
# 
_pdbx_struct_assembly_gen.assembly_id       1 
_pdbx_struct_assembly_gen.oper_expression   1 
_pdbx_struct_assembly_gen.asym_id_list      A,B,C,D,E,F,G,H,I 
# 
_pdbx_struct_oper_list.id                   1 
_pdbx_struct_oper_list.type                 'identity operation' 
_pdbx_struct_oper_list.name                 1_555 
_pdbx_struct_oper_list.symmetry_operation   x,y,z 
_pdbx_struct_oper_list.matrix[1][1]         1.0000000000 
_pdbx_struct_oper_list.matrix[1][2]         0.0000000000 
_pdbx_struct_oper_list.matrix[1][3]         0.0000000000 
_pdbx_struct_oper_list.vector[1]            0.0000000000 
_pdbx_struct_oper_list.matrix[2][1]         0.0000000000 
_pdbx_struct_oper_list.matrix[2][2]         1.0000000000 
_pdbx_struct_oper_list.matrix[2][3]         0.0000000000 
_pdbx_struct_oper_list.vector[2]            0.0000000000 
_pdbx_struct_oper_list.matrix[3][1]         0.0000000000 
_pdbx_struct_oper_list.matrix[3][2]         0.0000000000 
_pdbx_struct_oper_list.matrix[3][3]         1.0000000000 
_pdbx_struct_oper_list.vector[3]            0.0000000000 
# 
_pdbx_struct_special_symmetry.id              1 
_pdbx_struct_special_symmetry.PDB_model_num   1 
_pdbx_struct_special_symmetry.auth_asym_id    B 
_pdbx_struct_special_symmetry.auth_comp_id    HOH 
_pdbx_struct_special_symmetry.auth_seq_id     210 
_pdbx_struct_special_symmetry.PDB_ins_code    ? 
_pdbx_struct_special_symmetry.label_asym_id   G 
_pdbx_struct_special_symmetry.label_comp_id   HOH 
_pdbx_struct_special_symmetry.label_seq_id    . 
# 
loop_
_pdbx_audit_revision_history.ordinal 
_pdbx_audit_revision_history.data_content_type 
_pdbx_audit_revision_history.major_revision 
_pdbx_audit_revision_history.minor_revision 
_pdbx_audit_revision_history.revision_date 
1 'Structure model' 1 0 2017-07-12 
2 'Structure model' 1 1 2017-08-16 
3 'Structure model' 1 2 2017-09-27 
4 'Structure model' 2 0 2023-11-15 
# 
_pdbx_audit_revision_details.ordinal             1 
_pdbx_audit_revision_details.revision_ordinal    1 
_pdbx_audit_revision_details.data_content_type   'Structure model' 
_pdbx_audit_revision_details.provider            repository 
_pdbx_audit_revision_details.type                'Initial release' 
_pdbx_audit_revision_details.description         ? 
_pdbx_audit_revision_details.details             ? 
# 
loop_
_pdbx_audit_revision_group.ordinal 
_pdbx_audit_revision_group.revision_ordinal 
_pdbx_audit_revision_group.data_content_type 
_pdbx_audit_revision_group.group 
1 2 'Structure model' 'Database references'        
2 3 'Structure model' 'Author supporting evidence' 
3 3 'Structure model' 'Data collection'            
4 4 'Structure model' 'Atomic model'               
5 4 'Structure model' 'Data collection'            
6 4 'Structure model' 'Database references'        
7 4 'Structure model' 'Derived calculations'       
# 
loop_
_pdbx_audit_revision_category.ordinal 
_pdbx_audit_revision_category.revision_ordinal 
_pdbx_audit_revision_category.data_content_type 
_pdbx_audit_revision_category.category 
1  2 'Structure model' citation                       
2  3 'Structure model' diffrn_detector                
3  3 'Structure model' pdbx_audit_support             
4  4 'Structure model' atom_site                      
5  4 'Structure model' atom_site_anisotrop            
6  4 'Structure model' chem_comp_atom                 
7  4 'Structure model' chem_comp_bond                 
8  4 'Structure model' database_2                     
9  4 'Structure model' pdbx_validate_main_chain_plane 
10 4 'Structure model' pdbx_validate_peptide_omega    
11 4 'Structure model' pdbx_validate_rmsd_angle       
12 4 'Structure model' struct_conn                    
# 
loop_
_pdbx_audit_revision_item.ordinal 
_pdbx_audit_revision_item.revision_ordinal 
_pdbx_audit_revision_item.data_content_type 
_pdbx_audit_revision_item.item 
1  2 'Structure model' '_citation.journal_volume'                
2  2 'Structure model' '_citation.page_first'                    
3  2 'Structure model' '_citation.page_last'                     
4  3 'Structure model' '_diffrn_detector.detector'               
5  4 'Structure model' '_atom_site.B_iso_or_equiv'               
6  4 'Structure model' '_atom_site.Cartn_x'                      
7  4 'Structure model' '_atom_site.Cartn_y'                      
8  4 'Structure model' '_atom_site.Cartn_z'                      
9  4 'Structure model' '_atom_site.auth_atom_id'                 
10 4 'Structure model' '_atom_site.label_atom_id'                
11 4 'Structure model' '_atom_site.type_symbol'                  
12 4 'Structure model' '_atom_site_anisotrop.id'                 
13 4 'Structure model' '_atom_site_anisotrop.pdbx_auth_atom_id'  
14 4 'Structure model' '_atom_site_anisotrop.pdbx_label_atom_id' 
15 4 'Structure model' '_database_2.pdbx_DOI'                    
16 4 'Structure model' '_database_2.pdbx_database_accession'     
17 4 'Structure model' '_struct_conn.pdbx_dist_value'            
18 4 'Structure model' '_struct_conn.pdbx_leaving_atom_flag'     
19 4 'Structure model' '_struct_conn.ptnr1_label_atom_id'        
20 4 'Structure model' '_struct_conn.ptnr2_auth_comp_id'         
21 4 'Structure model' '_struct_conn.ptnr2_auth_seq_id'          
22 4 'Structure model' '_struct_conn.ptnr2_label_atom_id'        
23 4 'Structure model' '_struct_conn.ptnr2_label_comp_id'        
24 4 'Structure model' '_struct_conn.ptnr2_label_seq_id'         
# 
loop_
_pdbx_refine_tls.pdbx_refine_id 
_pdbx_refine_tls.id 
_pdbx_refine_tls.details 
_pdbx_refine_tls.method 
_pdbx_refine_tls.origin_x 
_pdbx_refine_tls.origin_y 
_pdbx_refine_tls.origin_z 
_pdbx_refine_tls.T[1][1] 
_pdbx_refine_tls.T[2][2] 
_pdbx_refine_tls.T[3][3] 
_pdbx_refine_tls.T[1][2] 
_pdbx_refine_tls.T[1][3] 
_pdbx_refine_tls.T[2][3] 
_pdbx_refine_tls.L[1][1] 
_pdbx_refine_tls.L[2][2] 
_pdbx_refine_tls.L[3][3] 
_pdbx_refine_tls.L[1][2] 
_pdbx_refine_tls.L[1][3] 
_pdbx_refine_tls.L[2][3] 
_pdbx_refine_tls.S[1][1] 
_pdbx_refine_tls.S[1][2] 
_pdbx_refine_tls.S[1][3] 
_pdbx_refine_tls.S[2][1] 
_pdbx_refine_tls.S[2][2] 
_pdbx_refine_tls.S[2][3] 
_pdbx_refine_tls.S[3][1] 
_pdbx_refine_tls.S[3][2] 
_pdbx_refine_tls.S[3][3] 
'X-RAY DIFFRACTION' 1 ? refined -0.1402 -6.6485 -0.4081 0.2891 0.2574 0.1762 -0.0015 -0.0516 -0.0422 3.8168 1.7835 7.2274 -1.5875 1.6676  -3.3802 -0.0337 0.5691  -0.2541 -0.1432 0.1322  -0.0429 0.8305  0.5583  -0.2785 
'X-RAY DIFFRACTION' 2 ? refined -6.9743 0.1516  1.4109  0.1353 0.2230 0.1984 -0.0029 -0.0059 0.0248  2.7744 2.6956 7.2882 -1.3995 -2.1459 -2.2250 0.1216  -0.1211 0.6166  -0.0086 0.3448  0.0407  -0.5128 -0.2984 -0.4369 
'X-RAY DIFFRACTION' 3 ? refined 4.5296  2.1105  4.3924  0.2017 0.3136 0.4640 -0.0648 0.0418  -0.1666 1.3652 7.4675 8.4433 -3.0191 -0.4324 -0.5195 0.1530  -0.8793 0.9281  0.1512  0.6078  -0.8705 -0.6040 0.5909  -0.0752 
'X-RAY DIFFRACTION' 4 ? refined 2.3012  4.5457  -4.6759 0.1518 0.1873 0.3765 -0.0126 0.0399  0.0315  3.0969 8.6856 6.6108 -4.2756 0.5653  2.0847  0.0917  0.1682  -0.1974 0.1099  -0.2155 1.0072  -0.2682 0.2151  0.0745 
# 
loop_
_pdbx_refine_tls_group.pdbx_refine_id 
_pdbx_refine_tls_group.id 
_pdbx_refine_tls_group.refine_tls_id 
_pdbx_refine_tls_group.beg_auth_asym_id 
_pdbx_refine_tls_group.beg_auth_seq_id 
_pdbx_refine_tls_group.beg_label_asym_id 
_pdbx_refine_tls_group.beg_label_seq_id 
_pdbx_refine_tls_group.end_auth_asym_id 
_pdbx_refine_tls_group.end_auth_seq_id 
_pdbx_refine_tls_group.end_label_asym_id 
_pdbx_refine_tls_group.end_label_seq_id 
_pdbx_refine_tls_group.selection 
_pdbx_refine_tls_group.selection_details 
'X-RAY DIFFRACTION' 1 1 ? ? ? ? ? ? ? ? ? 
;chain 'A' and (resid 4 through 14 )
;
'X-RAY DIFFRACTION' 2 2 ? ? ? ? ? ? ? ? ? 
;chain 'B' and (resid 4 through 14 )
;
'X-RAY DIFFRACTION' 3 3 ? ? ? ? ? ? ? ? ? 
;chain 'C' and (resid 4 through 14 )
;
'X-RAY DIFFRACTION' 4 4 ? ? ? ? ? ? ? ? ? 
;chain 'D' and (resid 4 through 14 )
;
# 
loop_
_software.citation_id 
_software.classification 
_software.compiler_name 
_software.compiler_version 
_software.contact_author 
_software.contact_author_email 
_software.date 
_software.description 
_software.dependencies 
_software.hardware 
_software.language 
_software.location 
_software.mods 
_software.name 
_software.os 
_software.os_version 
_software.type 
_software.version 
_software.pdbx_ordinal 
? refinement       ? ? ? ? ? ? ? ? ? ? ? PHENIX  ? ? ? 1.10.1_2155 1 
? 'data reduction' ? ? ? ? ? ? ? ? ? ? ? XDS     ? ? ? .           2 
? 'data scaling'   ? ? ? ? ? ? ? ? ? ? ? Aimless ? ? ? .           3 
? phasing          ? ? ? ? ? ? ? ? ? ? ? PHASER  ? ? ? .           4 
# 
loop_
_pdbx_validate_close_contact.id 
_pdbx_validate_close_contact.PDB_model_num 
_pdbx_validate_close_contact.auth_atom_id_1 
_pdbx_validate_close_contact.auth_asym_id_1 
_pdbx_validate_close_contact.auth_comp_id_1 
_pdbx_validate_close_contact.auth_seq_id_1 
_pdbx_validate_close_contact.PDB_ins_code_1 
_pdbx_validate_close_contact.label_alt_id_1 
_pdbx_validate_close_contact.auth_atom_id_2 
_pdbx_validate_close_contact.auth_asym_id_2 
_pdbx_validate_close_contact.auth_comp_id_2 
_pdbx_validate_close_contact.auth_seq_id_2 
_pdbx_validate_close_contact.PDB_ins_code_2 
_pdbx_validate_close_contact.label_alt_id_2 
_pdbx_validate_close_contact.dist 
1 1 H C ORN 9   ? ? O C HOH 102 ? ? 1.41 
2 1 O A HOH 105 ? ? O A HOH 110 ? ? 2.00 
# 
loop_
_pdbx_validate_rmsd_angle.id 
_pdbx_validate_rmsd_angle.PDB_model_num 
_pdbx_validate_rmsd_angle.auth_atom_id_1 
_pdbx_validate_rmsd_angle.auth_asym_id_1 
_pdbx_validate_rmsd_angle.auth_comp_id_1 
_pdbx_validate_rmsd_angle.auth_seq_id_1 
_pdbx_validate_rmsd_angle.PDB_ins_code_1 
_pdbx_validate_rmsd_angle.label_alt_id_1 
_pdbx_validate_rmsd_angle.auth_atom_id_2 
_pdbx_validate_rmsd_angle.auth_asym_id_2 
_pdbx_validate_rmsd_angle.auth_comp_id_2 
_pdbx_validate_rmsd_angle.auth_seq_id_2 
_pdbx_validate_rmsd_angle.PDB_ins_code_2 
_pdbx_validate_rmsd_angle.label_alt_id_2 
_pdbx_validate_rmsd_angle.auth_atom_id_3 
_pdbx_validate_rmsd_angle.auth_asym_id_3 
_pdbx_validate_rmsd_angle.auth_comp_id_3 
_pdbx_validate_rmsd_angle.auth_seq_id_3 
_pdbx_validate_rmsd_angle.PDB_ins_code_3 
_pdbx_validate_rmsd_angle.label_alt_id_3 
_pdbx_validate_rmsd_angle.angle_value 
_pdbx_validate_rmsd_angle.angle_target_value 
_pdbx_validate_rmsd_angle.angle_deviation 
_pdbx_validate_rmsd_angle.angle_standard_deviation 
_pdbx_validate_rmsd_angle.linker_flag 
1 1 CA A HAO 12 ? ? C A HAO 12 ? ? N A LYS 13 ? ? 140.31 117.20 23.11 2.20 Y 
2 1 CA B HAO 12 ? ? C B HAO 12 ? ? N B LYS 13 ? ? 142.39 117.20 25.19 2.20 Y 
3 1 CA C HAO 12 ? ? C C HAO 12 ? ? N C LYS 13 ? ? 139.62 117.20 22.42 2.20 Y 
4 1 CA D HAO 12 ? ? C D HAO 12 ? ? N D LYS 13 ? ? 138.59 117.20 21.39 2.20 Y 
# 
_pdbx_validate_peptide_omega.id               1 
_pdbx_validate_peptide_omega.PDB_model_num    1 
_pdbx_validate_peptide_omega.auth_comp_id_1   HAO 
_pdbx_validate_peptide_omega.auth_asym_id_1   C 
_pdbx_validate_peptide_omega.auth_seq_id_1    12 
_pdbx_validate_peptide_omega.PDB_ins_code_1   ? 
_pdbx_validate_peptide_omega.label_alt_id_1   ? 
_pdbx_validate_peptide_omega.auth_comp_id_2   LYS 
_pdbx_validate_peptide_omega.auth_asym_id_2   C 
_pdbx_validate_peptide_omega.auth_seq_id_2    13 
_pdbx_validate_peptide_omega.PDB_ins_code_2   ? 
_pdbx_validate_peptide_omega.label_alt_id_2   ? 
_pdbx_validate_peptide_omega.omega            146.06 
# 
loop_
_pdbx_validate_main_chain_plane.id 
_pdbx_validate_main_chain_plane.PDB_model_num 
_pdbx_validate_main_chain_plane.auth_comp_id 
_pdbx_validate_main_chain_plane.auth_asym_id 
_pdbx_validate_main_chain_plane.auth_seq_id 
_pdbx_validate_main_chain_plane.PDB_ins_code 
_pdbx_validate_main_chain_plane.label_alt_id 
_pdbx_validate_main_chain_plane.improper_torsion_angle 
1 1 CIR C 2 ? ? 14.83 
2 1 CIR D 2 ? ? 10.74 
# 
loop_
_chem_comp_atom.comp_id 
_chem_comp_atom.atom_id 
_chem_comp_atom.type_symbol 
_chem_comp_atom.pdbx_aromatic_flag 
_chem_comp_atom.pdbx_stereo_config 
_chem_comp_atom.pdbx_ordinal 
A8E O    O  N N 1   
A8E C    C  N N 2   
A8E N    N  N N 3   
A8E OXT  O  N N 4   
A8E BR   BR N N 5   
A8E CA   C  N S 6   
A8E CB   C  N N 7   
A8E CG   C  N N 8   
A8E CD1  C  N N 9   
A8E H    H  N N 10  
A8E H2   H  N N 11  
A8E HXT  H  N N 12  
A8E HA   H  N N 13  
A8E HB   H  N N 14  
A8E HBA  H  N N 15  
A8E HD1  H  N N 16  
A8E HD1A H  N N 17  
ALA N    N  N N 18  
ALA CA   C  N S 19  
ALA C    C  N N 20  
ALA O    O  N N 21  
ALA CB   C  N N 22  
ALA OXT  O  N N 23  
ALA H    H  N N 24  
ALA H2   H  N N 25  
ALA HA   H  N N 26  
ALA HB1  H  N N 27  
ALA HB2  H  N N 28  
ALA HB3  H  N N 29  
ALA HXT  H  N N 30  
ASN N    N  N N 31  
ASN CA   C  N S 32  
ASN C    C  N N 33  
ASN O    O  N N 34  
ASN CB   C  N N 35  
ASN CG   C  N N 36  
ASN OD1  O  N N 37  
ASN ND2  N  N N 38  
ASN OXT  O  N N 39  
ASN H    H  N N 40  
ASN H2   H  N N 41  
ASN HA   H  N N 42  
ASN HB2  H  N N 43  
ASN HB3  H  N N 44  
ASN HD21 H  N N 45  
ASN HD22 H  N N 46  
ASN HXT  H  N N 47  
CIR C    C  N N 48  
CIR O    O  N N 49  
CIR OXT  O  N N 50  
CIR CA   C  N S 51  
CIR N    N  N N 52  
CIR C3   C  N N 53  
CIR C4   C  N N 54  
CIR C5   C  N N 55  
CIR N6   N  N N 56  
CIR C7   C  N N 57  
CIR O7   O  N N 58  
CIR N8   N  N N 59  
CIR HXT  H  N N 60  
CIR HA   H  N N 61  
CIR H2   H  N N 62  
CIR H    H  N N 63  
CIR H31  H  N N 64  
CIR H32  H  N N 65  
CIR H41  H  N N 66  
CIR H42  H  N N 67  
CIR H51  H  N N 68  
CIR H52  H  N N 69  
CIR HN6  H  N N 70  
CIR HN81 H  N N 71  
CIR HN82 H  N N 72  
CL  CL   CL N N 73  
HAO N    N  N N 74  
HAO N9   N  N N 75  
HAO C10  C  N N 76  
HAO O11  O  N N 77  
HAO CA   C  Y N 78  
HAO C13  C  Y N 79  
HAO C14  C  Y N 80  
HAO C15  C  N N 81  
HAO O15  O  N N 82  
HAO C17  C  Y N 83  
HAO C18  C  Y N 84  
HAO C19  C  Y N 85  
HAO N20  N  N N 86  
HAO C21  C  N N 87  
HAO O22  O  N N 88  
HAO C    C  N N 89  
HAO O    O  N N 90  
HAO H    H  N N 91  
HAO H13  H  N N 92  
HAO H15  H  N N 93  
HAO H15A H  N N 94  
HAO H15B H  N N 95  
HAO H17  H  N N 96  
HAO H18  H  N N 97  
HAO HN20 H  N N 98  
HAO OXT  O  N N 99  
HAO H2   H  N N 100 
HAO H10  H  N N 101 
HAO HXT  H  N N 102 
HOH O    O  N N 103 
HOH H1   H  N N 104 
HOH H2   H  N N 105 
ILE N    N  N N 106 
ILE CA   C  N S 107 
ILE C    C  N N 108 
ILE O    O  N N 109 
ILE CB   C  N S 110 
ILE CG1  C  N N 111 
ILE CG2  C  N N 112 
ILE CD1  C  N N 113 
ILE OXT  O  N N 114 
ILE H    H  N N 115 
ILE H2   H  N N 116 
ILE HA   H  N N 117 
ILE HB   H  N N 118 
ILE HG12 H  N N 119 
ILE HG13 H  N N 120 
ILE HG21 H  N N 121 
ILE HG22 H  N N 122 
ILE HG23 H  N N 123 
ILE HD11 H  N N 124 
ILE HD12 H  N N 125 
ILE HD13 H  N N 126 
ILE HXT  H  N N 127 
LEU N    N  N N 128 
LEU CA   C  N S 129 
LEU C    C  N N 130 
LEU O    O  N N 131 
LEU CB   C  N N 132 
LEU CG   C  N N 133 
LEU CD1  C  N N 134 
LEU CD2  C  N N 135 
LEU OXT  O  N N 136 
LEU H    H  N N 137 
LEU H2   H  N N 138 
LEU HA   H  N N 139 
LEU HB2  H  N N 140 
LEU HB3  H  N N 141 
LEU HG   H  N N 142 
LEU HD11 H  N N 143 
LEU HD12 H  N N 144 
LEU HD13 H  N N 145 
LEU HD21 H  N N 146 
LEU HD22 H  N N 147 
LEU HD23 H  N N 148 
LEU HXT  H  N N 149 
LYS N    N  N N 150 
LYS CA   C  N S 151 
LYS C    C  N N 152 
LYS O    O  N N 153 
LYS CB   C  N N 154 
LYS CG   C  N N 155 
LYS CD   C  N N 156 
LYS CE   C  N N 157 
LYS NZ   N  N N 158 
LYS OXT  O  N N 159 
LYS H    H  N N 160 
LYS H2   H  N N 161 
LYS HA   H  N N 162 
LYS HB2  H  N N 163 
LYS HB3  H  N N 164 
LYS HG2  H  N N 165 
LYS HG3  H  N N 166 
LYS HD2  H  N N 167 
LYS HD3  H  N N 168 
LYS HE2  H  N N 169 
LYS HE3  H  N N 170 
LYS HZ1  H  N N 171 
LYS HZ2  H  N N 172 
LYS HZ3  H  N N 173 
LYS HXT  H  N N 174 
ORN N    N  N N 175 
ORN CA   C  N S 176 
ORN CB   C  N N 177 
ORN CG   C  N N 178 
ORN CD   C  N N 179 
ORN NE   N  N N 180 
ORN C    C  N N 181 
ORN O    O  N N 182 
ORN OXT  O  N N 183 
ORN H    H  N N 184 
ORN H2   H  N N 185 
ORN HA   H  N N 186 
ORN HB2  H  N N 187 
ORN HB3  H  N N 188 
ORN HG2  H  N N 189 
ORN HG3  H  N N 190 
ORN HD2  H  N N 191 
ORN HD3  H  N N 192 
ORN HE1  H  N N 193 
ORN HE2  H  N N 194 
ORN HXT  H  N N 195 
PHE N    N  N N 196 
PHE CA   C  N S 197 
PHE C    C  N N 198 
PHE O    O  N N 199 
PHE CB   C  N N 200 
PHE CG   C  Y N 201 
PHE CD1  C  Y N 202 
PHE CD2  C  Y N 203 
PHE CE1  C  Y N 204 
PHE CE2  C  Y N 205 
PHE CZ   C  Y N 206 
PHE OXT  O  N N 207 
PHE H    H  N N 208 
PHE H2   H  N N 209 
PHE HA   H  N N 210 
PHE HB2  H  N N 211 
PHE HB3  H  N N 212 
PHE HD1  H  N N 213 
PHE HD2  H  N N 214 
PHE HE1  H  N N 215 
PHE HE2  H  N N 216 
PHE HZ   H  N N 217 
PHE HXT  H  N N 218 
VAL N    N  N N 219 
VAL CA   C  N S 220 
VAL C    C  N N 221 
VAL O    O  N N 222 
VAL CB   C  N N 223 
VAL CG1  C  N N 224 
VAL CG2  C  N N 225 
VAL OXT  O  N N 226 
VAL H    H  N N 227 
VAL H2   H  N N 228 
VAL HA   H  N N 229 
VAL HB   H  N N 230 
VAL HG11 H  N N 231 
VAL HG12 H  N N 232 
VAL HG13 H  N N 233 
VAL HG21 H  N N 234 
VAL HG22 H  N N 235 
VAL HG23 H  N N 236 
VAL HXT  H  N N 237 
# 
loop_
_chem_comp_bond.comp_id 
_chem_comp_bond.atom_id_1 
_chem_comp_bond.atom_id_2 
_chem_comp_bond.value_order 
_chem_comp_bond.pdbx_aromatic_flag 
_chem_comp_bond.pdbx_stereo_config 
_chem_comp_bond.pdbx_ordinal 
A8E OXT C    sing N N 1   
A8E CA  C    sing N N 2   
A8E C   O    doub N N 3   
A8E N   CA   sing N N 4   
A8E N   H    sing N N 5   
A8E N   H2   sing N N 6   
A8E OXT HXT  sing N N 7   
A8E CG  BR   sing N N 8   
A8E CA  CB   sing N N 9   
A8E CA  HA   sing N N 10  
A8E CG  CB   sing N N 11  
A8E CB  HB   sing N N 12  
A8E CB  HBA  sing N N 13  
A8E CD1 CG   doub N N 14  
A8E CD1 HD1  sing N N 15  
A8E CD1 HD1A sing N N 16  
ALA N   CA   sing N N 17  
ALA N   H    sing N N 18  
ALA N   H2   sing N N 19  
ALA CA  C    sing N N 20  
ALA CA  CB   sing N N 21  
ALA CA  HA   sing N N 22  
ALA C   O    doub N N 23  
ALA C   OXT  sing N N 24  
ALA CB  HB1  sing N N 25  
ALA CB  HB2  sing N N 26  
ALA CB  HB3  sing N N 27  
ALA OXT HXT  sing N N 28  
ASN N   CA   sing N N 29  
ASN N   H    sing N N 30  
ASN N   H2   sing N N 31  
ASN CA  C    sing N N 32  
ASN CA  CB   sing N N 33  
ASN CA  HA   sing N N 34  
ASN C   O    doub N N 35  
ASN C   OXT  sing N N 36  
ASN CB  CG   sing N N 37  
ASN CB  HB2  sing N N 38  
ASN CB  HB3  sing N N 39  
ASN CG  OD1  doub N N 40  
ASN CG  ND2  sing N N 41  
ASN ND2 HD21 sing N N 42  
ASN ND2 HD22 sing N N 43  
ASN OXT HXT  sing N N 44  
CIR C   O    doub N N 45  
CIR C   OXT  sing N N 46  
CIR C   CA   sing N N 47  
CIR OXT HXT  sing N N 48  
CIR CA  N    sing N N 49  
CIR CA  C3   sing N N 50  
CIR CA  HA   sing N N 51  
CIR N   H2   sing N N 52  
CIR N   H    sing N N 53  
CIR C3  C4   sing N N 54  
CIR C3  H31  sing N N 55  
CIR C3  H32  sing N N 56  
CIR C4  C5   sing N N 57  
CIR C4  H41  sing N N 58  
CIR C4  H42  sing N N 59  
CIR C5  N6   sing N N 60  
CIR C5  H51  sing N N 61  
CIR C5  H52  sing N N 62  
CIR N6  C7   sing N N 63  
CIR N6  HN6  sing N N 64  
CIR C7  O7   doub N N 65  
CIR C7  N8   sing N N 66  
CIR N8  HN81 sing N N 67  
CIR N8  HN82 sing N N 68  
HAO N   N9   sing N N 69  
HAO N   H    sing N N 70  
HAO C10 N9   sing N N 71  
HAO C10 CA   sing N N 72  
HAO O11 C10  doub N N 73  
HAO CA  C14  sing Y N 74  
HAO C13 CA   doub Y N 75  
HAO C13 C19  sing Y N 76  
HAO C13 H13  sing N N 77  
HAO C14 C17  doub Y N 78  
HAO C14 O15  sing N N 79  
HAO C15 H15  sing N N 80  
HAO C15 H15A sing N N 81  
HAO C15 H15B sing N N 82  
HAO O15 C15  sing N N 83  
HAO C17 H17  sing N N 84  
HAO C18 C17  sing Y N 85  
HAO C18 H18  sing N N 86  
HAO C19 C18  doub Y N 87  
HAO N20 C19  sing N N 88  
HAO N20 HN20 sing N N 89  
HAO C21 N20  sing N N 90  
HAO C21 O22  doub N N 91  
HAO C   C21  sing N N 92  
HAO C   OXT  sing N N 93  
HAO O   C    doub N N 94  
HAO N   H2   sing N N 95  
HAO N9  H10  sing N N 96  
HAO OXT HXT  sing N N 97  
HOH O   H1   sing N N 98  
HOH O   H2   sing N N 99  
ILE N   CA   sing N N 100 
ILE N   H    sing N N 101 
ILE N   H2   sing N N 102 
ILE CA  C    sing N N 103 
ILE CA  CB   sing N N 104 
ILE CA  HA   sing N N 105 
ILE C   O    doub N N 106 
ILE C   OXT  sing N N 107 
ILE CB  CG1  sing N N 108 
ILE CB  CG2  sing N N 109 
ILE CB  HB   sing N N 110 
ILE CG1 CD1  sing N N 111 
ILE CG1 HG12 sing N N 112 
ILE CG1 HG13 sing N N 113 
ILE CG2 HG21 sing N N 114 
ILE CG2 HG22 sing N N 115 
ILE CG2 HG23 sing N N 116 
ILE CD1 HD11 sing N N 117 
ILE CD1 HD12 sing N N 118 
ILE CD1 HD13 sing N N 119 
ILE OXT HXT  sing N N 120 
LEU N   CA   sing N N 121 
LEU N   H    sing N N 122 
LEU N   H2   sing N N 123 
LEU CA  C    sing N N 124 
LEU CA  CB   sing N N 125 
LEU CA  HA   sing N N 126 
LEU C   O    doub N N 127 
LEU C   OXT  sing N N 128 
LEU CB  CG   sing N N 129 
LEU CB  HB2  sing N N 130 
LEU CB  HB3  sing N N 131 
LEU CG  CD1  sing N N 132 
LEU CG  CD2  sing N N 133 
LEU CG  HG   sing N N 134 
LEU CD1 HD11 sing N N 135 
LEU CD1 HD12 sing N N 136 
LEU CD1 HD13 sing N N 137 
LEU CD2 HD21 sing N N 138 
LEU CD2 HD22 sing N N 139 
LEU CD2 HD23 sing N N 140 
LEU OXT HXT  sing N N 141 
LYS N   CA   sing N N 142 
LYS N   H    sing N N 143 
LYS N   H2   sing N N 144 
LYS CA  C    sing N N 145 
LYS CA  CB   sing N N 146 
LYS CA  HA   sing N N 147 
LYS C   O    doub N N 148 
LYS C   OXT  sing N N 149 
LYS CB  CG   sing N N 150 
LYS CB  HB2  sing N N 151 
LYS CB  HB3  sing N N 152 
LYS CG  CD   sing N N 153 
LYS CG  HG2  sing N N 154 
LYS CG  HG3  sing N N 155 
LYS CD  CE   sing N N 156 
LYS CD  HD2  sing N N 157 
LYS CD  HD3  sing N N 158 
LYS CE  NZ   sing N N 159 
LYS CE  HE2  sing N N 160 
LYS CE  HE3  sing N N 161 
LYS NZ  HZ1  sing N N 162 
LYS NZ  HZ2  sing N N 163 
LYS NZ  HZ3  sing N N 164 
LYS OXT HXT  sing N N 165 
ORN N   CA   sing N N 166 
ORN N   H    sing N N 167 
ORN N   H2   sing N N 168 
ORN CA  CB   sing N N 169 
ORN CA  C    sing N N 170 
ORN CA  HA   sing N N 171 
ORN CB  CG   sing N N 172 
ORN CB  HB2  sing N N 173 
ORN CB  HB3  sing N N 174 
ORN CG  CD   sing N N 175 
ORN CG  HG2  sing N N 176 
ORN CG  HG3  sing N N 177 
ORN CD  NE   sing N N 178 
ORN CD  HD2  sing N N 179 
ORN CD  HD3  sing N N 180 
ORN NE  HE1  sing N N 181 
ORN NE  HE2  sing N N 182 
ORN C   O    doub N N 183 
ORN C   OXT  sing N N 184 
ORN OXT HXT  sing N N 185 
PHE N   CA   sing N N 186 
PHE N   H    sing N N 187 
PHE N   H2   sing N N 188 
PHE CA  C    sing N N 189 
PHE CA  CB   sing N N 190 
PHE CA  HA   sing N N 191 
PHE C   O    doub N N 192 
PHE C   OXT  sing N N 193 
PHE CB  CG   sing N N 194 
PHE CB  HB2  sing N N 195 
PHE CB  HB3  sing N N 196 
PHE CG  CD1  doub Y N 197 
PHE CG  CD2  sing Y N 198 
PHE CD1 CE1  sing Y N 199 
PHE CD1 HD1  sing N N 200 
PHE CD2 CE2  doub Y N 201 
PHE CD2 HD2  sing N N 202 
PHE CE1 CZ   doub Y N 203 
PHE CE1 HE1  sing N N 204 
PHE CE2 CZ   sing Y N 205 
PHE CE2 HE2  sing N N 206 
PHE CZ  HZ   sing N N 207 
PHE OXT HXT  sing N N 208 
VAL N   CA   sing N N 209 
VAL N   H    sing N N 210 
VAL N   H2   sing N N 211 
VAL CA  C    sing N N 212 
VAL CA  CB   sing N N 213 
VAL CA  HA   sing N N 214 
VAL C   O    doub N N 215 
VAL C   OXT  sing N N 216 
VAL CB  CG1  sing N N 217 
VAL CB  CG2  sing N N 218 
VAL CB  HB   sing N N 219 
VAL CG1 HG11 sing N N 220 
VAL CG1 HG12 sing N N 221 
VAL CG1 HG13 sing N N 222 
VAL CG2 HG21 sing N N 223 
VAL CG2 HG22 sing N N 224 
VAL CG2 HG23 sing N N 225 
VAL OXT HXT  sing N N 226 
# 
loop_
_pdbx_entity_nonpoly.entity_id 
_pdbx_entity_nonpoly.name 
_pdbx_entity_nonpoly.comp_id 
2 'CHLORIDE ION' CL  
3 water          HOH 
# 
